data_1XG8
# 
_entry.id   1XG8 
# 
_audit_conform.dict_name       mmcif_pdbx.dic 
_audit_conform.dict_version    5.386 
_audit_conform.dict_location   http://mmcif.pdb.org/dictionaries/ascii/mmcif_pdbx.dic 
# 
loop_
_database_2.database_id 
_database_2.database_code 
_database_2.pdbx_database_accession 
_database_2.pdbx_DOI 
PDB   1XG8         pdb_00001xg8 10.2210/pdb1xg8/pdb 
RCSB  RCSB030329   ?            ?                   
WWPDB D_1000030329 ?            ?                   
# 
loop_
_pdbx_audit_revision_history.ordinal 
_pdbx_audit_revision_history.data_content_type 
_pdbx_audit_revision_history.major_revision 
_pdbx_audit_revision_history.minor_revision 
_pdbx_audit_revision_history.revision_date 
1 'Structure model' 1 0 2004-11-02 
2 'Structure model' 1 1 2008-04-30 
3 'Structure model' 1 2 2011-07-13 
4 'Structure model' 1 3 2024-02-14 
# 
_pdbx_audit_revision_details.ordinal             1 
_pdbx_audit_revision_details.revision_ordinal    1 
_pdbx_audit_revision_details.data_content_type   'Structure model' 
_pdbx_audit_revision_details.provider            repository 
_pdbx_audit_revision_details.type                'Initial release' 
_pdbx_audit_revision_details.description         ? 
_pdbx_audit_revision_details.details             ? 
# 
loop_
_pdbx_audit_revision_group.ordinal 
_pdbx_audit_revision_group.revision_ordinal 
_pdbx_audit_revision_group.data_content_type 
_pdbx_audit_revision_group.group 
1 2 'Structure model' 'Version format compliance' 
2 3 'Structure model' 'Version format compliance' 
3 4 'Structure model' 'Data collection'           
4 4 'Structure model' 'Database references'       
# 
loop_
_pdbx_audit_revision_category.ordinal 
_pdbx_audit_revision_category.revision_ordinal 
_pdbx_audit_revision_category.data_content_type 
_pdbx_audit_revision_category.category 
1 4 'Structure model' chem_comp_atom     
2 4 'Structure model' chem_comp_bond     
3 4 'Structure model' database_2         
4 4 'Structure model' struct_ref_seq_dif 
# 
loop_
_pdbx_audit_revision_item.ordinal 
_pdbx_audit_revision_item.revision_ordinal 
_pdbx_audit_revision_item.data_content_type 
_pdbx_audit_revision_item.item 
1 4 'Structure model' '_database_2.pdbx_DOI'                
2 4 'Structure model' '_database_2.pdbx_database_accession' 
3 4 'Structure model' '_struct_ref_seq_dif.details'         
# 
_pdbx_database_status.status_code                     REL 
_pdbx_database_status.entry_id                        1XG8 
_pdbx_database_status.recvd_initial_deposition_date   2004-09-16 
_pdbx_database_status.deposit_site                    RCSB 
_pdbx_database_status.process_site                    RCSB 
_pdbx_database_status.SG_entry                        Y 
_pdbx_database_status.status_code_sf                  REL 
_pdbx_database_status.status_code_mr                  ? 
_pdbx_database_status.pdb_format_compatible           Y 
_pdbx_database_status.status_code_cs                  ? 
_pdbx_database_status.status_code_nmr_data            ? 
_pdbx_database_status.methods_development_category    ? 
# 
_pdbx_database_related.db_name        TargetDB 
_pdbx_database_related.db_id          APC23712 
_pdbx_database_related.details        . 
_pdbx_database_related.content_type   unspecified 
# 
loop_
_audit_author.name 
_audit_author.pdbx_ordinal 
'Rotella, F.J.'                                 1 
'Zhang, R.G.'                                   2 
'Kim, Y.'                                       3 
'Quartey, P.'                                   4 
'Collart, F.'                                   5 
'Joachimiak, A.'                                6 
'Midwest Center for Structural Genomics (MCSG)' 7 
# 
_citation.id                        primary 
_citation.title                     'The 2.1A crystal structure of hypothetical protein SA0798 from Staphylococcus aureus' 
_citation.journal_abbrev            'To be Published' 
_citation.journal_volume            ? 
_citation.page_first                ? 
_citation.page_last                 ? 
_citation.year                      ? 
_citation.journal_id_ASTM           ? 
_citation.country                   ? 
_citation.journal_id_ISSN           ? 
_citation.journal_id_CSD            0353 
_citation.book_publisher            ? 
_citation.pdbx_database_id_PubMed   ? 
_citation.pdbx_database_id_DOI      ? 
# 
loop_
_citation_author.citation_id 
_citation_author.name 
_citation_author.ordinal 
_citation_author.identifier_ORCID 
primary 'Rotella, F.J.'  1 ? 
primary 'Zhang, R.G.'    2 ? 
primary 'Kim, Y.'        3 ? 
primary 'Quartey, P.'    4 ? 
primary 'Collart, F.'    5 ? 
primary 'Joachimiak, A.' 6 ? 
# 
loop_
_entity.id 
_entity.type 
_entity.src_method 
_entity.pdbx_description 
_entity.formula_weight 
_entity.pdbx_number_of_molecules 
_entity.pdbx_ec 
_entity.pdbx_mutation 
_entity.pdbx_fragment 
_entity.details 
1 polymer man 'hypothetical protein SA0798' 13038.609 1  ? ? ? ? 
2 water   nat water                         18.015    41 ? ? ? ? 
# 
_entity_poly.entity_id                      1 
_entity_poly.type                           'polypeptide(L)' 
_entity_poly.nstd_linkage                   no 
_entity_poly.nstd_monomer                   no 
_entity_poly.pdbx_seq_one_letter_code       
;ANLYFQSNAVVVYGADVICASCVNAPTSKDIYDWLQPLLKRKYPNISFKYTYIDITKDNDNLTDHDLQFIERIEQDELFY
PLITMNDEYVADGYIQTKQITRFIDQKLVNE
;
_entity_poly.pdbx_seq_one_letter_code_can   
;ANLYFQSNAVVVYGADVICASCVNAPTSKDIYDWLQPLLKRKYPNISFKYTYIDITKDNDNLTDHDLQFIERIEQDELFY
PLITMNDEYVADGYIQTKQITRFIDQKLVNE
;
_entity_poly.pdbx_strand_id                 A 
_entity_poly.pdbx_target_identifier         APC23712 
# 
_pdbx_entity_nonpoly.entity_id   2 
_pdbx_entity_nonpoly.name        water 
_pdbx_entity_nonpoly.comp_id     HOH 
# 
loop_
_entity_poly_seq.entity_id 
_entity_poly_seq.num 
_entity_poly_seq.mon_id 
_entity_poly_seq.hetero 
1 1   ALA n 
1 2   ASN n 
1 3   LEU n 
1 4   TYR n 
1 5   PHE n 
1 6   GLN n 
1 7   SER n 
1 8   ASN n 
1 9   ALA n 
1 10  VAL n 
1 11  VAL n 
1 12  VAL n 
1 13  TYR n 
1 14  GLY n 
1 15  ALA n 
1 16  ASP n 
1 17  VAL n 
1 18  ILE n 
1 19  CYS n 
1 20  ALA n 
1 21  SER n 
1 22  CYS n 
1 23  VAL n 
1 24  ASN n 
1 25  ALA n 
1 26  PRO n 
1 27  THR n 
1 28  SER n 
1 29  LYS n 
1 30  ASP n 
1 31  ILE n 
1 32  TYR n 
1 33  ASP n 
1 34  TRP n 
1 35  LEU n 
1 36  GLN n 
1 37  PRO n 
1 38  LEU n 
1 39  LEU n 
1 40  LYS n 
1 41  ARG n 
1 42  LYS n 
1 43  TYR n 
1 44  PRO n 
1 45  ASN n 
1 46  ILE n 
1 47  SER n 
1 48  PHE n 
1 49  LYS n 
1 50  TYR n 
1 51  THR n 
1 52  TYR n 
1 53  ILE n 
1 54  ASP n 
1 55  ILE n 
1 56  THR n 
1 57  LYS n 
1 58  ASP n 
1 59  ASN n 
1 60  ASP n 
1 61  ASN n 
1 62  LEU n 
1 63  THR n 
1 64  ASP n 
1 65  HIS n 
1 66  ASP n 
1 67  LEU n 
1 68  GLN n 
1 69  PHE n 
1 70  ILE n 
1 71  GLU n 
1 72  ARG n 
1 73  ILE n 
1 74  GLU n 
1 75  GLN n 
1 76  ASP n 
1 77  GLU n 
1 78  LEU n 
1 79  PHE n 
1 80  TYR n 
1 81  PRO n 
1 82  LEU n 
1 83  ILE n 
1 84  THR n 
1 85  MET n 
1 86  ASN n 
1 87  ASP n 
1 88  GLU n 
1 89  TYR n 
1 90  VAL n 
1 91  ALA n 
1 92  ASP n 
1 93  GLY n 
1 94  TYR n 
1 95  ILE n 
1 96  GLN n 
1 97  THR n 
1 98  LYS n 
1 99  GLN n 
1 100 ILE n 
1 101 THR n 
1 102 ARG n 
1 103 PHE n 
1 104 ILE n 
1 105 ASP n 
1 106 GLN n 
1 107 LYS n 
1 108 LEU n 
1 109 VAL n 
1 110 ASN n 
1 111 GLU n 
# 
_entity_src_gen.entity_id                          1 
_entity_src_gen.pdbx_src_id                        1 
_entity_src_gen.pdbx_alt_source_flag               sample 
_entity_src_gen.pdbx_seq_type                      ? 
_entity_src_gen.pdbx_beg_seq_num                   ? 
_entity_src_gen.pdbx_end_seq_num                   ? 
_entity_src_gen.gene_src_common_name               ? 
_entity_src_gen.gene_src_genus                     Staphylococcus 
_entity_src_gen.pdbx_gene_src_gene                 GI:1123613 
_entity_src_gen.gene_src_species                   'Staphylococcus aureus' 
_entity_src_gen.gene_src_strain                    'subsp. aureus N315' 
_entity_src_gen.gene_src_tissue                    ? 
_entity_src_gen.gene_src_tissue_fraction           ? 
_entity_src_gen.gene_src_details                   ? 
_entity_src_gen.pdbx_gene_src_fragment             ? 
_entity_src_gen.pdbx_gene_src_scientific_name      'Staphylococcus aureus subsp. aureus N315' 
_entity_src_gen.pdbx_gene_src_ncbi_taxonomy_id     158879 
_entity_src_gen.pdbx_gene_src_variant              ? 
_entity_src_gen.pdbx_gene_src_cell_line            ? 
_entity_src_gen.pdbx_gene_src_atcc                 ? 
_entity_src_gen.pdbx_gene_src_organ                ? 
_entity_src_gen.pdbx_gene_src_organelle            ? 
_entity_src_gen.pdbx_gene_src_cell                 ? 
_entity_src_gen.pdbx_gene_src_cellular_location    ? 
_entity_src_gen.host_org_common_name               ? 
_entity_src_gen.pdbx_host_org_scientific_name      'Escherichia coli BL21' 
_entity_src_gen.pdbx_host_org_ncbi_taxonomy_id     511693 
_entity_src_gen.host_org_genus                     Escherichia 
_entity_src_gen.pdbx_host_org_gene                 ? 
_entity_src_gen.pdbx_host_org_organ                ? 
_entity_src_gen.host_org_species                   'Escherichia coli' 
_entity_src_gen.pdbx_host_org_tissue               ? 
_entity_src_gen.pdbx_host_org_tissue_fraction      ? 
_entity_src_gen.pdbx_host_org_strain               BL21 
_entity_src_gen.pdbx_host_org_variant              ? 
_entity_src_gen.pdbx_host_org_cell_line            ? 
_entity_src_gen.pdbx_host_org_atcc                 ? 
_entity_src_gen.pdbx_host_org_culture_collection   ? 
_entity_src_gen.pdbx_host_org_cell                 ? 
_entity_src_gen.pdbx_host_org_organelle            ? 
_entity_src_gen.pdbx_host_org_cellular_location    ? 
_entity_src_gen.pdbx_host_org_vector_type          Plasmid 
_entity_src_gen.pdbx_host_org_vector               ? 
_entity_src_gen.host_org_details                   ? 
_entity_src_gen.expression_system_id               ? 
_entity_src_gen.plasmid_name                       PDM68 
_entity_src_gen.plasmid_details                    ? 
_entity_src_gen.pdbx_description                   ? 
# 
loop_
_chem_comp.id 
_chem_comp.type 
_chem_comp.mon_nstd_flag 
_chem_comp.name 
_chem_comp.pdbx_synonyms 
_chem_comp.formula 
_chem_comp.formula_weight 
ALA 'L-peptide linking' y ALANINE         ? 'C3 H7 N O2'     89.093  
ARG 'L-peptide linking' y ARGININE        ? 'C6 H15 N4 O2 1' 175.209 
ASN 'L-peptide linking' y ASPARAGINE      ? 'C4 H8 N2 O3'    132.118 
ASP 'L-peptide linking' y 'ASPARTIC ACID' ? 'C4 H7 N O4'     133.103 
CYS 'L-peptide linking' y CYSTEINE        ? 'C3 H7 N O2 S'   121.158 
GLN 'L-peptide linking' y GLUTAMINE       ? 'C5 H10 N2 O3'   146.144 
GLU 'L-peptide linking' y 'GLUTAMIC ACID' ? 'C5 H9 N O4'     147.129 
GLY 'peptide linking'   y GLYCINE         ? 'C2 H5 N O2'     75.067  
HIS 'L-peptide linking' y HISTIDINE       ? 'C6 H10 N3 O2 1' 156.162 
HOH non-polymer         . WATER           ? 'H2 O'           18.015  
ILE 'L-peptide linking' y ISOLEUCINE      ? 'C6 H13 N O2'    131.173 
LEU 'L-peptide linking' y LEUCINE         ? 'C6 H13 N O2'    131.173 
LYS 'L-peptide linking' y LYSINE          ? 'C6 H15 N2 O2 1' 147.195 
MET 'L-peptide linking' y METHIONINE      ? 'C5 H11 N O2 S'  149.211 
PHE 'L-peptide linking' y PHENYLALANINE   ? 'C9 H11 N O2'    165.189 
PRO 'L-peptide linking' y PROLINE         ? 'C5 H9 N O2'     115.130 
SER 'L-peptide linking' y SERINE          ? 'C3 H7 N O3'     105.093 
THR 'L-peptide linking' y THREONINE       ? 'C4 H9 N O3'     119.119 
TRP 'L-peptide linking' y TRYPTOPHAN      ? 'C11 H12 N2 O2'  204.225 
TYR 'L-peptide linking' y TYROSINE        ? 'C9 H11 N O3'    181.189 
VAL 'L-peptide linking' y VALINE          ? 'C5 H11 N O2'    117.146 
# 
loop_
_pdbx_poly_seq_scheme.asym_id 
_pdbx_poly_seq_scheme.entity_id 
_pdbx_poly_seq_scheme.seq_id 
_pdbx_poly_seq_scheme.mon_id 
_pdbx_poly_seq_scheme.ndb_seq_num 
_pdbx_poly_seq_scheme.pdb_seq_num 
_pdbx_poly_seq_scheme.auth_seq_num 
_pdbx_poly_seq_scheme.pdb_mon_id 
_pdbx_poly_seq_scheme.auth_mon_id 
_pdbx_poly_seq_scheme.pdb_strand_id 
_pdbx_poly_seq_scheme.pdb_ins_code 
_pdbx_poly_seq_scheme.hetero 
A 1 1   ALA 1   -8  -8  ALA ALA A . n 
A 1 2   ASN 2   -7  -7  ASN ASN A . n 
A 1 3   LEU 3   -6  -6  LEU LEU A . n 
A 1 4   TYR 4   -5  -5  TYR TYR A . n 
A 1 5   PHE 5   -4  -4  PHE PHE A . n 
A 1 6   GLN 6   -3  -3  GLN GLN A . n 
A 1 7   SER 7   -2  -2  SER SER A . n 
A 1 8   ASN 8   -1  -1  ASN ASN A . n 
A 1 9   ALA 9   0   0   ALA ALA A . n 
A 1 10  VAL 10  1   1   VAL VAL A . n 
A 1 11  VAL 11  2   2   VAL VAL A . n 
A 1 12  VAL 12  3   3   VAL VAL A . n 
A 1 13  TYR 13  4   4   TYR TYR A . n 
A 1 14  GLY 14  5   5   GLY GLY A . n 
A 1 15  ALA 15  6   6   ALA ALA A . n 
A 1 16  ASP 16  7   7   ASP ASP A . n 
A 1 17  VAL 17  8   8   VAL VAL A . n 
A 1 18  ILE 18  9   9   ILE ILE A . n 
A 1 19  CYS 19  10  10  CYS CYS A . n 
A 1 20  ALA 20  11  11  ALA ALA A . n 
A 1 21  SER 21  12  12  SER SER A . n 
A 1 22  CYS 22  13  13  CYS CYS A . n 
A 1 23  VAL 23  14  14  VAL VAL A . n 
A 1 24  ASN 24  15  15  ASN ASN A . n 
A 1 25  ALA 25  16  16  ALA ALA A . n 
A 1 26  PRO 26  17  17  PRO PRO A . n 
A 1 27  THR 27  18  18  THR THR A . n 
A 1 28  SER 28  19  19  SER SER A . n 
A 1 29  LYS 29  20  20  LYS LYS A . n 
A 1 30  ASP 30  21  21  ASP ASP A . n 
A 1 31  ILE 31  22  22  ILE ILE A . n 
A 1 32  TYR 32  23  23  TYR TYR A . n 
A 1 33  ASP 33  24  24  ASP ASP A . n 
A 1 34  TRP 34  25  25  TRP TRP A . n 
A 1 35  LEU 35  26  26  LEU LEU A . n 
A 1 36  GLN 36  27  27  GLN GLN A . n 
A 1 37  PRO 37  28  28  PRO PRO A . n 
A 1 38  LEU 38  29  29  LEU LEU A . n 
A 1 39  LEU 39  30  30  LEU LEU A . n 
A 1 40  LYS 40  31  31  LYS LYS A . n 
A 1 41  ARG 41  32  32  ARG ARG A . n 
A 1 42  LYS 42  33  33  LYS LYS A . n 
A 1 43  TYR 43  34  34  TYR TYR A . n 
A 1 44  PRO 44  35  35  PRO PRO A . n 
A 1 45  ASN 45  36  36  ASN ASN A . n 
A 1 46  ILE 46  37  37  ILE ILE A . n 
A 1 47  SER 47  38  38  SER SER A . n 
A 1 48  PHE 48  39  39  PHE PHE A . n 
A 1 49  LYS 49  40  40  LYS LYS A . n 
A 1 50  TYR 50  41  41  TYR TYR A . n 
A 1 51  THR 51  42  42  THR THR A . n 
A 1 52  TYR 52  43  43  TYR TYR A . n 
A 1 53  ILE 53  44  44  ILE ILE A . n 
A 1 54  ASP 54  45  45  ASP ASP A . n 
A 1 55  ILE 55  46  46  ILE ILE A . n 
A 1 56  THR 56  47  47  THR THR A . n 
A 1 57  LYS 57  48  48  LYS LYS A . n 
A 1 58  ASP 58  49  49  ASP ASP A . n 
A 1 59  ASN 59  50  ?   ?   ?   A . n 
A 1 60  ASP 60  51  ?   ?   ?   A . n 
A 1 61  ASN 61  52  ?   ?   ?   A . n 
A 1 62  LEU 62  53  53  LEU LEU A . n 
A 1 63  THR 63  54  54  THR THR A . n 
A 1 64  ASP 64  55  55  ASP ASP A . n 
A 1 65  HIS 65  56  56  HIS HIS A . n 
A 1 66  ASP 66  57  57  ASP ASP A . n 
A 1 67  LEU 67  58  58  LEU LEU A . n 
A 1 68  GLN 68  59  59  GLN GLN A . n 
A 1 69  PHE 69  60  60  PHE PHE A . n 
A 1 70  ILE 70  61  61  ILE ILE A . n 
A 1 71  GLU 71  62  62  GLU GLU A . n 
A 1 72  ARG 72  63  63  ARG ARG A . n 
A 1 73  ILE 73  64  64  ILE ILE A . n 
A 1 74  GLU 74  65  65  GLU GLU A . n 
A 1 75  GLN 75  66  66  GLN ALA A . n 
A 1 76  ASP 76  67  67  ASP ASP A . n 
A 1 77  GLU 77  68  68  GLU GLU A . n 
A 1 78  LEU 78  69  69  LEU LEU A . n 
A 1 79  PHE 79  70  70  PHE PHE A . n 
A 1 80  TYR 80  71  71  TYR TYR A . n 
A 1 81  PRO 81  72  72  PRO PRO A . n 
A 1 82  LEU 82  73  73  LEU LEU A . n 
A 1 83  ILE 83  74  74  ILE ILE A . n 
A 1 84  THR 84  75  75  THR THR A . n 
A 1 85  MET 85  76  76  MET MET A . n 
A 1 86  ASN 86  77  77  ASN ASN A . n 
A 1 87  ASP 87  78  78  ASP ASP A . n 
A 1 88  GLU 88  79  79  GLU GLU A . n 
A 1 89  TYR 89  80  80  TYR TYR A . n 
A 1 90  VAL 90  81  81  VAL VAL A . n 
A 1 91  ALA 91  82  82  ALA ALA A . n 
A 1 92  ASP 92  83  83  ASP ASP A . n 
A 1 93  GLY 93  84  84  GLY GLY A . n 
A 1 94  TYR 94  85  85  TYR TYR A . n 
A 1 95  ILE 95  86  86  ILE ILE A . n 
A 1 96  GLN 96  87  87  GLN GLN A . n 
A 1 97  THR 97  88  88  THR THR A . n 
A 1 98  LYS 98  89  89  LYS LYS A . n 
A 1 99  GLN 99  90  90  GLN GLN A . n 
A 1 100 ILE 100 91  91  ILE ILE A . n 
A 1 101 THR 101 92  92  THR THR A . n 
A 1 102 ARG 102 93  93  ARG ARG A . n 
A 1 103 PHE 103 94  94  PHE PHE A . n 
A 1 104 ILE 104 95  95  ILE ILE A . n 
A 1 105 ASP 105 96  96  ASP ASP A . n 
A 1 106 GLN 106 97  97  GLN GLN A . n 
A 1 107 LYS 107 98  98  LYS LYS A . n 
A 1 108 LEU 108 99  99  LEU LEU A . n 
A 1 109 VAL 109 100 100 VAL VAL A . n 
A 1 110 ASN 110 101 101 ASN ASN A . n 
A 1 111 GLU 111 102 102 GLU GLU A . n 
# 
loop_
_pdbx_nonpoly_scheme.asym_id 
_pdbx_nonpoly_scheme.entity_id 
_pdbx_nonpoly_scheme.mon_id 
_pdbx_nonpoly_scheme.ndb_seq_num 
_pdbx_nonpoly_scheme.pdb_seq_num 
_pdbx_nonpoly_scheme.auth_seq_num 
_pdbx_nonpoly_scheme.pdb_mon_id 
_pdbx_nonpoly_scheme.auth_mon_id 
_pdbx_nonpoly_scheme.pdb_strand_id 
_pdbx_nonpoly_scheme.pdb_ins_code 
B 2 HOH 1  201 201 HOH TIP A . 
B 2 HOH 2  202 202 HOH TIP A . 
B 2 HOH 3  203 203 HOH TIP A . 
B 2 HOH 4  204 204 HOH TIP A . 
B 2 HOH 5  205 205 HOH TIP A . 
B 2 HOH 6  206 206 HOH TIP A . 
B 2 HOH 7  207 207 HOH TIP A . 
B 2 HOH 8  208 208 HOH TIP A . 
B 2 HOH 9  209 209 HOH TIP A . 
B 2 HOH 10 210 210 HOH TIP A . 
B 2 HOH 11 211 211 HOH TIP A . 
B 2 HOH 12 212 212 HOH TIP A . 
B 2 HOH 13 213 213 HOH TIP A . 
B 2 HOH 14 214 214 HOH TIP A . 
B 2 HOH 15 215 215 HOH TIP A . 
B 2 HOH 16 216 216 HOH TIP A . 
B 2 HOH 17 217 217 HOH TIP A . 
B 2 HOH 18 218 218 HOH TIP A . 
B 2 HOH 19 219 219 HOH TIP A . 
B 2 HOH 20 220 220 HOH TIP A . 
B 2 HOH 21 221 221 HOH TIP A . 
B 2 HOH 22 222 222 HOH TIP A . 
B 2 HOH 23 223 223 HOH TIP A . 
B 2 HOH 24 224 224 HOH TIP A . 
B 2 HOH 25 225 225 HOH TIP A . 
B 2 HOH 26 226 226 HOH TIP A . 
B 2 HOH 27 227 227 HOH TIP A . 
B 2 HOH 28 228 228 HOH TIP A . 
B 2 HOH 29 229 229 HOH TIP A . 
B 2 HOH 30 230 230 HOH TIP A . 
B 2 HOH 31 231 231 HOH TIP A . 
B 2 HOH 32 232 232 HOH TIP A . 
B 2 HOH 33 233 233 HOH TIP A . 
B 2 HOH 34 234 234 HOH TIP A . 
B 2 HOH 35 235 235 HOH TIP A . 
B 2 HOH 36 236 236 HOH TIP A . 
B 2 HOH 37 237 237 HOH TIP A . 
B 2 HOH 38 238 238 HOH TIP A . 
B 2 HOH 39 239 239 HOH TIP A . 
B 2 HOH 40 240 240 HOH TIP A . 
B 2 HOH 41 241 241 HOH TIP A . 
# 
loop_
_pdbx_unobs_or_zero_occ_atoms.id 
_pdbx_unobs_or_zero_occ_atoms.PDB_model_num 
_pdbx_unobs_or_zero_occ_atoms.polymer_flag 
_pdbx_unobs_or_zero_occ_atoms.occupancy_flag 
_pdbx_unobs_or_zero_occ_atoms.auth_asym_id 
_pdbx_unobs_or_zero_occ_atoms.auth_comp_id 
_pdbx_unobs_or_zero_occ_atoms.auth_seq_id 
_pdbx_unobs_or_zero_occ_atoms.PDB_ins_code 
_pdbx_unobs_or_zero_occ_atoms.auth_atom_id 
_pdbx_unobs_or_zero_occ_atoms.label_alt_id 
_pdbx_unobs_or_zero_occ_atoms.label_asym_id 
_pdbx_unobs_or_zero_occ_atoms.label_comp_id 
_pdbx_unobs_or_zero_occ_atoms.label_seq_id 
_pdbx_unobs_or_zero_occ_atoms.label_atom_id 
1 1 Y 1 A GLN 66 ? CG  ? A GLN 75 CG  
2 1 Y 1 A GLN 66 ? CD  ? A GLN 75 CD  
3 1 Y 1 A GLN 66 ? OE1 ? A GLN 75 OE1 
4 1 Y 1 A GLN 66 ? NE2 ? A GLN 75 NE2 
# 
loop_
_software.name 
_software.classification 
_software.version 
_software.citation_id 
_software.pdbx_ordinal 
CNS         refinement        1.1 ? 1 
SBC-Collect 'data collection' .   ? 2 
HKL-2000    'data scaling'    .   ? 3 
CNS         phasing           .   ? 4 
# 
_cell.entry_id           1XG8 
_cell.length_a           41.174 
_cell.length_b           41.174 
_cell.length_c           127.709 
_cell.angle_alpha        90.00 
_cell.angle_beta         90.00 
_cell.angle_gamma        90.00 
_cell.Z_PDB              8 
_cell.pdbx_unique_axis   ? 
_cell.length_a_esd       ? 
_cell.length_b_esd       ? 
_cell.length_c_esd       ? 
_cell.angle_alpha_esd    ? 
_cell.angle_beta_esd     ? 
_cell.angle_gamma_esd    ? 
# 
_symmetry.entry_id                         1XG8 
_symmetry.space_group_name_H-M             'P 41 21 2' 
_symmetry.pdbx_full_space_group_name_H-M   ? 
_symmetry.cell_setting                     ? 
_symmetry.Int_Tables_number                92 
_symmetry.space_group_name_Hall            ? 
# 
_exptl.entry_id          1XG8 
_exptl.method            'X-RAY DIFFRACTION' 
_exptl.crystals_number   1 
# 
_exptl_crystal.id                    1 
_exptl_crystal.density_meas          ? 
_exptl_crystal.density_Matthews      2.35 
_exptl_crystal.density_percent_sol   45.8 
_exptl_crystal.description           ? 
_exptl_crystal.F_000                 ? 
_exptl_crystal.preparation           ? 
# 
_exptl_crystal_grow.crystal_id      1 
_exptl_crystal_grow.method          'VAPOR DIFFUSION, SITTING DROP' 
_exptl_crystal_grow.temp            273 
_exptl_crystal_grow.temp_details    ? 
_exptl_crystal_grow.pH              5 
_exptl_crystal_grow.pdbx_details    'ammonium sulfate, citrate buffer, pH 5, VAPOR DIFFUSION, SITTING DROP, temperature 273K' 
_exptl_crystal_grow.pdbx_pH_range   . 
# 
_diffrn.id                     1 
_diffrn.ambient_temp           100 
_diffrn.ambient_temp_details   ? 
_diffrn.crystal_id             1 
# 
_diffrn_detector.diffrn_id              1 
_diffrn_detector.detector               CCD 
_diffrn_detector.type                   SBC-2 
_diffrn_detector.pdbx_collection_date   2004-03-16 
_diffrn_detector.details                'vertical-focusing mirror' 
# 
_diffrn_radiation.diffrn_id                        1 
_diffrn_radiation.wavelength_id                    1 
_diffrn_radiation.pdbx_monochromatic_or_laue_m_l   M 
_diffrn_radiation.monochromator                    'Si-111 double-crystal channel' 
_diffrn_radiation.pdbx_diffrn_protocol             MAD 
_diffrn_radiation.pdbx_scattering_type             x-ray 
# 
loop_
_diffrn_radiation_wavelength.id 
_diffrn_radiation_wavelength.wavelength 
_diffrn_radiation_wavelength.wt 
1 0.979569 1.0 
2 0.979706 1.0 
3 0.964107 1.0 
# 
_diffrn_source.diffrn_id                   1 
_diffrn_source.source                      SYNCHROTRON 
_diffrn_source.type                        'APS BEAMLINE 19-ID' 
_diffrn_source.pdbx_synchrotron_site       APS 
_diffrn_source.pdbx_synchrotron_beamline   19-ID 
_diffrn_source.pdbx_wavelength             ? 
_diffrn_source.pdbx_wavelength_list        '0.979569, 0.979706, 0.964107' 
# 
_reflns.entry_id                     1XG8 
_reflns.observed_criterion_sigma_I   2.0 
_reflns.observed_criterion_sigma_F   2.0 
_reflns.d_resolution_low             50.0 
_reflns.d_resolution_high            2.1 
_reflns.number_obs                   11783 
_reflns.number_all                   12274 
_reflns.percent_possible_obs         96.0 
_reflns.pdbx_Rmerge_I_obs            0.083 
_reflns.pdbx_Rsym_value              ? 
_reflns.pdbx_netI_over_sigmaI        18.8 
_reflns.B_iso_Wilson_estimate        14.5 
_reflns.pdbx_redundancy              7.0 
_reflns.R_free_details               ? 
_reflns.limit_h_max                  ? 
_reflns.limit_h_min                  ? 
_reflns.limit_k_max                  ? 
_reflns.limit_k_min                  ? 
_reflns.limit_l_max                  ? 
_reflns.limit_l_min                  ? 
_reflns.observed_criterion_F_max     ? 
_reflns.observed_criterion_F_min     ? 
_reflns.pdbx_chi_squared             ? 
_reflns.pdbx_scaling_rejects         ? 
_reflns.pdbx_diffrn_id               1 
_reflns.pdbx_ordinal                 1 
# 
_reflns_shell.d_res_high             2.10 
_reflns_shell.d_res_low              2.18 
_reflns_shell.percent_possible_all   71.8 
_reflns_shell.Rmerge_I_obs           0.481 
_reflns_shell.pdbx_Rsym_value        ? 
_reflns_shell.meanI_over_sigI_obs    1.73 
_reflns_shell.pdbx_redundancy        2.7 
_reflns_shell.percent_possible_obs   ? 
_reflns_shell.number_unique_all      1235 
_reflns_shell.number_measured_all    ? 
_reflns_shell.number_measured_obs    ? 
_reflns_shell.number_unique_obs      ? 
_reflns_shell.pdbx_chi_squared       ? 
_reflns_shell.pdbx_diffrn_id         ? 
_reflns_shell.pdbx_ordinal           1 
# 
_refine.entry_id                                 1XG8 
_refine.ls_number_reflns_obs                     11083 
_refine.ls_number_reflns_all                     12233 
_refine.pdbx_ls_sigma_I                          ? 
_refine.pdbx_ls_sigma_F                          0.0 
_refine.pdbx_data_cutoff_high_absF               226196.73 
_refine.pdbx_data_cutoff_low_absF                0.000000 
_refine.pdbx_data_cutoff_high_rms_absF           ? 
_refine.ls_d_res_low                             29.60 
_refine.ls_d_res_high                            2.10 
_refine.ls_percent_reflns_obs                    90.6 
_refine.ls_R_factor_obs                          0.229 
_refine.ls_R_factor_all                          ? 
_refine.ls_R_factor_R_work                       0.229 
_refine.ls_R_factor_R_free                       0.283 
_refine.ls_R_factor_R_free_error                 0.012 
_refine.ls_R_factor_R_free_error_details         ? 
_refine.ls_percent_reflns_R_free                 5.0 
_refine.ls_number_reflns_R_free                  551 
_refine.ls_number_parameters                     ? 
_refine.ls_number_restraints                     ? 
_refine.occupancy_min                            ? 
_refine.occupancy_max                            ? 
_refine.correlation_coeff_Fo_to_Fc               ? 
_refine.correlation_coeff_Fo_to_Fc_free          ? 
_refine.B_iso_mean                               30.5 
_refine.aniso_B[1][1]                            2.49 
_refine.aniso_B[2][2]                            2.49 
_refine.aniso_B[3][3]                            -4.99 
_refine.aniso_B[1][2]                            0.00 
_refine.aniso_B[1][3]                            0.00 
_refine.aniso_B[2][3]                            0.00 
_refine.solvent_model_details                    'FLAT MODEL' 
_refine.solvent_model_param_ksol                 0.39592 
_refine.solvent_model_param_bsol                 60.2014 
_refine.pdbx_solvent_vdw_probe_radii             ? 
_refine.pdbx_solvent_ion_probe_radii             ? 
_refine.pdbx_solvent_shrinkage_radii             ? 
_refine.pdbx_ls_cross_valid_method               THROUGHOUT 
_refine.details                                  ? 
_refine.pdbx_starting_model                      ? 
_refine.pdbx_method_to_determine_struct          MAD 
_refine.pdbx_isotropic_thermal_model             RESTRAINED 
_refine.pdbx_stereochemistry_target_values       'Engh & Huber' 
_refine.pdbx_stereochem_target_val_spec_case     ? 
_refine.pdbx_R_Free_selection_details            RANDOM 
_refine.pdbx_overall_ESU_R                       ? 
_refine.pdbx_overall_ESU_R_Free                  ? 
_refine.overall_SU_ML                            ? 
_refine.overall_SU_B                             ? 
_refine.ls_redundancy_reflns_obs                 ? 
_refine.B_iso_min                                ? 
_refine.B_iso_max                                ? 
_refine.overall_SU_R_Cruickshank_DPI             ? 
_refine.overall_SU_R_free                        ? 
_refine.ls_wR_factor_R_free                      ? 
_refine.ls_wR_factor_R_work                      ? 
_refine.overall_FOM_free_R_set                   ? 
_refine.overall_FOM_work_R_set                   ? 
_refine.pdbx_refine_id                           'X-RAY DIFFRACTION' 
_refine.pdbx_diffrn_id                           1 
_refine.pdbx_TLS_residual_ADP_flag               ? 
_refine.pdbx_overall_phase_error                 ? 
_refine.pdbx_overall_SU_R_free_Cruickshank_DPI   ? 
_refine.pdbx_overall_SU_R_Blow_DPI               ? 
_refine.pdbx_overall_SU_R_free_Blow_DPI          ? 
# 
_refine_analyze.entry_id                        1XG8 
_refine_analyze.Luzzati_coordinate_error_obs    0.29 
_refine_analyze.Luzzati_sigma_a_obs             0.37 
_refine_analyze.Luzzati_d_res_low_obs           5.00 
_refine_analyze.Luzzati_coordinate_error_free   0.37 
_refine_analyze.Luzzati_sigma_a_free            0.43 
_refine_analyze.Luzzati_d_res_low_free          ? 
_refine_analyze.number_disordered_residues      ? 
_refine_analyze.occupancy_sum_hydrogen          ? 
_refine_analyze.occupancy_sum_non_hydrogen      ? 
_refine_analyze.pdbx_Luzzati_d_res_high_obs     ? 
_refine_analyze.pdbx_refine_id                  'X-RAY DIFFRACTION' 
# 
_refine_hist.pdbx_refine_id                   'X-RAY DIFFRACTION' 
_refine_hist.cycle_id                         LAST 
_refine_hist.pdbx_number_atoms_protein        892 
_refine_hist.pdbx_number_atoms_nucleic_acid   0 
_refine_hist.pdbx_number_atoms_ligand         0 
_refine_hist.number_atoms_solvent             41 
_refine_hist.number_atoms_total               933 
_refine_hist.d_res_high                       2.10 
_refine_hist.d_res_low                        29.60 
# 
loop_
_refine_ls_restr.type 
_refine_ls_restr.dev_ideal 
_refine_ls_restr.dev_ideal_target 
_refine_ls_restr.weight 
_refine_ls_restr.number 
_refine_ls_restr.pdbx_refine_id 
_refine_ls_restr.pdbx_restraint_function 
c_bond_d           0.007 ? ? ? 'X-RAY DIFFRACTION' ? 
c_angle_deg        1.3   ? ? ? 'X-RAY DIFFRACTION' ? 
c_dihedral_angle_d 22.2  ? ? ? 'X-RAY DIFFRACTION' ? 
c_improper_angle_d 0.79  ? ? ? 'X-RAY DIFFRACTION' ? 
# 
_refine_ls_shell.pdbx_total_number_of_bins_used   6 
_refine_ls_shell.d_res_high                       2.10 
_refine_ls_shell.d_res_low                        2.23 
_refine_ls_shell.number_reflns_R_work             1247 
_refine_ls_shell.R_factor_R_work                  0.34 
_refine_ls_shell.percent_reflns_obs               64.9 
_refine_ls_shell.R_factor_R_free                  0.377 
_refine_ls_shell.R_factor_R_free_error            0.045 
_refine_ls_shell.percent_reflns_R_free            5.4 
_refine_ls_shell.number_reflns_R_free             71 
_refine_ls_shell.number_reflns_obs                ? 
_refine_ls_shell.redundancy_reflns_obs            ? 
_refine_ls_shell.number_reflns_all                ? 
_refine_ls_shell.R_factor_all                     ? 
_refine_ls_shell.pdbx_refine_id                   'X-RAY DIFFRACTION' 
# 
loop_
_pdbx_xplor_file.serial_no 
_pdbx_xplor_file.param_file 
_pdbx_xplor_file.topol_file 
_pdbx_xplor_file.pdbx_refine_id 
1 PROTEIN_REP.PARAM PROTEIN.TOP 'X-RAY DIFFRACTION' 
2 WATER_REP.PARAM   ?           'X-RAY DIFFRACTION' 
3 ION.PARAM         ?           'X-RAY DIFFRACTION' 
# 
_struct.entry_id                  1XG8 
_struct.title                     'Crystal Structure of Protein of Unknown Function SA0789 from Staphylococcus aureus' 
_struct.pdbx_model_details        ? 
_struct.pdbx_CASP_flag            ? 
_struct.pdbx_model_type_details   ? 
# 
_struct_keywords.entry_id        1XG8 
_struct_keywords.pdbx_keywords   'STRUCTURAL GENOMICS, UNKNOWN FUNCTION' 
_struct_keywords.text            
;Structural genomics, Protein Structure Initative, MCSG, Staphylococcus aureus, PSI, Protein Structure Initiative, Midwest Center for Structural Genomics, UNKNOWN FUNCTION
;
# 
loop_
_struct_asym.id 
_struct_asym.pdbx_blank_PDB_chainid_flag 
_struct_asym.pdbx_modified 
_struct_asym.entity_id 
_struct_asym.details 
A N N 1 ? 
B N N 2 ? 
# 
_struct_ref.id                         1 
_struct_ref.db_name                    UNP 
_struct_ref.db_code                    Q7A6J8_STAAN 
_struct_ref.pdbx_db_accession          Q7A6J8 
_struct_ref.entity_id                  1 
_struct_ref.pdbx_seq_one_letter_code   
;VVYGADVICASCVNAPTSKDIYDWLQPLLKRKYPNISFKYTYIDITKDNDNLTDHDLQFIERIEQDELFYPLITMNDEYV
ADGYIQTKQITRFIDQKLVNE
;
_struct_ref.pdbx_align_begin           2 
_struct_ref.pdbx_db_isoform            ? 
# 
_struct_ref_seq.align_id                      1 
_struct_ref_seq.ref_id                        1 
_struct_ref_seq.pdbx_PDB_id_code              1XG8 
_struct_ref_seq.pdbx_strand_id                A 
_struct_ref_seq.seq_align_beg                 11 
_struct_ref_seq.pdbx_seq_align_beg_ins_code   ? 
_struct_ref_seq.seq_align_end                 111 
_struct_ref_seq.pdbx_seq_align_end_ins_code   ? 
_struct_ref_seq.pdbx_db_accession             Q7A6J8 
_struct_ref_seq.db_align_beg                  2 
_struct_ref_seq.pdbx_db_align_beg_ins_code    ? 
_struct_ref_seq.db_align_end                  102 
_struct_ref_seq.pdbx_db_align_end_ins_code    ? 
_struct_ref_seq.pdbx_auth_seq_align_beg       2 
_struct_ref_seq.pdbx_auth_seq_align_end       102 
# 
loop_
_struct_ref_seq_dif.align_id 
_struct_ref_seq_dif.pdbx_pdb_id_code 
_struct_ref_seq_dif.mon_id 
_struct_ref_seq_dif.pdbx_pdb_strand_id 
_struct_ref_seq_dif.seq_num 
_struct_ref_seq_dif.pdbx_pdb_ins_code 
_struct_ref_seq_dif.pdbx_seq_db_name 
_struct_ref_seq_dif.pdbx_seq_db_accession_code 
_struct_ref_seq_dif.db_mon_id 
_struct_ref_seq_dif.pdbx_seq_db_seq_num 
_struct_ref_seq_dif.details 
_struct_ref_seq_dif.pdbx_auth_seq_num 
_struct_ref_seq_dif.pdbx_ordinal 
1 1XG8 ALA A 1  ? UNP Q7A6J8 ? ? 'cloning artifact' -8 1  
1 1XG8 ASN A 2  ? UNP Q7A6J8 ? ? 'cloning artifact' -7 2  
1 1XG8 LEU A 3  ? UNP Q7A6J8 ? ? 'cloning artifact' -6 3  
1 1XG8 TYR A 4  ? UNP Q7A6J8 ? ? 'cloning artifact' -5 4  
1 1XG8 PHE A 5  ? UNP Q7A6J8 ? ? 'cloning artifact' -4 5  
1 1XG8 GLN A 6  ? UNP Q7A6J8 ? ? 'cloning artifact' -3 6  
1 1XG8 SER A 7  ? UNP Q7A6J8 ? ? 'cloning artifact' -2 7  
1 1XG8 ASN A 8  ? UNP Q7A6J8 ? ? 'cloning artifact' -1 8  
1 1XG8 ALA A 9  ? UNP Q7A6J8 ? ? 'cloning artifact' 0  9  
1 1XG8 VAL A 10 ? UNP Q7A6J8 ? ? 'cloning artifact' 1  10 
# 
_pdbx_struct_assembly.id                   1 
_pdbx_struct_assembly.details              author_defined_assembly 
_pdbx_struct_assembly.method_details       ? 
_pdbx_struct_assembly.oligomeric_details   monomeric 
_pdbx_struct_assembly.oligomeric_count     1 
# 
_pdbx_struct_assembly_gen.assembly_id       1 
_pdbx_struct_assembly_gen.oper_expression   1 
_pdbx_struct_assembly_gen.asym_id_list      A,B 
# 
_pdbx_struct_oper_list.id                   1 
_pdbx_struct_oper_list.type                 'identity operation' 
_pdbx_struct_oper_list.name                 1_555 
_pdbx_struct_oper_list.symmetry_operation   x,y,z 
_pdbx_struct_oper_list.matrix[1][1]         1.0000000000 
_pdbx_struct_oper_list.matrix[1][2]         0.0000000000 
_pdbx_struct_oper_list.matrix[1][3]         0.0000000000 
_pdbx_struct_oper_list.vector[1]            0.0000000000 
_pdbx_struct_oper_list.matrix[2][1]         0.0000000000 
_pdbx_struct_oper_list.matrix[2][2]         1.0000000000 
_pdbx_struct_oper_list.matrix[2][3]         0.0000000000 
_pdbx_struct_oper_list.vector[2]            0.0000000000 
_pdbx_struct_oper_list.matrix[3][1]         0.0000000000 
_pdbx_struct_oper_list.matrix[3][2]         0.0000000000 
_pdbx_struct_oper_list.matrix[3][3]         1.0000000000 
_pdbx_struct_oper_list.vector[3]            0.0000000000 
# 
_struct_biol.id                    1 
_struct_biol.details               'the biological assembly is monomer' 
_struct_biol.pdbx_parent_biol_id   ? 
# 
loop_
_struct_conf.conf_type_id 
_struct_conf.id 
_struct_conf.pdbx_PDB_helix_id 
_struct_conf.beg_label_comp_id 
_struct_conf.beg_label_asym_id 
_struct_conf.beg_label_seq_id 
_struct_conf.pdbx_beg_PDB_ins_code 
_struct_conf.end_label_comp_id 
_struct_conf.end_label_asym_id 
_struct_conf.end_label_seq_id 
_struct_conf.pdbx_end_PDB_ins_code 
_struct_conf.beg_auth_comp_id 
_struct_conf.beg_auth_asym_id 
_struct_conf.beg_auth_seq_id 
_struct_conf.end_auth_comp_id 
_struct_conf.end_auth_asym_id 
_struct_conf.end_auth_seq_id 
_struct_conf.pdbx_PDB_helix_class 
_struct_conf.details 
_struct_conf.pdbx_PDB_helix_length 
HELX_P HELX_P1 1 CYS A 19 ? VAL A 23  ? CYS A 10 VAL A 14  5 ? 5  
HELX_P HELX_P2 2 THR A 27 ? TYR A 43  ? THR A 18 TYR A 34  1 ? 17 
HELX_P HELX_P3 3 THR A 63 ? GLN A 75  ? THR A 54 GLN A 66  1 ? 13 
HELX_P HELX_P4 4 GLN A 96 ? GLU A 111 ? GLN A 87 GLU A 102 1 ? 16 
# 
_struct_conf_type.id          HELX_P 
_struct_conf_type.criteria    ? 
_struct_conf_type.reference   ? 
# 
_struct_mon_prot_cis.pdbx_id                1 
_struct_mon_prot_cis.label_comp_id          TYR 
_struct_mon_prot_cis.label_seq_id           80 
_struct_mon_prot_cis.label_asym_id          A 
_struct_mon_prot_cis.label_alt_id           . 
_struct_mon_prot_cis.pdbx_PDB_ins_code      ? 
_struct_mon_prot_cis.auth_comp_id           TYR 
_struct_mon_prot_cis.auth_seq_id            71 
_struct_mon_prot_cis.auth_asym_id           A 
_struct_mon_prot_cis.pdbx_label_comp_id_2   PRO 
_struct_mon_prot_cis.pdbx_label_seq_id_2    81 
_struct_mon_prot_cis.pdbx_label_asym_id_2   A 
_struct_mon_prot_cis.pdbx_PDB_ins_code_2    ? 
_struct_mon_prot_cis.pdbx_auth_comp_id_2    PRO 
_struct_mon_prot_cis.pdbx_auth_seq_id_2     72 
_struct_mon_prot_cis.pdbx_auth_asym_id_2    A 
_struct_mon_prot_cis.pdbx_PDB_model_num     1 
_struct_mon_prot_cis.pdbx_omega_angle       0.17 
# 
_struct_sheet.id               A 
_struct_sheet.type             ? 
_struct_sheet.number_strands   4 
_struct_sheet.details          ? 
# 
loop_
_struct_sheet_order.sheet_id 
_struct_sheet_order.range_id_1 
_struct_sheet_order.range_id_2 
_struct_sheet_order.offset 
_struct_sheet_order.sense 
A 1 2 ? parallel      
A 2 3 ? anti-parallel 
A 3 4 ? anti-parallel 
# 
loop_
_struct_sheet_range.sheet_id 
_struct_sheet_range.id 
_struct_sheet_range.beg_label_comp_id 
_struct_sheet_range.beg_label_asym_id 
_struct_sheet_range.beg_label_seq_id 
_struct_sheet_range.pdbx_beg_PDB_ins_code 
_struct_sheet_range.end_label_comp_id 
_struct_sheet_range.end_label_asym_id 
_struct_sheet_range.end_label_seq_id 
_struct_sheet_range.pdbx_end_PDB_ins_code 
_struct_sheet_range.beg_auth_comp_id 
_struct_sheet_range.beg_auth_asym_id 
_struct_sheet_range.beg_auth_seq_id 
_struct_sheet_range.end_auth_comp_id 
_struct_sheet_range.end_auth_asym_id 
_struct_sheet_range.end_auth_seq_id 
A 1 PHE A 48 ? ASP A 54 ? PHE A 39 ASP A 45 
A 2 ASN A 8  ? GLY A 14 ? ASN A -1 GLY A 5  
A 3 LEU A 82 ? MET A 85 ? LEU A 73 MET A 76 
A 4 GLU A 88 ? ASP A 92 ? GLU A 79 ASP A 83 
# 
loop_
_pdbx_struct_sheet_hbond.sheet_id 
_pdbx_struct_sheet_hbond.range_id_1 
_pdbx_struct_sheet_hbond.range_id_2 
_pdbx_struct_sheet_hbond.range_1_label_atom_id 
_pdbx_struct_sheet_hbond.range_1_label_comp_id 
_pdbx_struct_sheet_hbond.range_1_label_asym_id 
_pdbx_struct_sheet_hbond.range_1_label_seq_id 
_pdbx_struct_sheet_hbond.range_1_PDB_ins_code 
_pdbx_struct_sheet_hbond.range_1_auth_atom_id 
_pdbx_struct_sheet_hbond.range_1_auth_comp_id 
_pdbx_struct_sheet_hbond.range_1_auth_asym_id 
_pdbx_struct_sheet_hbond.range_1_auth_seq_id 
_pdbx_struct_sheet_hbond.range_2_label_atom_id 
_pdbx_struct_sheet_hbond.range_2_label_comp_id 
_pdbx_struct_sheet_hbond.range_2_label_asym_id 
_pdbx_struct_sheet_hbond.range_2_label_seq_id 
_pdbx_struct_sheet_hbond.range_2_PDB_ins_code 
_pdbx_struct_sheet_hbond.range_2_auth_atom_id 
_pdbx_struct_sheet_hbond.range_2_auth_comp_id 
_pdbx_struct_sheet_hbond.range_2_auth_asym_id 
_pdbx_struct_sheet_hbond.range_2_auth_seq_id 
A 1 2 O LYS A 49 ? O LYS A 40 N VAL A 10 ? N VAL A 1  
A 2 3 N VAL A 11 ? N VAL A 2  O THR A 84 ? O THR A 75 
A 3 4 N ILE A 83 ? N ILE A 74 O ALA A 91 ? O ALA A 82 
# 
loop_
_pdbx_validate_torsion.id 
_pdbx_validate_torsion.PDB_model_num 
_pdbx_validate_torsion.auth_comp_id 
_pdbx_validate_torsion.auth_asym_id 
_pdbx_validate_torsion.auth_seq_id 
_pdbx_validate_torsion.PDB_ins_code 
_pdbx_validate_torsion.label_alt_id 
_pdbx_validate_torsion.phi 
_pdbx_validate_torsion.psi 
1 1 ILE A 46 ? ? -62.49  4.67   
2 1 THR A 47 ? ? -100.48 -70.30 
# 
_pdbx_SG_project.id                    1 
_pdbx_SG_project.project_name          'PSI, Protein Structure Initiative' 
_pdbx_SG_project.full_name_of_center   'Midwest Center for Structural Genomics' 
_pdbx_SG_project.initial_of_center     MCSG 
# 
loop_
_pdbx_unobs_or_zero_occ_residues.id 
_pdbx_unobs_or_zero_occ_residues.PDB_model_num 
_pdbx_unobs_or_zero_occ_residues.polymer_flag 
_pdbx_unobs_or_zero_occ_residues.occupancy_flag 
_pdbx_unobs_or_zero_occ_residues.auth_asym_id 
_pdbx_unobs_or_zero_occ_residues.auth_comp_id 
_pdbx_unobs_or_zero_occ_residues.auth_seq_id 
_pdbx_unobs_or_zero_occ_residues.PDB_ins_code 
_pdbx_unobs_or_zero_occ_residues.label_asym_id 
_pdbx_unobs_or_zero_occ_residues.label_comp_id 
_pdbx_unobs_or_zero_occ_residues.label_seq_id 
1 1 Y 1 A ASN 50 ? A ASN 59 
2 1 Y 1 A ASP 51 ? A ASP 60 
3 1 Y 1 A ASN 52 ? A ASN 61 
# 
loop_
_chem_comp_atom.comp_id 
_chem_comp_atom.atom_id 
_chem_comp_atom.type_symbol 
_chem_comp_atom.pdbx_aromatic_flag 
_chem_comp_atom.pdbx_stereo_config 
_chem_comp_atom.pdbx_ordinal 
ALA N    N N N 1   
ALA CA   C N S 2   
ALA C    C N N 3   
ALA O    O N N 4   
ALA CB   C N N 5   
ALA OXT  O N N 6   
ALA H    H N N 7   
ALA H2   H N N 8   
ALA HA   H N N 9   
ALA HB1  H N N 10  
ALA HB2  H N N 11  
ALA HB3  H N N 12  
ALA HXT  H N N 13  
ARG N    N N N 14  
ARG CA   C N S 15  
ARG C    C N N 16  
ARG O    O N N 17  
ARG CB   C N N 18  
ARG CG   C N N 19  
ARG CD   C N N 20  
ARG NE   N N N 21  
ARG CZ   C N N 22  
ARG NH1  N N N 23  
ARG NH2  N N N 24  
ARG OXT  O N N 25  
ARG H    H N N 26  
ARG H2   H N N 27  
ARG HA   H N N 28  
ARG HB2  H N N 29  
ARG HB3  H N N 30  
ARG HG2  H N N 31  
ARG HG3  H N N 32  
ARG HD2  H N N 33  
ARG HD3  H N N 34  
ARG HE   H N N 35  
ARG HH11 H N N 36  
ARG HH12 H N N 37  
ARG HH21 H N N 38  
ARG HH22 H N N 39  
ARG HXT  H N N 40  
ASN N    N N N 41  
ASN CA   C N S 42  
ASN C    C N N 43  
ASN O    O N N 44  
ASN CB   C N N 45  
ASN CG   C N N 46  
ASN OD1  O N N 47  
ASN ND2  N N N 48  
ASN OXT  O N N 49  
ASN H    H N N 50  
ASN H2   H N N 51  
ASN HA   H N N 52  
ASN HB2  H N N 53  
ASN HB3  H N N 54  
ASN HD21 H N N 55  
ASN HD22 H N N 56  
ASN HXT  H N N 57  
ASP N    N N N 58  
ASP CA   C N S 59  
ASP C    C N N 60  
ASP O    O N N 61  
ASP CB   C N N 62  
ASP CG   C N N 63  
ASP OD1  O N N 64  
ASP OD2  O N N 65  
ASP OXT  O N N 66  
ASP H    H N N 67  
ASP H2   H N N 68  
ASP HA   H N N 69  
ASP HB2  H N N 70  
ASP HB3  H N N 71  
ASP HD2  H N N 72  
ASP HXT  H N N 73  
CYS N    N N N 74  
CYS CA   C N R 75  
CYS C    C N N 76  
CYS O    O N N 77  
CYS CB   C N N 78  
CYS SG   S N N 79  
CYS OXT  O N N 80  
CYS H    H N N 81  
CYS H2   H N N 82  
CYS HA   H N N 83  
CYS HB2  H N N 84  
CYS HB3  H N N 85  
CYS HG   H N N 86  
CYS HXT  H N N 87  
GLN N    N N N 88  
GLN CA   C N S 89  
GLN C    C N N 90  
GLN O    O N N 91  
GLN CB   C N N 92  
GLN CG   C N N 93  
GLN CD   C N N 94  
GLN OE1  O N N 95  
GLN NE2  N N N 96  
GLN OXT  O N N 97  
GLN H    H N N 98  
GLN H2   H N N 99  
GLN HA   H N N 100 
GLN HB2  H N N 101 
GLN HB3  H N N 102 
GLN HG2  H N N 103 
GLN HG3  H N N 104 
GLN HE21 H N N 105 
GLN HE22 H N N 106 
GLN HXT  H N N 107 
GLU N    N N N 108 
GLU CA   C N S 109 
GLU C    C N N 110 
GLU O    O N N 111 
GLU CB   C N N 112 
GLU CG   C N N 113 
GLU CD   C N N 114 
GLU OE1  O N N 115 
GLU OE2  O N N 116 
GLU OXT  O N N 117 
GLU H    H N N 118 
GLU H2   H N N 119 
GLU HA   H N N 120 
GLU HB2  H N N 121 
GLU HB3  H N N 122 
GLU HG2  H N N 123 
GLU HG3  H N N 124 
GLU HE2  H N N 125 
GLU HXT  H N N 126 
GLY N    N N N 127 
GLY CA   C N N 128 
GLY C    C N N 129 
GLY O    O N N 130 
GLY OXT  O N N 131 
GLY H    H N N 132 
GLY H2   H N N 133 
GLY HA2  H N N 134 
GLY HA3  H N N 135 
GLY HXT  H N N 136 
HIS N    N N N 137 
HIS CA   C N S 138 
HIS C    C N N 139 
HIS O    O N N 140 
HIS CB   C N N 141 
HIS CG   C Y N 142 
HIS ND1  N Y N 143 
HIS CD2  C Y N 144 
HIS CE1  C Y N 145 
HIS NE2  N Y N 146 
HIS OXT  O N N 147 
HIS H    H N N 148 
HIS H2   H N N 149 
HIS HA   H N N 150 
HIS HB2  H N N 151 
HIS HB3  H N N 152 
HIS HD1  H N N 153 
HIS HD2  H N N 154 
HIS HE1  H N N 155 
HIS HE2  H N N 156 
HIS HXT  H N N 157 
HOH O    O N N 158 
HOH H1   H N N 159 
HOH H2   H N N 160 
ILE N    N N N 161 
ILE CA   C N S 162 
ILE C    C N N 163 
ILE O    O N N 164 
ILE CB   C N S 165 
ILE CG1  C N N 166 
ILE CG2  C N N 167 
ILE CD1  C N N 168 
ILE OXT  O N N 169 
ILE H    H N N 170 
ILE H2   H N N 171 
ILE HA   H N N 172 
ILE HB   H N N 173 
ILE HG12 H N N 174 
ILE HG13 H N N 175 
ILE HG21 H N N 176 
ILE HG22 H N N 177 
ILE HG23 H N N 178 
ILE HD11 H N N 179 
ILE HD12 H N N 180 
ILE HD13 H N N 181 
ILE HXT  H N N 182 
LEU N    N N N 183 
LEU CA   C N S 184 
LEU C    C N N 185 
LEU O    O N N 186 
LEU CB   C N N 187 
LEU CG   C N N 188 
LEU CD1  C N N 189 
LEU CD2  C N N 190 
LEU OXT  O N N 191 
LEU H    H N N 192 
LEU H2   H N N 193 
LEU HA   H N N 194 
LEU HB2  H N N 195 
LEU HB3  H N N 196 
LEU HG   H N N 197 
LEU HD11 H N N 198 
LEU HD12 H N N 199 
LEU HD13 H N N 200 
LEU HD21 H N N 201 
LEU HD22 H N N 202 
LEU HD23 H N N 203 
LEU HXT  H N N 204 
LYS N    N N N 205 
LYS CA   C N S 206 
LYS C    C N N 207 
LYS O    O N N 208 
LYS CB   C N N 209 
LYS CG   C N N 210 
LYS CD   C N N 211 
LYS CE   C N N 212 
LYS NZ   N N N 213 
LYS OXT  O N N 214 
LYS H    H N N 215 
LYS H2   H N N 216 
LYS HA   H N N 217 
LYS HB2  H N N 218 
LYS HB3  H N N 219 
LYS HG2  H N N 220 
LYS HG3  H N N 221 
LYS HD2  H N N 222 
LYS HD3  H N N 223 
LYS HE2  H N N 224 
LYS HE3  H N N 225 
LYS HZ1  H N N 226 
LYS HZ2  H N N 227 
LYS HZ3  H N N 228 
LYS HXT  H N N 229 
MET N    N N N 230 
MET CA   C N S 231 
MET C    C N N 232 
MET O    O N N 233 
MET CB   C N N 234 
MET CG   C N N 235 
MET SD   S N N 236 
MET CE   C N N 237 
MET OXT  O N N 238 
MET H    H N N 239 
MET H2   H N N 240 
MET HA   H N N 241 
MET HB2  H N N 242 
MET HB3  H N N 243 
MET HG2  H N N 244 
MET HG3  H N N 245 
MET HE1  H N N 246 
MET HE2  H N N 247 
MET HE3  H N N 248 
MET HXT  H N N 249 
PHE N    N N N 250 
PHE CA   C N S 251 
PHE C    C N N 252 
PHE O    O N N 253 
PHE CB   C N N 254 
PHE CG   C Y N 255 
PHE CD1  C Y N 256 
PHE CD2  C Y N 257 
PHE CE1  C Y N 258 
PHE CE2  C Y N 259 
PHE CZ   C Y N 260 
PHE OXT  O N N 261 
PHE H    H N N 262 
PHE H2   H N N 263 
PHE HA   H N N 264 
PHE HB2  H N N 265 
PHE HB3  H N N 266 
PHE HD1  H N N 267 
PHE HD2  H N N 268 
PHE HE1  H N N 269 
PHE HE2  H N N 270 
PHE HZ   H N N 271 
PHE HXT  H N N 272 
PRO N    N N N 273 
PRO CA   C N S 274 
PRO C    C N N 275 
PRO O    O N N 276 
PRO CB   C N N 277 
PRO CG   C N N 278 
PRO CD   C N N 279 
PRO OXT  O N N 280 
PRO H    H N N 281 
PRO HA   H N N 282 
PRO HB2  H N N 283 
PRO HB3  H N N 284 
PRO HG2  H N N 285 
PRO HG3  H N N 286 
PRO HD2  H N N 287 
PRO HD3  H N N 288 
PRO HXT  H N N 289 
SER N    N N N 290 
SER CA   C N S 291 
SER C    C N N 292 
SER O    O N N 293 
SER CB   C N N 294 
SER OG   O N N 295 
SER OXT  O N N 296 
SER H    H N N 297 
SER H2   H N N 298 
SER HA   H N N 299 
SER HB2  H N N 300 
SER HB3  H N N 301 
SER HG   H N N 302 
SER HXT  H N N 303 
THR N    N N N 304 
THR CA   C N S 305 
THR C    C N N 306 
THR O    O N N 307 
THR CB   C N R 308 
THR OG1  O N N 309 
THR CG2  C N N 310 
THR OXT  O N N 311 
THR H    H N N 312 
THR H2   H N N 313 
THR HA   H N N 314 
THR HB   H N N 315 
THR HG1  H N N 316 
THR HG21 H N N 317 
THR HG22 H N N 318 
THR HG23 H N N 319 
THR HXT  H N N 320 
TRP N    N N N 321 
TRP CA   C N S 322 
TRP C    C N N 323 
TRP O    O N N 324 
TRP CB   C N N 325 
TRP CG   C Y N 326 
TRP CD1  C Y N 327 
TRP CD2  C Y N 328 
TRP NE1  N Y N 329 
TRP CE2  C Y N 330 
TRP CE3  C Y N 331 
TRP CZ2  C Y N 332 
TRP CZ3  C Y N 333 
TRP CH2  C Y N 334 
TRP OXT  O N N 335 
TRP H    H N N 336 
TRP H2   H N N 337 
TRP HA   H N N 338 
TRP HB2  H N N 339 
TRP HB3  H N N 340 
TRP HD1  H N N 341 
TRP HE1  H N N 342 
TRP HE3  H N N 343 
TRP HZ2  H N N 344 
TRP HZ3  H N N 345 
TRP HH2  H N N 346 
TRP HXT  H N N 347 
TYR N    N N N 348 
TYR CA   C N S 349 
TYR C    C N N 350 
TYR O    O N N 351 
TYR CB   C N N 352 
TYR CG   C Y N 353 
TYR CD1  C Y N 354 
TYR CD2  C Y N 355 
TYR CE1  C Y N 356 
TYR CE2  C Y N 357 
TYR CZ   C Y N 358 
TYR OH   O N N 359 
TYR OXT  O N N 360 
TYR H    H N N 361 
TYR H2   H N N 362 
TYR HA   H N N 363 
TYR HB2  H N N 364 
TYR HB3  H N N 365 
TYR HD1  H N N 366 
TYR HD2  H N N 367 
TYR HE1  H N N 368 
TYR HE2  H N N 369 
TYR HH   H N N 370 
TYR HXT  H N N 371 
VAL N    N N N 372 
VAL CA   C N S 373 
VAL C    C N N 374 
VAL O    O N N 375 
VAL CB   C N N 376 
VAL CG1  C N N 377 
VAL CG2  C N N 378 
VAL OXT  O N N 379 
VAL H    H N N 380 
VAL H2   H N N 381 
VAL HA   H N N 382 
VAL HB   H N N 383 
VAL HG11 H N N 384 
VAL HG12 H N N 385 
VAL HG13 H N N 386 
VAL HG21 H N N 387 
VAL HG22 H N N 388 
VAL HG23 H N N 389 
VAL HXT  H N N 390 
# 
loop_
_chem_comp_bond.comp_id 
_chem_comp_bond.atom_id_1 
_chem_comp_bond.atom_id_2 
_chem_comp_bond.value_order 
_chem_comp_bond.pdbx_aromatic_flag 
_chem_comp_bond.pdbx_stereo_config 
_chem_comp_bond.pdbx_ordinal 
ALA N   CA   sing N N 1   
ALA N   H    sing N N 2   
ALA N   H2   sing N N 3   
ALA CA  C    sing N N 4   
ALA CA  CB   sing N N 5   
ALA CA  HA   sing N N 6   
ALA C   O    doub N N 7   
ALA C   OXT  sing N N 8   
ALA CB  HB1  sing N N 9   
ALA CB  HB2  sing N N 10  
ALA CB  HB3  sing N N 11  
ALA OXT HXT  sing N N 12  
ARG N   CA   sing N N 13  
ARG N   H    sing N N 14  
ARG N   H2   sing N N 15  
ARG CA  C    sing N N 16  
ARG CA  CB   sing N N 17  
ARG CA  HA   sing N N 18  
ARG C   O    doub N N 19  
ARG C   OXT  sing N N 20  
ARG CB  CG   sing N N 21  
ARG CB  HB2  sing N N 22  
ARG CB  HB3  sing N N 23  
ARG CG  CD   sing N N 24  
ARG CG  HG2  sing N N 25  
ARG CG  HG3  sing N N 26  
ARG CD  NE   sing N N 27  
ARG CD  HD2  sing N N 28  
ARG CD  HD3  sing N N 29  
ARG NE  CZ   sing N N 30  
ARG NE  HE   sing N N 31  
ARG CZ  NH1  sing N N 32  
ARG CZ  NH2  doub N N 33  
ARG NH1 HH11 sing N N 34  
ARG NH1 HH12 sing N N 35  
ARG NH2 HH21 sing N N 36  
ARG NH2 HH22 sing N N 37  
ARG OXT HXT  sing N N 38  
ASN N   CA   sing N N 39  
ASN N   H    sing N N 40  
ASN N   H2   sing N N 41  
ASN CA  C    sing N N 42  
ASN CA  CB   sing N N 43  
ASN CA  HA   sing N N 44  
ASN C   O    doub N N 45  
ASN C   OXT  sing N N 46  
ASN CB  CG   sing N N 47  
ASN CB  HB2  sing N N 48  
ASN CB  HB3  sing N N 49  
ASN CG  OD1  doub N N 50  
ASN CG  ND2  sing N N 51  
ASN ND2 HD21 sing N N 52  
ASN ND2 HD22 sing N N 53  
ASN OXT HXT  sing N N 54  
ASP N   CA   sing N N 55  
ASP N   H    sing N N 56  
ASP N   H2   sing N N 57  
ASP CA  C    sing N N 58  
ASP CA  CB   sing N N 59  
ASP CA  HA   sing N N 60  
ASP C   O    doub N N 61  
ASP C   OXT  sing N N 62  
ASP CB  CG   sing N N 63  
ASP CB  HB2  sing N N 64  
ASP CB  HB3  sing N N 65  
ASP CG  OD1  doub N N 66  
ASP CG  OD2  sing N N 67  
ASP OD2 HD2  sing N N 68  
ASP OXT HXT  sing N N 69  
CYS N   CA   sing N N 70  
CYS N   H    sing N N 71  
CYS N   H2   sing N N 72  
CYS CA  C    sing N N 73  
CYS CA  CB   sing N N 74  
CYS CA  HA   sing N N 75  
CYS C   O    doub N N 76  
CYS C   OXT  sing N N 77  
CYS CB  SG   sing N N 78  
CYS CB  HB2  sing N N 79  
CYS CB  HB3  sing N N 80  
CYS SG  HG   sing N N 81  
CYS OXT HXT  sing N N 82  
GLN N   CA   sing N N 83  
GLN N   H    sing N N 84  
GLN N   H2   sing N N 85  
GLN CA  C    sing N N 86  
GLN CA  CB   sing N N 87  
GLN CA  HA   sing N N 88  
GLN C   O    doub N N 89  
GLN C   OXT  sing N N 90  
GLN CB  CG   sing N N 91  
GLN CB  HB2  sing N N 92  
GLN CB  HB3  sing N N 93  
GLN CG  CD   sing N N 94  
GLN CG  HG2  sing N N 95  
GLN CG  HG3  sing N N 96  
GLN CD  OE1  doub N N 97  
GLN CD  NE2  sing N N 98  
GLN NE2 HE21 sing N N 99  
GLN NE2 HE22 sing N N 100 
GLN OXT HXT  sing N N 101 
GLU N   CA   sing N N 102 
GLU N   H    sing N N 103 
GLU N   H2   sing N N 104 
GLU CA  C    sing N N 105 
GLU CA  CB   sing N N 106 
GLU CA  HA   sing N N 107 
GLU C   O    doub N N 108 
GLU C   OXT  sing N N 109 
GLU CB  CG   sing N N 110 
GLU CB  HB2  sing N N 111 
GLU CB  HB3  sing N N 112 
GLU CG  CD   sing N N 113 
GLU CG  HG2  sing N N 114 
GLU CG  HG3  sing N N 115 
GLU CD  OE1  doub N N 116 
GLU CD  OE2  sing N N 117 
GLU OE2 HE2  sing N N 118 
GLU OXT HXT  sing N N 119 
GLY N   CA   sing N N 120 
GLY N   H    sing N N 121 
GLY N   H2   sing N N 122 
GLY CA  C    sing N N 123 
GLY CA  HA2  sing N N 124 
GLY CA  HA3  sing N N 125 
GLY C   O    doub N N 126 
GLY C   OXT  sing N N 127 
GLY OXT HXT  sing N N 128 
HIS N   CA   sing N N 129 
HIS N   H    sing N N 130 
HIS N   H2   sing N N 131 
HIS CA  C    sing N N 132 
HIS CA  CB   sing N N 133 
HIS CA  HA   sing N N 134 
HIS C   O    doub N N 135 
HIS C   OXT  sing N N 136 
HIS CB  CG   sing N N 137 
HIS CB  HB2  sing N N 138 
HIS CB  HB3  sing N N 139 
HIS CG  ND1  sing Y N 140 
HIS CG  CD2  doub Y N 141 
HIS ND1 CE1  doub Y N 142 
HIS ND1 HD1  sing N N 143 
HIS CD2 NE2  sing Y N 144 
HIS CD2 HD2  sing N N 145 
HIS CE1 NE2  sing Y N 146 
HIS CE1 HE1  sing N N 147 
HIS NE2 HE2  sing N N 148 
HIS OXT HXT  sing N N 149 
HOH O   H1   sing N N 150 
HOH O   H2   sing N N 151 
ILE N   CA   sing N N 152 
ILE N   H    sing N N 153 
ILE N   H2   sing N N 154 
ILE CA  C    sing N N 155 
ILE CA  CB   sing N N 156 
ILE CA  HA   sing N N 157 
ILE C   O    doub N N 158 
ILE C   OXT  sing N N 159 
ILE CB  CG1  sing N N 160 
ILE CB  CG2  sing N N 161 
ILE CB  HB   sing N N 162 
ILE CG1 CD1  sing N N 163 
ILE CG1 HG12 sing N N 164 
ILE CG1 HG13 sing N N 165 
ILE CG2 HG21 sing N N 166 
ILE CG2 HG22 sing N N 167 
ILE CG2 HG23 sing N N 168 
ILE CD1 HD11 sing N N 169 
ILE CD1 HD12 sing N N 170 
ILE CD1 HD13 sing N N 171 
ILE OXT HXT  sing N N 172 
LEU N   CA   sing N N 173 
LEU N   H    sing N N 174 
LEU N   H2   sing N N 175 
LEU CA  C    sing N N 176 
LEU CA  CB   sing N N 177 
LEU CA  HA   sing N N 178 
LEU C   O    doub N N 179 
LEU C   OXT  sing N N 180 
LEU CB  CG   sing N N 181 
LEU CB  HB2  sing N N 182 
LEU CB  HB3  sing N N 183 
LEU CG  CD1  sing N N 184 
LEU CG  CD2  sing N N 185 
LEU CG  HG   sing N N 186 
LEU CD1 HD11 sing N N 187 
LEU CD1 HD12 sing N N 188 
LEU CD1 HD13 sing N N 189 
LEU CD2 HD21 sing N N 190 
LEU CD2 HD22 sing N N 191 
LEU CD2 HD23 sing N N 192 
LEU OXT HXT  sing N N 193 
LYS N   CA   sing N N 194 
LYS N   H    sing N N 195 
LYS N   H2   sing N N 196 
LYS CA  C    sing N N 197 
LYS CA  CB   sing N N 198 
LYS CA  HA   sing N N 199 
LYS C   O    doub N N 200 
LYS C   OXT  sing N N 201 
LYS CB  CG   sing N N 202 
LYS CB  HB2  sing N N 203 
LYS CB  HB3  sing N N 204 
LYS CG  CD   sing N N 205 
LYS CG  HG2  sing N N 206 
LYS CG  HG3  sing N N 207 
LYS CD  CE   sing N N 208 
LYS CD  HD2  sing N N 209 
LYS CD  HD3  sing N N 210 
LYS CE  NZ   sing N N 211 
LYS CE  HE2  sing N N 212 
LYS CE  HE3  sing N N 213 
LYS NZ  HZ1  sing N N 214 
LYS NZ  HZ2  sing N N 215 
LYS NZ  HZ3  sing N N 216 
LYS OXT HXT  sing N N 217 
MET N   CA   sing N N 218 
MET N   H    sing N N 219 
MET N   H2   sing N N 220 
MET CA  C    sing N N 221 
MET CA  CB   sing N N 222 
MET CA  HA   sing N N 223 
MET C   O    doub N N 224 
MET C   OXT  sing N N 225 
MET CB  CG   sing N N 226 
MET CB  HB2  sing N N 227 
MET CB  HB3  sing N N 228 
MET CG  SD   sing N N 229 
MET CG  HG2  sing N N 230 
MET CG  HG3  sing N N 231 
MET SD  CE   sing N N 232 
MET CE  HE1  sing N N 233 
MET CE  HE2  sing N N 234 
MET CE  HE3  sing N N 235 
MET OXT HXT  sing N N 236 
PHE N   CA   sing N N 237 
PHE N   H    sing N N 238 
PHE N   H2   sing N N 239 
PHE CA  C    sing N N 240 
PHE CA  CB   sing N N 241 
PHE CA  HA   sing N N 242 
PHE C   O    doub N N 243 
PHE C   OXT  sing N N 244 
PHE CB  CG   sing N N 245 
PHE CB  HB2  sing N N 246 
PHE CB  HB3  sing N N 247 
PHE CG  CD1  doub Y N 248 
PHE CG  CD2  sing Y N 249 
PHE CD1 CE1  sing Y N 250 
PHE CD1 HD1  sing N N 251 
PHE CD2 CE2  doub Y N 252 
PHE CD2 HD2  sing N N 253 
PHE CE1 CZ   doub Y N 254 
PHE CE1 HE1  sing N N 255 
PHE CE2 CZ   sing Y N 256 
PHE CE2 HE2  sing N N 257 
PHE CZ  HZ   sing N N 258 
PHE OXT HXT  sing N N 259 
PRO N   CA   sing N N 260 
PRO N   CD   sing N N 261 
PRO N   H    sing N N 262 
PRO CA  C    sing N N 263 
PRO CA  CB   sing N N 264 
PRO CA  HA   sing N N 265 
PRO C   O    doub N N 266 
PRO C   OXT  sing N N 267 
PRO CB  CG   sing N N 268 
PRO CB  HB2  sing N N 269 
PRO CB  HB3  sing N N 270 
PRO CG  CD   sing N N 271 
PRO CG  HG2  sing N N 272 
PRO CG  HG3  sing N N 273 
PRO CD  HD2  sing N N 274 
PRO CD  HD3  sing N N 275 
PRO OXT HXT  sing N N 276 
SER N   CA   sing N N 277 
SER N   H    sing N N 278 
SER N   H2   sing N N 279 
SER CA  C    sing N N 280 
SER CA  CB   sing N N 281 
SER CA  HA   sing N N 282 
SER C   O    doub N N 283 
SER C   OXT  sing N N 284 
SER CB  OG   sing N N 285 
SER CB  HB2  sing N N 286 
SER CB  HB3  sing N N 287 
SER OG  HG   sing N N 288 
SER OXT HXT  sing N N 289 
THR N   CA   sing N N 290 
THR N   H    sing N N 291 
THR N   H2   sing N N 292 
THR CA  C    sing N N 293 
THR CA  CB   sing N N 294 
THR CA  HA   sing N N 295 
THR C   O    doub N N 296 
THR C   OXT  sing N N 297 
THR CB  OG1  sing N N 298 
THR CB  CG2  sing N N 299 
THR CB  HB   sing N N 300 
THR OG1 HG1  sing N N 301 
THR CG2 HG21 sing N N 302 
THR CG2 HG22 sing N N 303 
THR CG2 HG23 sing N N 304 
THR OXT HXT  sing N N 305 
TRP N   CA   sing N N 306 
TRP N   H    sing N N 307 
TRP N   H2   sing N N 308 
TRP CA  C    sing N N 309 
TRP CA  CB   sing N N 310 
TRP CA  HA   sing N N 311 
TRP C   O    doub N N 312 
TRP C   OXT  sing N N 313 
TRP CB  CG   sing N N 314 
TRP CB  HB2  sing N N 315 
TRP CB  HB3  sing N N 316 
TRP CG  CD1  doub Y N 317 
TRP CG  CD2  sing Y N 318 
TRP CD1 NE1  sing Y N 319 
TRP CD1 HD1  sing N N 320 
TRP CD2 CE2  doub Y N 321 
TRP CD2 CE3  sing Y N 322 
TRP NE1 CE2  sing Y N 323 
TRP NE1 HE1  sing N N 324 
TRP CE2 CZ2  sing Y N 325 
TRP CE3 CZ3  doub Y N 326 
TRP CE3 HE3  sing N N 327 
TRP CZ2 CH2  doub Y N 328 
TRP CZ2 HZ2  sing N N 329 
TRP CZ3 CH2  sing Y N 330 
TRP CZ3 HZ3  sing N N 331 
TRP CH2 HH2  sing N N 332 
TRP OXT HXT  sing N N 333 
TYR N   CA   sing N N 334 
TYR N   H    sing N N 335 
TYR N   H2   sing N N 336 
TYR CA  C    sing N N 337 
TYR CA  CB   sing N N 338 
TYR CA  HA   sing N N 339 
TYR C   O    doub N N 340 
TYR C   OXT  sing N N 341 
TYR CB  CG   sing N N 342 
TYR CB  HB2  sing N N 343 
TYR CB  HB3  sing N N 344 
TYR CG  CD1  doub Y N 345 
TYR CG  CD2  sing Y N 346 
TYR CD1 CE1  sing Y N 347 
TYR CD1 HD1  sing N N 348 
TYR CD2 CE2  doub Y N 349 
TYR CD2 HD2  sing N N 350 
TYR CE1 CZ   doub Y N 351 
TYR CE1 HE1  sing N N 352 
TYR CE2 CZ   sing Y N 353 
TYR CE2 HE2  sing N N 354 
TYR CZ  OH   sing N N 355 
TYR OH  HH   sing N N 356 
TYR OXT HXT  sing N N 357 
VAL N   CA   sing N N 358 
VAL N   H    sing N N 359 
VAL N   H2   sing N N 360 
VAL CA  C    sing N N 361 
VAL CA  CB   sing N N 362 
VAL CA  HA   sing N N 363 
VAL C   O    doub N N 364 
VAL C   OXT  sing N N 365 
VAL CB  CG1  sing N N 366 
VAL CB  CG2  sing N N 367 
VAL CB  HB   sing N N 368 
VAL CG1 HG11 sing N N 369 
VAL CG1 HG12 sing N N 370 
VAL CG1 HG13 sing N N 371 
VAL CG2 HG21 sing N N 372 
VAL CG2 HG22 sing N N 373 
VAL CG2 HG23 sing N N 374 
VAL OXT HXT  sing N N 375 
# 
_atom_sites.entry_id                    1XG8 
_atom_sites.fract_transf_matrix[1][1]   0.00006872 
_atom_sites.fract_transf_matrix[1][2]   -0.02378312 
_atom_sites.fract_transf_matrix[1][3]   -0.00492107 
_atom_sites.fract_transf_matrix[2][1]   -0.01097103 
_atom_sites.fract_transf_matrix[2][2]   -0.00442078 
_atom_sites.fract_transf_matrix[2][3]   0.02121206 
_atom_sites.fract_transf_matrix[3][1]   -0.00698556 
_atom_sites.fract_transf_matrix[3][2]   0.00069732 
_atom_sites.fract_transf_matrix[3][3]   -0.00346765 
_atom_sites.fract_transf_vector[1]      0.248294 
_atom_sites.fract_transf_vector[2]      0.451190 
_atom_sites.fract_transf_vector[3]      0.299782 
# 
loop_
_atom_type.symbol 
C 
N 
O 
S 
# 
loop_
_atom_site.group_PDB 
_atom_site.id 
_atom_site.type_symbol 
_atom_site.label_atom_id 
_atom_site.label_alt_id 
_atom_site.label_comp_id 
_atom_site.label_asym_id 
_atom_site.label_entity_id 
_atom_site.label_seq_id 
_atom_site.pdbx_PDB_ins_code 
_atom_site.Cartn_x 
_atom_site.Cartn_y 
_atom_site.Cartn_z 
_atom_site.occupancy 
_atom_site.B_iso_or_equiv 
_atom_site.pdbx_formal_charge 
_atom_site.auth_seq_id 
_atom_site.auth_comp_id 
_atom_site.auth_asym_id 
_atom_site.auth_atom_id 
_atom_site.pdbx_PDB_model_num 
ATOM   1   N N   . ALA A 1 1   ? 15.128  -11.845 -4.984  1.00 35.72 ? -8  ALA A N   1 
ATOM   2   C CA  . ALA A 1 1   ? 14.320  -10.749 -5.594  1.00 34.28 ? -8  ALA A CA  1 
ATOM   3   C C   . ALA A 1 1   ? 15.068  -9.414  -5.512  1.00 34.05 ? -8  ALA A C   1 
ATOM   4   O O   . ALA A 1 1   ? 15.842  -9.177  -4.573  1.00 34.30 ? -8  ALA A O   1 
ATOM   5   C CB  . ALA A 1 1   ? 12.986  -10.647 -4.880  1.00 34.79 ? -8  ALA A CB  1 
ATOM   6   N N   . ASN A 1 2   ? 14.841  -8.557  -6.508  1.00 32.93 ? -7  ASN A N   1 
ATOM   7   C CA  . ASN A 1 2   ? 15.475  -7.239  -6.591  1.00 30.02 ? -7  ASN A CA  1 
ATOM   8   C C   . ASN A 1 2   ? 14.482  -6.222  -7.141  1.00 28.59 ? -7  ASN A C   1 
ATOM   9   O O   . ASN A 1 2   ? 13.827  -6.480  -8.157  1.00 27.98 ? -7  ASN A O   1 
ATOM   10  C CB  . ASN A 1 2   ? 16.676  -7.277  -7.526  1.00 29.32 ? -7  ASN A CB  1 
ATOM   11  C CG  . ASN A 1 2   ? 17.465  -6.000  -7.484  1.00 29.69 ? -7  ASN A CG  1 
ATOM   12  O OD1 . ASN A 1 2   ? 18.423  -5.890  -6.733  1.00 31.89 ? -7  ASN A OD1 1 
ATOM   13  N ND2 . ASN A 1 2   ? 17.055  -5.017  -8.269  1.00 28.99 ? -7  ASN A ND2 1 
ATOM   14  N N   . LEU A 1 3   ? 14.388  -5.064  -6.494  1.00 26.42 ? -6  LEU A N   1 
ATOM   15  C CA  . LEU A 1 3   ? 13.454  -4.032  -6.929  1.00 26.59 ? -6  LEU A CA  1 
ATOM   16  C C   . LEU A 1 3   ? 13.631  -3.556  -8.370  1.00 26.80 ? -6  LEU A C   1 
ATOM   17  O O   . LEU A 1 3   ? 12.667  -3.102  -8.991  1.00 26.95 ? -6  LEU A O   1 
ATOM   18  C CB  . LEU A 1 3   ? 13.520  -2.816  -5.994  1.00 28.17 ? -6  LEU A CB  1 
ATOM   19  C CG  . LEU A 1 3   ? 12.870  -2.936  -4.609  1.00 29.42 ? -6  LEU A CG  1 
ATOM   20  C CD1 . LEU A 1 3   ? 13.007  -1.619  -3.861  1.00 27.95 ? -6  LEU A CD1 1 
ATOM   21  C CD2 . LEU A 1 3   ? 11.395  -3.320  -4.765  1.00 28.62 ? -6  LEU A CD2 1 
ATOM   22  N N   . TYR A 1 4   ? 14.846  -3.662  -8.906  1.00 26.54 ? -5  TYR A N   1 
ATOM   23  C CA  . TYR A 1 4   ? 15.127  -3.195  -10.270 1.00 25.57 ? -5  TYR A CA  1 
ATOM   24  C C   . TYR A 1 4   ? 14.847  -4.177  -11.413 1.00 25.28 ? -5  TYR A C   1 
ATOM   25  O O   . TYR A 1 4   ? 14.791  -3.772  -12.574 1.00 25.61 ? -5  TYR A O   1 
ATOM   26  C CB  . TYR A 1 4   ? 16.580  -2.712  -10.350 1.00 25.01 ? -5  TYR A CB  1 
ATOM   27  C CG  . TYR A 1 4   ? 16.848  -1.489  -9.501  1.00 25.05 ? -5  TYR A CG  1 
ATOM   28  C CD1 . TYR A 1 4   ? 16.263  -0.263  -9.811  1.00 24.27 ? -5  TYR A CD1 1 
ATOM   29  C CD2 . TYR A 1 4   ? 17.650  -1.566  -8.363  1.00 24.80 ? -5  TYR A CD2 1 
ATOM   30  C CE1 . TYR A 1 4   ? 16.460  0.854   -9.021  1.00 25.22 ? -5  TYR A CE1 1 
ATOM   31  C CE2 . TYR A 1 4   ? 17.855  -0.449  -7.558  1.00 25.75 ? -5  TYR A CE2 1 
ATOM   32  C CZ  . TYR A 1 4   ? 17.253  0.760   -7.896  1.00 26.45 ? -5  TYR A CZ  1 
ATOM   33  O OH  . TYR A 1 4   ? 17.445  1.877   -7.116  1.00 27.89 ? -5  TYR A OH  1 
ATOM   34  N N   . PHE A 1 5   ? 14.656  -5.454  -11.093 1.00 24.72 ? -4  PHE A N   1 
ATOM   35  C CA  . PHE A 1 5   ? 14.408  -6.453  -12.125 1.00 24.95 ? -4  PHE A CA  1 
ATOM   36  C C   . PHE A 1 5   ? 13.032  -6.419  -12.764 1.00 24.49 ? -4  PHE A C   1 
ATOM   37  O O   . PHE A 1 5   ? 12.843  -7.000  -13.823 1.00 23.40 ? -4  PHE A O   1 
ATOM   38  C CB  . PHE A 1 5   ? 14.652  -7.866  -11.583 1.00 25.97 ? -4  PHE A CB  1 
ATOM   39  C CG  . PHE A 1 5   ? 16.104  -8.223  -11.416 1.00 27.49 ? -4  PHE A CG  1 
ATOM   40  C CD1 . PHE A 1 5   ? 17.043  -7.862  -12.382 1.00 28.08 ? -4  PHE A CD1 1 
ATOM   41  C CD2 . PHE A 1 5   ? 16.526  -8.970  -10.320 1.00 27.84 ? -4  PHE A CD2 1 
ATOM   42  C CE1 . PHE A 1 5   ? 18.383  -8.240  -12.263 1.00 29.44 ? -4  PHE A CE1 1 
ATOM   43  C CE2 . PHE A 1 5   ? 17.863  -9.357  -10.189 1.00 29.61 ? -4  PHE A CE2 1 
ATOM   44  C CZ  . PHE A 1 5   ? 18.794  -8.993  -11.161 1.00 29.26 ? -4  PHE A CZ  1 
ATOM   45  N N   . GLN A 1 6   ? 12.065  -5.755  -12.133 1.00 26.50 ? -3  GLN A N   1 
ATOM   46  C CA  . GLN A 1 6   ? 10.706  -5.696  -12.699 1.00 27.52 ? -3  GLN A CA  1 
ATOM   47  C C   . GLN A 1 6   ? 9.858   -4.571  -12.118 1.00 28.24 ? -3  GLN A C   1 
ATOM   48  O O   . GLN A 1 6   ? 10.219  -3.992  -11.094 1.00 30.13 ? -3  GLN A O   1 
ATOM   49  C CB  . GLN A 1 6   ? 9.983   -7.016  -12.453 1.00 26.07 ? -3  GLN A CB  1 
ATOM   50  C CG  . GLN A 1 6   ? 9.654   -7.281  -10.985 1.00 27.61 ? -3  GLN A CG  1 
ATOM   51  C CD  . GLN A 1 6   ? 10.884  -7.355  -10.087 1.00 27.24 ? -3  GLN A CD  1 
ATOM   52  O OE1 . GLN A 1 6   ? 11.203  -6.411  -9.364  1.00 27.47 ? -3  GLN A OE1 1 
ATOM   53  N NE2 . GLN A 1 6   ? 11.583  -8.482  -10.136 1.00 27.68 ? -3  GLN A NE2 1 
ATOM   54  N N   . SER A 1 7   ? 8.738   -4.254  -12.767 1.00 27.37 ? -2  SER A N   1 
ATOM   55  C CA  . SER A 1 7   ? 7.852   -3.208  -12.249 1.00 28.48 ? -2  SER A CA  1 
ATOM   56  C C   . SER A 1 7   ? 7.215   -3.728  -10.966 1.00 26.89 ? -2  SER A C   1 
ATOM   57  O O   . SER A 1 7   ? 6.618   -4.805  -10.938 1.00 26.95 ? -2  SER A O   1 
ATOM   58  C CB  . SER A 1 7   ? 6.771   -2.838  -13.270 1.00 29.09 ? -2  SER A CB  1 
ATOM   59  O OG  . SER A 1 7   ? 7.316   -2.037  -14.310 1.00 33.58 ? -2  SER A OG  1 
ATOM   60  N N   . ASN A 1 8   ? 7.346   -2.950  -9.901  1.00 26.64 ? -1  ASN A N   1 
ATOM   61  C CA  . ASN A 1 8   ? 6.835   -3.351  -8.595  1.00 24.73 ? -1  ASN A CA  1 
ATOM   62  C C   . ASN A 1 8   ? 5.359   -3.076  -8.326  1.00 23.49 ? -1  ASN A C   1 
ATOM   63  O O   . ASN A 1 8   ? 4.902   -1.941  -8.439  1.00 23.95 ? -1  ASN A O   1 
ATOM   64  C CB  . ASN A 1 8   ? 7.714   -2.716  -7.518  1.00 22.37 ? -1  ASN A CB  1 
ATOM   65  C CG  . ASN A 1 8   ? 9.169   -3.124  -7.662  1.00 20.65 ? -1  ASN A CG  1 
ATOM   66  O OD1 . ASN A 1 8   ? 10.025  -2.336  -8.092  1.00 18.39 ? -1  ASN A OD1 1 
ATOM   67  N ND2 . ASN A 1 8   ? 9.453   -4.380  -7.328  1.00 16.90 ? -1  ASN A ND2 1 
ATOM   68  N N   . ALA A 1 9   ? 4.635   -4.134  -7.951  1.00 23.16 ? 0   ALA A N   1 
ATOM   69  C CA  . ALA A 1 9   ? 3.200   -4.073  -7.661  1.00 22.70 ? 0   ALA A CA  1 
ATOM   70  C C   . ALA A 1 9   ? 2.875   -3.420  -6.329  1.00 22.46 ? 0   ALA A C   1 
ATOM   71  O O   . ALA A 1 9   ? 3.078   -4.011  -5.268  1.00 20.73 ? 0   ALA A O   1 
ATOM   72  C CB  . ALA A 1 9   ? 2.598   -5.469  -7.694  1.00 21.59 ? 0   ALA A CB  1 
ATOM   73  N N   . VAL A 1 10  ? 2.351   -2.203  -6.408  1.00 20.82 ? 1   VAL A N   1 
ATOM   74  C CA  . VAL A 1 10  ? 1.969   -1.442  -5.238  1.00 20.49 ? 1   VAL A CA  1 
ATOM   75  C C   . VAL A 1 10  ? 0.453   -1.400  -5.169  1.00 21.33 ? 1   VAL A C   1 
ATOM   76  O O   . VAL A 1 10  ? -0.201  -0.895  -6.083  1.00 22.25 ? 1   VAL A O   1 
ATOM   77  C CB  . VAL A 1 10  ? 2.492   -0.007  -5.330  1.00 19.57 ? 1   VAL A CB  1 
ATOM   78  C CG1 . VAL A 1 10  ? 2.017   0.798   -4.133  1.00 18.91 ? 1   VAL A CG1 1 
ATOM   79  C CG2 . VAL A 1 10  ? 4.008   -0.025  -5.415  1.00 19.26 ? 1   VAL A CG2 1 
ATOM   80  N N   . VAL A 1 11  ? -0.113  -1.936  -4.094  1.00 20.85 ? 2   VAL A N   1 
ATOM   81  C CA  . VAL A 1 11  ? -1.562  -1.935  -3.944  1.00 20.38 ? 2   VAL A CA  1 
ATOM   82  C C   . VAL A 1 11  ? -2.023  -1.201  -2.694  1.00 19.35 ? 2   VAL A C   1 
ATOM   83  O O   . VAL A 1 11  ? -1.326  -1.165  -1.673  1.00 18.64 ? 2   VAL A O   1 
ATOM   84  C CB  . VAL A 1 11  ? -2.132  -3.381  -3.902  1.00 20.28 ? 2   VAL A CB  1 
ATOM   85  C CG1 . VAL A 1 11  ? -3.655  -3.353  -3.825  1.00 18.65 ? 2   VAL A CG1 1 
ATOM   86  C CG2 . VAL A 1 11  ? -1.691  -4.144  -5.133  1.00 22.16 ? 2   VAL A CG2 1 
ATOM   87  N N   . VAL A 1 12  ? -3.192  -0.586  -2.811  1.00 19.43 ? 3   VAL A N   1 
ATOM   88  C CA  . VAL A 1 12  ? -3.828  0.113   -1.706  1.00 19.93 ? 3   VAL A CA  1 
ATOM   89  C C   . VAL A 1 12  ? -5.200  -0.527  -1.543  1.00 19.76 ? 3   VAL A C   1 
ATOM   90  O O   . VAL A 1 12  ? -6.041  -0.466  -2.443  1.00 20.11 ? 3   VAL A O   1 
ATOM   91  C CB  . VAL A 1 12  ? -4.017  1.643   -1.986  1.00 20.58 ? 3   VAL A CB  1 
ATOM   92  C CG1 . VAL A 1 12  ? -5.017  2.244   -0.988  1.00 19.39 ? 3   VAL A CG1 1 
ATOM   93  C CG2 . VAL A 1 12  ? -2.677  2.367   -1.859  1.00 19.99 ? 3   VAL A CG2 1 
ATOM   94  N N   . TYR A 1 13  ? -5.409  -1.181  -0.413  1.00 20.11 ? 4   TYR A N   1 
ATOM   95  C CA  . TYR A 1 13  ? -6.702  -1.790  -0.128  1.00 20.07 ? 4   TYR A CA  1 
ATOM   96  C C   . TYR A 1 13  ? -7.422  -0.738  0.708   1.00 20.09 ? 4   TYR A C   1 
ATOM   97  O O   . TYR A 1 13  ? -6.835  -0.159  1.621   1.00 19.75 ? 4   TYR A O   1 
ATOM   98  C CB  . TYR A 1 13  ? -6.533  -3.075  0.692   1.00 19.89 ? 4   TYR A CB  1 
ATOM   99  C CG  . TYR A 1 13  ? -5.796  -4.168  -0.034  1.00 19.99 ? 4   TYR A CG  1 
ATOM   100 C CD1 . TYR A 1 13  ? -6.474  -5.076  -0.842  1.00 22.78 ? 4   TYR A CD1 1 
ATOM   101 C CD2 . TYR A 1 13  ? -4.414  -4.273  0.055   1.00 20.74 ? 4   TYR A CD2 1 
ATOM   102 C CE1 . TYR A 1 13  ? -5.793  -6.067  -1.546  1.00 21.88 ? 4   TYR A CE1 1 
ATOM   103 C CE2 . TYR A 1 13  ? -3.723  -5.251  -0.642  1.00 22.24 ? 4   TYR A CE2 1 
ATOM   104 C CZ  . TYR A 1 13  ? -4.415  -6.147  -1.440  1.00 22.29 ? 4   TYR A CZ  1 
ATOM   105 O OH  . TYR A 1 13  ? -3.723  -7.121  -2.126  1.00 22.97 ? 4   TYR A OH  1 
ATOM   106 N N   . GLY A 1 14  ? -8.679  -0.471  0.386   1.00 19.82 ? 5   GLY A N   1 
ATOM   107 C CA  . GLY A 1 14  ? -9.415  0.505   1.157   1.00 20.34 ? 5   GLY A CA  1 
ATOM   108 C C   . GLY A 1 14  ? -10.853 0.591   0.713   1.00 21.27 ? 5   GLY A C   1 
ATOM   109 O O   . GLY A 1 14  ? -11.407 -0.356  0.163   1.00 22.34 ? 5   GLY A O   1 
ATOM   110 N N   . ALA A 1 15  ? -11.467 1.737   0.958   1.00 21.39 ? 6   ALA A N   1 
ATOM   111 C CA  . ALA A 1 15  ? -12.846 1.941   0.569   1.00 22.36 ? 6   ALA A CA  1 
ATOM   112 C C   . ALA A 1 15  ? -13.086 3.433   0.387   1.00 23.01 ? 6   ALA A C   1 
ATOM   113 O O   . ALA A 1 15  ? -12.290 4.259   0.832   1.00 22.68 ? 6   ALA A O   1 
ATOM   114 C CB  . ALA A 1 15  ? -13.767 1.372   1.628   1.00 20.96 ? 6   ALA A CB  1 
ATOM   115 N N   . ASP A 1 16  ? -14.186 3.777   -0.266  1.00 25.26 ? 7   ASP A N   1 
ATOM   116 C CA  . ASP A 1 16  ? -14.507 5.171   -0.502  1.00 27.45 ? 7   ASP A CA  1 
ATOM   117 C C   . ASP A 1 16  ? -15.076 5.832   0.752   1.00 28.24 ? 7   ASP A C   1 
ATOM   118 O O   . ASP A 1 16  ? -15.565 6.961   0.705   1.00 29.76 ? 7   ASP A O   1 
ATOM   119 C CB  . ASP A 1 16  ? -15.495 5.279   -1.665  1.00 28.51 ? 7   ASP A CB  1 
ATOM   120 C CG  . ASP A 1 16  ? -15.553 6.676   -2.247  1.00 30.82 ? 7   ASP A CG  1 
ATOM   121 O OD1 . ASP A 1 16  ? -14.482 7.306   -2.397  1.00 31.52 ? 7   ASP A OD1 1 
ATOM   122 O OD2 . ASP A 1 16  ? -16.665 7.140   -2.566  1.00 32.03 ? 7   ASP A OD2 1 
ATOM   123 N N   . VAL A 1 17  ? -15.013 5.120   1.873   1.00 27.98 ? 8   VAL A N   1 
ATOM   124 C CA  . VAL A 1 17  ? -15.506 5.626   3.154   1.00 27.33 ? 8   VAL A CA  1 
ATOM   125 C C   . VAL A 1 17  ? -14.388 5.429   4.165   1.00 28.24 ? 8   VAL A C   1 
ATOM   126 O O   . VAL A 1 17  ? -13.514 4.600   3.947   1.00 29.40 ? 8   VAL A O   1 
ATOM   127 C CB  . VAL A 1 17  ? -16.764 4.869   3.613   1.00 26.45 ? 8   VAL A CB  1 
ATOM   128 C CG1 . VAL A 1 17  ? -17.939 5.235   2.720   1.00 26.43 ? 8   VAL A CG1 1 
ATOM   129 C CG2 . VAL A 1 17  ? -16.513 3.375   3.572   1.00 23.13 ? 8   VAL A CG2 1 
ATOM   130 N N   . ILE A 1 18  ? -14.411 6.166   5.271   1.00 29.07 ? 9   ILE A N   1 
ATOM   131 C CA  . ILE A 1 18  ? -13.331 6.054   6.245   1.00 30.13 ? 9   ILE A CA  1 
ATOM   132 C C   . ILE A 1 18  ? -13.408 4.864   7.201   1.00 29.57 ? 9   ILE A C   1 
ATOM   133 O O   . ILE A 1 18  ? -14.484 4.364   7.515   1.00 29.13 ? 9   ILE A O   1 
ATOM   134 C CB  . ILE A 1 18  ? -13.181 7.369   7.092   1.00 33.32 ? 9   ILE A CB  1 
ATOM   135 C CG1 . ILE A 1 18  ? -13.086 8.606   6.179   1.00 34.05 ? 9   ILE A CG1 1 
ATOM   136 C CG2 . ILE A 1 18  ? -11.881 7.313   7.928   1.00 33.13 ? 9   ILE A CG2 1 
ATOM   137 C CD1 . ILE A 1 18  ? -14.392 9.034   5.524   1.00 34.47 ? 9   ILE A CD1 1 
ATOM   138 N N   . CYS A 1 19  ? -12.232 4.423   7.647   1.00 29.55 ? 10  CYS A N   1 
ATOM   139 C CA  . CYS A 1 19  ? -12.078 3.316   8.586   1.00 27.70 ? 10  CYS A CA  1 
ATOM   140 C C   . CYS A 1 19  ? -12.310 3.828   10.011  1.00 28.73 ? 10  CYS A C   1 
ATOM   141 O O   . CYS A 1 19  ? -11.657 4.771   10.464  1.00 28.70 ? 10  CYS A O   1 
ATOM   142 C CB  . CYS A 1 19  ? -10.672 2.741   8.453   1.00 25.23 ? 10  CYS A CB  1 
ATOM   143 S SG  . CYS A 1 19  ? -10.225 1.517   9.682   1.00 22.48 ? 10  CYS A SG  1 
ATOM   144 N N   . ALA A 1 20  ? -13.252 3.206   10.711  1.00 30.91 ? 11  ALA A N   1 
ATOM   145 C CA  . ALA A 1 20  ? -13.610 3.594   12.073  1.00 31.17 ? 11  ALA A CA  1 
ATOM   146 C C   . ALA A 1 20  ? -12.438 3.781   13.021  1.00 31.55 ? 11  ALA A C   1 
ATOM   147 O O   . ALA A 1 20  ? -12.425 4.727   13.808  1.00 32.30 ? 11  ALA A O   1 
ATOM   148 C CB  . ALA A 1 20  ? -14.566 2.576   12.653  1.00 32.30 ? 11  ALA A CB  1 
ATOM   149 N N   . SER A 1 21  ? -11.460 2.880   12.947  1.00 31.02 ? 12  SER A N   1 
ATOM   150 C CA  . SER A 1 21  ? -10.286 2.931   13.816  1.00 31.57 ? 12  SER A CA  1 
ATOM   151 C C   . SER A 1 21  ? -9.288  4.060   13.558  1.00 32.00 ? 12  SER A C   1 
ATOM   152 O O   . SER A 1 21  ? -8.375  4.279   14.356  1.00 34.48 ? 12  SER A O   1 
ATOM   153 C CB  . SER A 1 21  ? -9.554  1.593   13.771  1.00 31.92 ? 12  SER A CB  1 
ATOM   154 O OG  . SER A 1 21  ? -10.356 0.573   14.337  1.00 31.79 ? 12  SER A OG  1 
ATOM   155 N N   . CYS A 1 22  ? -9.446  4.769   12.452  1.00 31.13 ? 13  CYS A N   1 
ATOM   156 C CA  . CYS A 1 22  ? -8.566  5.879   12.145  1.00 31.09 ? 13  CYS A CA  1 
ATOM   157 C C   . CYS A 1 22  ? -9.364  6.911   11.390  1.00 31.71 ? 13  CYS A C   1 
ATOM   158 O O   . CYS A 1 22  ? -9.129  7.191   10.214  1.00 31.61 ? 13  CYS A O   1 
ATOM   159 C CB  . CYS A 1 22  ? -7.352  5.416   11.340  1.00 32.36 ? 13  CYS A CB  1 
ATOM   160 S SG  . CYS A 1 22  ? -7.636  4.020   10.273  1.00 33.80 ? 13  CYS A SG  1 
ATOM   161 N N   . VAL A 1 23  ? -10.325 7.465   12.118  1.00 33.22 ? 14  VAL A N   1 
ATOM   162 C CA  . VAL A 1 23  ? -11.255 8.474   11.638  1.00 33.17 ? 14  VAL A CA  1 
ATOM   163 C C   . VAL A 1 23  ? -10.605 9.723   11.062  1.00 33.11 ? 14  VAL A C   1 
ATOM   164 O O   . VAL A 1 23  ? -11.023 10.216  10.019  1.00 31.93 ? 14  VAL A O   1 
ATOM   165 C CB  . VAL A 1 23  ? -12.189 8.908   12.792  1.00 33.49 ? 14  VAL A CB  1 
ATOM   166 C CG1 . VAL A 1 23  ? -13.016 10.107  12.385  1.00 33.30 ? 14  VAL A CG1 1 
ATOM   167 C CG2 . VAL A 1 23  ? -13.084 7.744   13.199  1.00 33.36 ? 14  VAL A CG2 1 
ATOM   168 N N   . ASN A 1 24  ? -9.587  10.234  11.743  1.00 33.97 ? 15  ASN A N   1 
ATOM   169 C CA  . ASN A 1 24  ? -8.932  11.457  11.293  1.00 36.20 ? 15  ASN A CA  1 
ATOM   170 C C   . ASN A 1 24  ? -7.886  11.292  10.194  1.00 37.01 ? 15  ASN A C   1 
ATOM   171 O O   . ASN A 1 24  ? -7.538  12.263  9.522   1.00 37.46 ? 15  ASN A O   1 
ATOM   172 C CB  . ASN A 1 24  ? -8.295  12.171  12.489  1.00 37.71 ? 15  ASN A CB  1 
ATOM   173 C CG  . ASN A 1 24  ? -9.314  12.579  13.532  1.00 38.46 ? 15  ASN A CG  1 
ATOM   174 O OD1 . ASN A 1 24  ? -10.324 13.209  13.213  1.00 38.23 ? 15  ASN A OD1 1 
ATOM   175 N ND2 . ASN A 1 24  ? -9.051  12.230  14.789  1.00 38.63 ? 15  ASN A ND2 1 
ATOM   176 N N   . ALA A 1 25  ? -7.392  10.070  10.007  1.00 36.68 ? 16  ALA A N   1 
ATOM   177 C CA  . ALA A 1 25  ? -6.359  9.802   9.012   1.00 35.40 ? 16  ALA A CA  1 
ATOM   178 C C   . ALA A 1 25  ? -6.789  9.997   7.562   1.00 34.08 ? 16  ALA A C   1 
ATOM   179 O O   . ALA A 1 25  ? -7.981  10.012  7.245   1.00 33.23 ? 16  ALA A O   1 
ATOM   180 C CB  . ALA A 1 25  ? -5.822  8.395   9.202   1.00 34.27 ? 16  ALA A CB  1 
ATOM   181 N N   . PRO A 1 26  ? -5.807  10.165  6.661   1.00 33.51 ? 17  PRO A N   1 
ATOM   182 C CA  . PRO A 1 26  ? -6.057  10.360  5.229   1.00 32.47 ? 17  PRO A CA  1 
ATOM   183 C C   . PRO A 1 26  ? -6.843  9.187   4.645   1.00 32.88 ? 17  PRO A C   1 
ATOM   184 O O   . PRO A 1 26  ? -6.614  8.032   5.001   1.00 33.17 ? 17  PRO A O   1 
ATOM   185 C CB  . PRO A 1 26  ? -4.652  10.463  4.646   1.00 31.30 ? 17  PRO A CB  1 
ATOM   186 C CG  . PRO A 1 26  ? -3.888  11.110  5.753   1.00 32.17 ? 17  PRO A CG  1 
ATOM   187 C CD  . PRO A 1 26  ? -4.377  10.359  6.973   1.00 33.01 ? 17  PRO A CD  1 
ATOM   188 N N   . THR A 1 27  ? -7.763  9.499   3.743   1.00 32.70 ? 18  THR A N   1 
ATOM   189 C CA  . THR A 1 27  ? -8.604  8.500   3.101   1.00 32.35 ? 18  THR A CA  1 
ATOM   190 C C   . THR A 1 27  ? -7.791  7.525   2.235   1.00 31.85 ? 18  THR A C   1 
ATOM   191 O O   . THR A 1 27  ? -6.611  7.745   1.987   1.00 30.80 ? 18  THR A O   1 
ATOM   192 C CB  . THR A 1 27  ? -9.664  9.191   2.229   1.00 32.52 ? 18  THR A CB  1 
ATOM   193 O OG1 . THR A 1 27  ? -10.845 8.385   2.184   1.00 39.27 ? 18  THR A OG1 1 
ATOM   194 C CG2 . THR A 1 27  ? -9.158  9.374   0.823   1.00 31.85 ? 18  THR A CG2 1 
ATOM   195 N N   . SER A 1 28  ? -8.429  6.451   1.774   1.00 31.54 ? 19  SER A N   1 
ATOM   196 C CA  . SER A 1 28  ? -7.751  5.461   0.939   1.00 29.81 ? 19  SER A CA  1 
ATOM   197 C C   . SER A 1 28  ? -7.353  6.050   -0.404  1.00 29.47 ? 19  SER A C   1 
ATOM   198 O O   . SER A 1 28  ? -6.244  5.826   -0.877  1.00 28.18 ? 19  SER A O   1 
ATOM   199 C CB  . SER A 1 28  ? -8.643  4.239   0.717   1.00 28.71 ? 19  SER A CB  1 
ATOM   200 O OG  . SER A 1 28  ? -8.817  3.504   1.915   1.00 27.47 ? 19  SER A OG  1 
ATOM   201 N N   . LYS A 1 29  ? -8.259  6.805   -1.016  1.00 30.30 ? 20  LYS A N   1 
ATOM   202 C CA  . LYS A 1 29  ? -7.977  7.413   -2.313  1.00 30.65 ? 20  LYS A CA  1 
ATOM   203 C C   . LYS A 1 29  ? -6.922  8.513   -2.215  1.00 30.26 ? 20  LYS A C   1 
ATOM   204 O O   . LYS A 1 29  ? -6.131  8.693   -3.134  1.00 29.99 ? 20  LYS A O   1 
ATOM   205 C CB  . LYS A 1 29  ? -9.259  7.967   -2.938  1.00 32.89 ? 20  LYS A CB  1 
ATOM   206 C CG  . LYS A 1 29  ? -10.284 6.901   -3.328  1.00 35.36 ? 20  LYS A CG  1 
ATOM   207 C CD  . LYS A 1 29  ? -11.515 7.538   -3.964  1.00 36.37 ? 20  LYS A CD  1 
ATOM   208 C CE  . LYS A 1 29  ? -12.553 6.497   -4.334  1.00 38.25 ? 20  LYS A CE  1 
ATOM   209 N NZ  . LYS A 1 29  ? -13.721 7.098   -5.054  1.00 39.33 ? 20  LYS A NZ  1 
ATOM   210 N N   . ASP A 1 30  ? -6.902  9.242   -1.102  1.00 31.05 ? 21  ASP A N   1 
ATOM   211 C CA  . ASP A 1 30  ? -5.905  10.296  -0.912  1.00 32.61 ? 21  ASP A CA  1 
ATOM   212 C C   . ASP A 1 30  ? -4.515  9.661   -0.933  1.00 32.71 ? 21  ASP A C   1 
ATOM   213 O O   . ASP A 1 30  ? -3.625  10.104  -1.669  1.00 34.42 ? 21  ASP A O   1 
ATOM   214 C CB  . ASP A 1 30  ? -6.096  11.022  0.431   1.00 34.35 ? 21  ASP A CB  1 
ATOM   215 C CG  . ASP A 1 30  ? -7.404  11.801  0.508   1.00 36.18 ? 21  ASP A CG  1 
ATOM   216 O OD1 . ASP A 1 30  ? -7.833  12.366  -0.523  1.00 37.34 ? 21  ASP A OD1 1 
ATOM   217 O OD2 . ASP A 1 30  ? -7.997  11.859  1.610   1.00 37.31 ? 21  ASP A OD2 1 
ATOM   218 N N   . ILE A 1 31  ? -4.347  8.630   -0.103  1.00 31.46 ? 22  ILE A N   1 
ATOM   219 C CA  . ILE A 1 31  ? -3.098  7.881   0.017   1.00 29.34 ? 22  ILE A CA  1 
ATOM   220 C C   . ILE A 1 31  ? -2.685  7.308   -1.340  1.00 29.46 ? 22  ILE A C   1 
ATOM   221 O O   . ILE A 1 31  ? -1.519  7.386   -1.738  1.00 28.33 ? 22  ILE A O   1 
ATOM   222 C CB  . ILE A 1 31  ? -3.266  6.719   1.028   1.00 28.41 ? 22  ILE A CB  1 
ATOM   223 C CG1 . ILE A 1 31  ? -3.460  7.287   2.440   1.00 28.24 ? 22  ILE A CG1 1 
ATOM   224 C CG2 . ILE A 1 31  ? -2.075  5.762   0.946   1.00 26.36 ? 22  ILE A CG2 1 
ATOM   225 C CD1 . ILE A 1 31  ? -2.284  8.115   2.971   1.00 27.17 ? 22  ILE A CD1 1 
ATOM   226 N N   . TYR A 1 32  ? -3.649  6.733   -2.047  1.00 28.49 ? 23  TYR A N   1 
ATOM   227 C CA  . TYR A 1 32  ? -3.376  6.154   -3.348  1.00 29.19 ? 23  TYR A CA  1 
ATOM   228 C C   . TYR A 1 32  ? -2.894  7.225   -4.327  1.00 30.28 ? 23  TYR A C   1 
ATOM   229 O O   . TYR A 1 32  ? -2.004  6.989   -5.135  1.00 30.13 ? 23  TYR A O   1 
ATOM   230 C CB  . TYR A 1 32  ? -4.634  5.466   -3.866  1.00 29.22 ? 23  TYR A CB  1 
ATOM   231 C CG  . TYR A 1 32  ? -4.491  4.815   -5.222  1.00 29.94 ? 23  TYR A CG  1 
ATOM   232 C CD1 . TYR A 1 32  ? -4.798  5.514   -6.388  1.00 30.24 ? 23  TYR A CD1 1 
ATOM   233 C CD2 . TYR A 1 32  ? -4.083  3.486   -5.338  1.00 30.17 ? 23  TYR A CD2 1 
ATOM   234 C CE1 . TYR A 1 32  ? -4.715  4.906   -7.640  1.00 31.74 ? 23  TYR A CE1 1 
ATOM   235 C CE2 . TYR A 1 32  ? -3.993  2.866   -6.587  1.00 32.00 ? 23  TYR A CE2 1 
ATOM   236 C CZ  . TYR A 1 32  ? -4.319  3.582   -7.732  1.00 32.63 ? 23  TYR A CZ  1 
ATOM   237 O OH  . TYR A 1 32  ? -4.316  2.963   -8.960  1.00 33.75 ? 23  TYR A OH  1 
ATOM   238 N N   . ASP A 1 33  ? -3.472  8.411   -4.250  1.00 31.38 ? 24  ASP A N   1 
ATOM   239 C CA  . ASP A 1 33  ? -3.059  9.483   -5.144  1.00 33.49 ? 24  ASP A CA  1 
ATOM   240 C C   . ASP A 1 33  ? -1.749  10.108  -4.704  1.00 33.48 ? 24  ASP A C   1 
ATOM   241 O O   . ASP A 1 33  ? -0.992  10.617  -5.525  1.00 35.23 ? 24  ASP A O   1 
ATOM   242 C CB  . ASP A 1 33  ? -4.129  10.564  -5.194  1.00 35.86 ? 24  ASP A CB  1 
ATOM   243 C CG  . ASP A 1 33  ? -5.340  10.136  -5.977  1.00 38.81 ? 24  ASP A CG  1 
ATOM   244 O OD1 . ASP A 1 33  ? -6.374  10.835  -5.890  1.00 40.79 ? 24  ASP A OD1 1 
ATOM   245 O OD2 . ASP A 1 33  ? -5.249  9.105   -6.684  1.00 41.14 ? 24  ASP A OD2 1 
ATOM   246 N N   . TRP A 1 34  ? -1.498  10.081  -3.399  1.00 32.53 ? 25  TRP A N   1 
ATOM   247 C CA  . TRP A 1 34  ? -0.289  10.648  -2.813  1.00 29.72 ? 25  TRP A CA  1 
ATOM   248 C C   . TRP A 1 34  ? 0.919   9.759   -3.058  1.00 28.84 ? 25  TRP A C   1 
ATOM   249 O O   . TRP A 1 34  ? 1.997   10.223  -3.414  1.00 27.86 ? 25  TRP A O   1 
ATOM   250 C CB  . TRP A 1 34  ? -0.521  10.808  -1.322  1.00 27.75 ? 25  TRP A CB  1 
ATOM   251 C CG  . TRP A 1 34  ? 0.698   10.941  -0.494  1.00 27.05 ? 25  TRP A CG  1 
ATOM   252 C CD1 . TRP A 1 34  ? 1.434   12.072  -0.290  1.00 25.38 ? 25  TRP A CD1 1 
ATOM   253 C CD2 . TRP A 1 34  ? 1.265   9.931   0.348   1.00 25.79 ? 25  TRP A CD2 1 
ATOM   254 N NE1 . TRP A 1 34  ? 2.412   11.833  0.639   1.00 24.68 ? 25  TRP A NE1 1 
ATOM   255 C CE2 . TRP A 1 34  ? 2.332   10.528  1.049   1.00 26.00 ? 25  TRP A CE2 1 
ATOM   256 C CE3 . TRP A 1 34  ? 0.968   8.582   0.583   1.00 25.28 ? 25  TRP A CE3 1 
ATOM   257 C CZ2 . TRP A 1 34  ? 3.107   9.820   1.977   1.00 25.70 ? 25  TRP A CZ2 1 
ATOM   258 C CZ3 . TRP A 1 34  ? 1.738   7.875   1.506   1.00 25.21 ? 25  TRP A CZ3 1 
ATOM   259 C CH2 . TRP A 1 34  ? 2.794   8.497   2.192   1.00 26.56 ? 25  TRP A CH2 1 
ATOM   260 N N   . LEU A 1 35  ? 0.709   8.468   -2.866  1.00 28.91 ? 26  LEU A N   1 
ATOM   261 C CA  . LEU A 1 35  ? 1.746   7.460   -3.027  1.00 31.09 ? 26  LEU A CA  1 
ATOM   262 C C   . LEU A 1 35  ? 2.420   7.492   -4.405  1.00 32.08 ? 26  LEU A C   1 
ATOM   263 O O   . LEU A 1 35  ? 3.648   7.409   -4.515  1.00 32.39 ? 26  LEU A O   1 
ATOM   264 C CB  . LEU A 1 35  ? 1.121   6.089   -2.771  1.00 30.55 ? 26  LEU A CB  1 
ATOM   265 C CG  . LEU A 1 35  ? 1.980   4.914   -2.340  1.00 29.83 ? 26  LEU A CG  1 
ATOM   266 C CD1 . LEU A 1 35  ? 2.780   5.258   -1.093  1.00 28.94 ? 26  LEU A CD1 1 
ATOM   267 C CD2 . LEU A 1 35  ? 1.057   3.748   -2.077  1.00 30.16 ? 26  LEU A CD2 1 
ATOM   268 N N   . GLN A 1 36  ? 1.617   7.630   -5.453  1.00 32.12 ? 27  GLN A N   1 
ATOM   269 C CA  . GLN A 1 36  ? 2.139   7.647   -6.808  1.00 32.30 ? 27  GLN A CA  1 
ATOM   270 C C   . GLN A 1 36  ? 3.200   8.711   -7.076  1.00 33.25 ? 27  GLN A C   1 
ATOM   271 O O   . GLN A 1 36  ? 4.289   8.386   -7.540  1.00 35.07 ? 27  GLN A O   1 
ATOM   272 C CB  . GLN A 1 36  ? 0.977   7.746   -7.808  1.00 33.01 ? 27  GLN A CB  1 
ATOM   273 C CG  . GLN A 1 36  ? 0.301   6.392   -8.051  1.00 34.83 ? 27  GLN A CG  1 
ATOM   274 C CD  . GLN A 1 36  ? -1.171  6.484   -8.424  1.00 36.56 ? 27  GLN A CD  1 
ATOM   275 O OE1 . GLN A 1 36  ? -1.976  7.025   -7.674  1.00 38.91 ? 27  GLN A OE1 1 
ATOM   276 N NE2 . GLN A 1 36  ? -1.530  5.936   -9.578  1.00 36.77 ? 27  GLN A NE2 1 
ATOM   277 N N   . PRO A 1 37  ? 2.916   9.990   -6.779  1.00 33.57 ? 28  PRO A N   1 
ATOM   278 C CA  . PRO A 1 37  ? 3.922   11.030  -7.030  1.00 33.03 ? 28  PRO A CA  1 
ATOM   279 C C   . PRO A 1 37  ? 5.111   10.868  -6.107  1.00 32.52 ? 28  PRO A C   1 
ATOM   280 O O   . PRO A 1 37  ? 6.249   11.036  -6.511  1.00 33.44 ? 28  PRO A O   1 
ATOM   281 C CB  . PRO A 1 37  ? 3.167   12.326  -6.752  1.00 32.46 ? 28  PRO A CB  1 
ATOM   282 C CG  . PRO A 1 37  ? 1.759   11.969  -7.034  1.00 32.56 ? 28  PRO A CG  1 
ATOM   283 C CD  . PRO A 1 37  ? 1.639   10.607  -6.394  1.00 33.09 ? 28  PRO A CD  1 
ATOM   284 N N   . LEU A 1 38  ? 4.826   10.548  -4.853  1.00 33.04 ? 29  LEU A N   1 
ATOM   285 C CA  . LEU A 1 38  ? 5.859   10.348  -3.848  1.00 31.97 ? 29  LEU A CA  1 
ATOM   286 C C   . LEU A 1 38  ? 6.975   9.438   -4.358  1.00 32.77 ? 29  LEU A C   1 
ATOM   287 O O   . LEU A 1 38  ? 8.141   9.816   -4.376  1.00 31.43 ? 29  LEU A O   1 
ATOM   288 C CB  . LEU A 1 38  ? 5.241   9.722   -2.600  1.00 32.23 ? 29  LEU A CB  1 
ATOM   289 C CG  . LEU A 1 38  ? 6.176   9.434   -1.425  1.00 30.98 ? 29  LEU A CG  1 
ATOM   290 C CD1 . LEU A 1 38  ? 6.603   10.748  -0.790  1.00 31.02 ? 29  LEU A CD1 1 
ATOM   291 C CD2 . LEU A 1 38  ? 5.468   8.545   -0.405  1.00 31.61 ? 29  LEU A CD2 1 
ATOM   292 N N   . LEU A 1 39  ? 6.607   8.231   -4.769  1.00 33.42 ? 30  LEU A N   1 
ATOM   293 C CA  . LEU A 1 39  ? 7.585   7.265   -5.242  1.00 33.50 ? 30  LEU A CA  1 
ATOM   294 C C   . LEU A 1 39  ? 8.248   7.671   -6.550  1.00 35.68 ? 30  LEU A C   1 
ATOM   295 O O   . LEU A 1 39  ? 9.447   7.443   -6.738  1.00 36.52 ? 30  LEU A O   1 
ATOM   296 C CB  . LEU A 1 39  ? 6.926   5.897   -5.390  1.00 30.00 ? 30  LEU A CB  1 
ATOM   297 C CG  . LEU A 1 39  ? 6.246   5.389   -4.124  1.00 27.12 ? 30  LEU A CG  1 
ATOM   298 C CD1 . LEU A 1 39  ? 5.776   3.970   -4.363  1.00 25.50 ? 30  LEU A CD1 1 
ATOM   299 C CD2 . LEU A 1 39  ? 7.208   5.449   -2.948  1.00 24.12 ? 30  LEU A CD2 1 
ATOM   300 N N   . LYS A 1 40  ? 7.473   8.266   -7.452  1.00 37.44 ? 31  LYS A N   1 
ATOM   301 C CA  . LYS A 1 40  ? 8.009   8.710   -8.734  1.00 39.64 ? 31  LYS A CA  1 
ATOM   302 C C   . LYS A 1 40  ? 9.114   9.743   -8.514  1.00 39.39 ? 31  LYS A C   1 
ATOM   303 O O   . LYS A 1 40  ? 10.032  9.880   -9.325  1.00 39.20 ? 31  LYS A O   1 
ATOM   304 C CB  . LYS A 1 40  ? 6.900   9.330   -9.587  1.00 43.18 ? 31  LYS A CB  1 
ATOM   305 C CG  . LYS A 1 40  ? 7.415   10.036  -10.842 1.00 47.37 ? 31  LYS A CG  1 
ATOM   306 C CD  . LYS A 1 40  ? 6.306   10.764  -11.590 1.00 50.91 ? 31  LYS A CD  1 
ATOM   307 C CE  . LYS A 1 40  ? 5.625   11.803  -10.709 1.00 53.13 ? 31  LYS A CE  1 
ATOM   308 N NZ  . LYS A 1 40  ? 6.611   12.755  -10.118 1.00 54.89 ? 31  LYS A NZ  1 
ATOM   309 N N   . ARG A 1 41  ? 9.022   10.458  -7.399  1.00 38.68 ? 32  ARG A N   1 
ATOM   310 C CA  . ARG A 1 41  ? 9.985   11.494  -7.059  1.00 38.79 ? 32  ARG A CA  1 
ATOM   311 C C   . ARG A 1 41  ? 11.195  11.002  -6.266  1.00 38.24 ? 32  ARG A C   1 
ATOM   312 O O   . ARG A 1 41  ? 12.328  11.378  -6.555  1.00 37.81 ? 32  ARG A O   1 
ATOM   313 C CB  . ARG A 1 41  ? 9.265   12.602  -6.292  1.00 39.86 ? 32  ARG A CB  1 
ATOM   314 C CG  . ARG A 1 41  ? 10.158  13.655  -5.667  1.00 42.46 ? 32  ARG A CG  1 
ATOM   315 C CD  . ARG A 1 41  ? 9.311   14.832  -5.224  1.00 45.04 ? 32  ARG A CD  1 
ATOM   316 N NE  . ARG A 1 41  ? 8.170   14.417  -4.409  1.00 47.58 ? 32  ARG A NE  1 
ATOM   317 C CZ  . ARG A 1 41  ? 6.925   14.863  -4.574  1.00 49.25 ? 32  ARG A CZ  1 
ATOM   318 N NH1 . ARG A 1 41  ? 6.650   15.741  -5.531  1.00 49.93 ? 32  ARG A NH1 1 
ATOM   319 N NH2 . ARG A 1 41  ? 5.951   14.433  -3.778  1.00 49.07 ? 32  ARG A NH2 1 
ATOM   320 N N   . LYS A 1 42  ? 10.958  10.157  -5.271  1.00 37.49 ? 33  LYS A N   1 
ATOM   321 C CA  . LYS A 1 42  ? 12.039  9.640   -4.444  1.00 35.82 ? 33  LYS A CA  1 
ATOM   322 C C   . LYS A 1 42  ? 12.776  8.464   -5.072  1.00 34.00 ? 33  LYS A C   1 
ATOM   323 O O   . LYS A 1 42  ? 13.965  8.272   -4.814  1.00 33.16 ? 33  LYS A O   1 
ATOM   324 C CB  . LYS A 1 42  ? 11.496  9.251   -3.070  1.00 37.90 ? 33  LYS A CB  1 
ATOM   325 C CG  . LYS A 1 42  ? 10.904  10.432  -2.322  1.00 39.63 ? 33  LYS A CG  1 
ATOM   326 C CD  . LYS A 1 42  ? 10.409  10.035  -0.954  1.00 41.67 ? 33  LYS A CD  1 
ATOM   327 C CE  . LYS A 1 42  ? 10.248  11.259  -0.070  1.00 43.32 ? 33  LYS A CE  1 
ATOM   328 N NZ  . LYS A 1 42  ? 11.562  11.901  0.216   1.00 44.18 ? 33  LYS A NZ  1 
ATOM   329 N N   . TYR A 1 43  ? 12.078  7.678   -5.890  1.00 31.72 ? 34  TYR A N   1 
ATOM   330 C CA  . TYR A 1 43  ? 12.707  6.540   -6.553  1.00 30.38 ? 34  TYR A CA  1 
ATOM   331 C C   . TYR A 1 43  ? 12.426  6.580   -8.046  1.00 29.43 ? 34  TYR A C   1 
ATOM   332 O O   . TYR A 1 43  ? 11.718  5.732   -8.589  1.00 28.41 ? 34  TYR A O   1 
ATOM   333 C CB  . TYR A 1 43  ? 12.213  5.230   -5.944  1.00 30.52 ? 34  TYR A CB  1 
ATOM   334 C CG  . TYR A 1 43  ? 12.360  5.199   -4.440  1.00 30.54 ? 34  TYR A CG  1 
ATOM   335 C CD1 . TYR A 1 43  ? 11.307  5.601   -3.611  1.00 29.51 ? 34  TYR A CD1 1 
ATOM   336 C CD2 . TYR A 1 43  ? 13.565  4.818   -3.841  1.00 29.57 ? 34  TYR A CD2 1 
ATOM   337 C CE1 . TYR A 1 43  ? 11.446  5.627   -2.230  1.00 26.71 ? 34  TYR A CE1 1 
ATOM   338 C CE2 . TYR A 1 43  ? 13.716  4.843   -2.451  1.00 28.74 ? 34  TYR A CE2 1 
ATOM   339 C CZ  . TYR A 1 43  ? 12.647  5.251   -1.656  1.00 27.99 ? 34  TYR A CZ  1 
ATOM   340 O OH  . TYR A 1 43  ? 12.777  5.294   -0.291  1.00 27.21 ? 34  TYR A OH  1 
ATOM   341 N N   . PRO A 1 44  ? 13.012  7.572   -8.733  1.00 29.43 ? 35  PRO A N   1 
ATOM   342 C CA  . PRO A 1 44  ? 12.907  7.847   -10.168 1.00 28.63 ? 35  PRO A CA  1 
ATOM   343 C C   . PRO A 1 44  ? 13.268  6.668   -11.050 1.00 28.39 ? 35  PRO A C   1 
ATOM   344 O O   . PRO A 1 44  ? 12.664  6.468   -12.103 1.00 27.86 ? 35  PRO A O   1 
ATOM   345 C CB  . PRO A 1 44  ? 13.884  8.999   -10.372 1.00 28.34 ? 35  PRO A CB  1 
ATOM   346 C CG  . PRO A 1 44  ? 13.960  9.637   -9.032  1.00 29.54 ? 35  PRO A CG  1 
ATOM   347 C CD  . PRO A 1 44  ? 14.012  8.463   -8.123  1.00 30.10 ? 35  PRO A CD  1 
ATOM   348 N N   . ASN A 1 45  ? 14.251  5.887   -10.618 1.00 27.43 ? 36  ASN A N   1 
ATOM   349 C CA  . ASN A 1 45  ? 14.703  4.756   -11.411 1.00 27.91 ? 36  ASN A CA  1 
ATOM   350 C C   . ASN A 1 45  ? 13.992  3.448   -11.141 1.00 27.45 ? 36  ASN A C   1 
ATOM   351 O O   . ASN A 1 45  ? 14.335  2.429   -11.733 1.00 28.77 ? 36  ASN A O   1 
ATOM   352 C CB  . ASN A 1 45  ? 16.210  4.560   -11.236 1.00 28.40 ? 36  ASN A CB  1 
ATOM   353 C CG  . ASN A 1 45  ? 17.000  5.808   -11.589 1.00 30.60 ? 36  ASN A CG  1 
ATOM   354 O OD1 . ASN A 1 45  ? 16.861  6.354   -12.686 1.00 30.48 ? 36  ASN A OD1 1 
ATOM   355 N ND2 . ASN A 1 45  ? 17.835  6.267   -10.658 1.00 31.78 ? 36  ASN A ND2 1 
ATOM   356 N N   . ILE A 1 46  ? 13.008  3.456   -10.251 1.00 27.30 ? 37  ILE A N   1 
ATOM   357 C CA  . ILE A 1 46  ? 12.282  2.224   -9.971  1.00 25.98 ? 37  ILE A CA  1 
ATOM   358 C C   . ILE A 1 46  ? 10.927  2.323   -10.641 1.00 25.27 ? 37  ILE A C   1 
ATOM   359 O O   . ILE A 1 46  ? 10.342  3.398   -10.693 1.00 26.70 ? 37  ILE A O   1 
ATOM   360 C CB  . ILE A 1 46  ? 12.092  1.997   -8.449  1.00 26.08 ? 37  ILE A CB  1 
ATOM   361 C CG1 . ILE A 1 46  ? 13.459  1.935   -7.760  1.00 25.77 ? 37  ILE A CG1 1 
ATOM   362 C CG2 . ILE A 1 46  ? 11.320  0.699   -8.202  1.00 22.24 ? 37  ILE A CG2 1 
ATOM   363 C CD1 . ILE A 1 46  ? 13.380  1.642   -6.277  1.00 28.31 ? 37  ILE A CD1 1 
ATOM   364 N N   . SER A 1 47  ? 10.442  1.214   -11.180 1.00 25.50 ? 38  SER A N   1 
ATOM   365 C CA  . SER A 1 47  ? 9.146   1.216   -11.819 1.00 26.32 ? 38  SER A CA  1 
ATOM   366 C C   . SER A 1 47  ? 8.122   0.570   -10.894 1.00 26.05 ? 38  SER A C   1 
ATOM   367 O O   . SER A 1 47  ? 8.345   -0.508  -10.344 1.00 24.41 ? 38  SER A O   1 
ATOM   368 C CB  . SER A 1 47  ? 9.203   0.487   -13.169 1.00 28.64 ? 38  SER A CB  1 
ATOM   369 O OG  . SER A 1 47  ? 9.620   -0.859  -13.025 1.00 33.44 ? 38  SER A OG  1 
ATOM   370 N N   . PHE A 1 48  ? 7.004   1.262   -10.718 1.00 26.72 ? 39  PHE A N   1 
ATOM   371 C CA  . PHE A 1 48  ? 5.920   0.802   -9.867  1.00 27.92 ? 39  PHE A CA  1 
ATOM   372 C C   . PHE A 1 48  ? 4.658   0.765   -10.690 1.00 28.79 ? 39  PHE A C   1 
ATOM   373 O O   . PHE A 1 48  ? 4.490   1.556   -11.608 1.00 29.67 ? 39  PHE A O   1 
ATOM   374 C CB  . PHE A 1 48  ? 5.691   1.777   -8.701  1.00 27.04 ? 39  PHE A CB  1 
ATOM   375 C CG  . PHE A 1 48  ? 6.841   1.868   -7.739  1.00 25.90 ? 39  PHE A CG  1 
ATOM   376 C CD1 . PHE A 1 48  ? 7.066   0.862   -6.807  1.00 25.28 ? 39  PHE A CD1 1 
ATOM   377 C CD2 . PHE A 1 48  ? 7.714   2.949   -7.779  1.00 24.22 ? 39  PHE A CD2 1 
ATOM   378 C CE1 . PHE A 1 48  ? 8.144   0.937   -5.934  1.00 23.26 ? 39  PHE A CE1 1 
ATOM   379 C CE2 . PHE A 1 48  ? 8.792   3.028   -6.909  1.00 22.08 ? 39  PHE A CE2 1 
ATOM   380 C CZ  . PHE A 1 48  ? 9.006   2.024   -5.990  1.00 21.85 ? 39  PHE A CZ  1 
ATOM   381 N N   . LYS A 1 49  ? 3.776   -0.164  -10.362 1.00 30.08 ? 40  LYS A N   1 
ATOM   382 C CA  . LYS A 1 49  ? 2.489   -0.274  -11.032 1.00 32.30 ? 40  LYS A CA  1 
ATOM   383 C C   . LYS A 1 49  ? 1.507   -0.185  -9.868  1.00 31.32 ? 40  LYS A C   1 
ATOM   384 O O   . LYS A 1 49  ? 1.642   -0.911  -8.883  1.00 32.16 ? 40  LYS A O   1 
ATOM   385 C CB  . LYS A 1 49  ? 2.362   -1.614  -11.774 1.00 33.83 ? 40  LYS A CB  1 
ATOM   386 C CG  . LYS A 1 49  ? 2.644   -2.845  -10.920 1.00 37.96 ? 40  LYS A CG  1 
ATOM   387 C CD  . LYS A 1 49  ? 2.509   -4.140  -11.715 1.00 40.18 ? 40  LYS A CD  1 
ATOM   388 C CE  . LYS A 1 49  ? 3.490   -4.180  -12.879 1.00 42.42 ? 40  LYS A CE  1 
ATOM   389 N NZ  . LYS A 1 49  ? 3.411   -5.469  -13.632 1.00 44.48 ? 40  LYS A NZ  1 
ATOM   390 N N   . TYR A 1 50  ? 0.534   0.714   -9.966  1.00 30.81 ? 41  TYR A N   1 
ATOM   391 C CA  . TYR A 1 50  ? -0.419  0.903   -8.877  1.00 29.27 ? 41  TYR A CA  1 
ATOM   392 C C   . TYR A 1 50  ? -1.810  0.329   -9.092  1.00 28.31 ? 41  TYR A C   1 
ATOM   393 O O   . TYR A 1 50  ? -2.344  0.345   -10.197 1.00 27.70 ? 41  TYR A O   1 
ATOM   394 C CB  . TYR A 1 50  ? -0.531  2.396   -8.546  1.00 28.49 ? 41  TYR A CB  1 
ATOM   395 C CG  . TYR A 1 50  ? 0.802   3.035   -8.244  1.00 29.25 ? 41  TYR A CG  1 
ATOM   396 C CD1 . TYR A 1 50  ? 1.706   3.314   -9.267  1.00 29.49 ? 41  TYR A CD1 1 
ATOM   397 C CD2 . TYR A 1 50  ? 1.181   3.328   -6.932  1.00 29.01 ? 41  TYR A CD2 1 
ATOM   398 C CE1 . TYR A 1 50  ? 2.957   3.868   -8.996  1.00 29.41 ? 41  TYR A CE1 1 
ATOM   399 C CE2 . TYR A 1 50  ? 2.433   3.883   -6.649  1.00 29.09 ? 41  TYR A CE2 1 
ATOM   400 C CZ  . TYR A 1 50  ? 3.314   4.148   -7.690  1.00 28.99 ? 41  TYR A CZ  1 
ATOM   401 O OH  . TYR A 1 50  ? 4.557   4.676   -7.430  1.00 28.89 ? 41  TYR A OH  1 
ATOM   402 N N   . THR A 1 51  ? -2.392  -0.175  -8.014  1.00 26.89 ? 42  THR A N   1 
ATOM   403 C CA  . THR A 1 51  ? -3.730  -0.735  -8.062  1.00 27.01 ? 42  THR A CA  1 
ATOM   404 C C   . THR A 1 51  ? -4.489  -0.390  -6.792  1.00 26.63 ? 42  THR A C   1 
ATOM   405 O O   . THR A 1 51  ? -3.935  -0.411  -5.694  1.00 26.69 ? 42  THR A O   1 
ATOM   406 C CB  . THR A 1 51  ? -3.711  -2.269  -8.200  1.00 27.37 ? 42  THR A CB  1 
ATOM   407 O OG1 . THR A 1 51  ? -3.014  -2.637  -9.394  1.00 28.01 ? 42  THR A OG1 1 
ATOM   408 C CG2 . THR A 1 51  ? -5.139  -2.811  -8.257  1.00 25.70 ? 42  THR A CG2 1 
ATOM   409 N N   . TYR A 1 52  ? -5.764  -0.068  -6.956  1.00 26.51 ? 43  TYR A N   1 
ATOM   410 C CA  . TYR A 1 52  ? -6.616  0.268   -5.831  1.00 27.29 ? 43  TYR A CA  1 
ATOM   411 C C   . TYR A 1 52  ? -7.727  -0.758  -5.752  1.00 27.17 ? 43  TYR A C   1 
ATOM   412 O O   . TYR A 1 52  ? -8.416  -1.028  -6.736  1.00 25.62 ? 43  TYR A O   1 
ATOM   413 C CB  . TYR A 1 52  ? -7.218  1.662   -5.998  1.00 28.83 ? 43  TYR A CB  1 
ATOM   414 C CG  . TYR A 1 52  ? -8.264  2.014   -4.952  1.00 31.84 ? 43  TYR A CG  1 
ATOM   415 C CD1 . TYR A 1 52  ? -7.917  2.181   -3.610  1.00 30.89 ? 43  TYR A CD1 1 
ATOM   416 C CD2 . TYR A 1 52  ? -9.601  2.196   -5.314  1.00 32.77 ? 43  TYR A CD2 1 
ATOM   417 C CE1 . TYR A 1 52  ? -8.875  2.523   -2.658  1.00 31.99 ? 43  TYR A CE1 1 
ATOM   418 C CE2 . TYR A 1 52  ? -10.568 2.539   -4.368  1.00 33.41 ? 43  TYR A CE2 1 
ATOM   419 C CZ  . TYR A 1 52  ? -10.197 2.703   -3.045  1.00 33.04 ? 43  TYR A CZ  1 
ATOM   420 O OH  . TYR A 1 52  ? -11.152 3.059   -2.122  1.00 32.43 ? 43  TYR A OH  1 
ATOM   421 N N   . ILE A 1 53  ? -7.887  -1.330  -4.569  1.00 27.32 ? 44  ILE A N   1 
ATOM   422 C CA  . ILE A 1 53  ? -8.906  -2.332  -4.337  1.00 28.08 ? 44  ILE A CA  1 
ATOM   423 C C   . ILE A 1 53  ? -9.884  -1.904  -3.249  1.00 28.96 ? 44  ILE A C   1 
ATOM   424 O O   . ILE A 1 53  ? -9.534  -1.795  -2.071  1.00 28.57 ? 44  ILE A O   1 
ATOM   425 C CB  . ILE A 1 53  ? -8.257  -3.680  -3.966  1.00 27.12 ? 44  ILE A CB  1 
ATOM   426 C CG1 . ILE A 1 53  ? -7.543  -4.240  -5.195  1.00 25.45 ? 44  ILE A CG1 1 
ATOM   427 C CG2 . ILE A 1 53  ? -9.305  -4.649  -3.433  1.00 26.76 ? 44  ILE A CG2 1 
ATOM   428 C CD1 . ILE A 1 53  ? -6.754  -5.484  -4.916  1.00 26.80 ? 44  ILE A CD1 1 
ATOM   429 N N   . ASP A 1 54  ? -11.113 -1.649  -3.674  1.00 30.24 ? 45  ASP A N   1 
ATOM   430 C CA  . ASP A 1 54  ? -12.188 -1.248  -2.778  1.00 30.94 ? 45  ASP A CA  1 
ATOM   431 C C   . ASP A 1 54  ? -12.697 -2.541  -2.137  1.00 30.46 ? 45  ASP A C   1 
ATOM   432 O O   . ASP A 1 54  ? -13.287 -3.376  -2.820  1.00 31.07 ? 45  ASP A O   1 
ATOM   433 C CB  . ASP A 1 54  ? -13.289 -0.590  -3.604  1.00 32.82 ? 45  ASP A CB  1 
ATOM   434 C CG  . ASP A 1 54  ? -14.351 0.056   -2.755  1.00 35.28 ? 45  ASP A CG  1 
ATOM   435 O OD1 . ASP A 1 54  ? -14.829 -0.605  -1.812  1.00 35.82 ? 45  ASP A OD1 1 
ATOM   436 O OD2 . ASP A 1 54  ? -14.714 1.221   -3.041  1.00 36.08 ? 45  ASP A OD2 1 
ATOM   437 N N   . ILE A 1 55  ? -12.463 -2.717  -0.840  1.00 29.86 ? 46  ILE A N   1 
ATOM   438 C CA  . ILE A 1 55  ? -12.895 -3.934  -0.154  1.00 32.00 ? 46  ILE A CA  1 
ATOM   439 C C   . ILE A 1 55  ? -14.415 -4.116  -0.159  1.00 35.34 ? 46  ILE A C   1 
ATOM   440 O O   . ILE A 1 55  ? -14.956 -5.050  0.438   1.00 35.39 ? 46  ILE A O   1 
ATOM   441 C CB  . ILE A 1 55  ? -12.361 -3.972  1.305   1.00 29.53 ? 46  ILE A CB  1 
ATOM   442 C CG1 . ILE A 1 55  ? -12.962 -2.848  2.132   1.00 28.86 ? 46  ILE A CG1 1 
ATOM   443 C CG2 . ILE A 1 55  ? -10.848 -3.806  1.306   1.00 29.15 ? 46  ILE A CG2 1 
ATOM   444 C CD1 . ILE A 1 55  ? -12.412 -2.801  3.544   1.00 29.04 ? 46  ILE A CD1 1 
ATOM   445 N N   . THR A 1 56  ? -15.097 -3.215  -0.856  1.00 39.50 ? 47  THR A N   1 
ATOM   446 C CA  . THR A 1 56  ? -16.551 -3.251  -0.981  1.00 42.81 ? 47  THR A CA  1 
ATOM   447 C C   . THR A 1 56  ? -16.925 -3.854  -2.333  1.00 46.04 ? 47  THR A C   1 
ATOM   448 O O   . THR A 1 56  ? -17.429 -4.972  -2.409  1.00 46.97 ? 47  THR A O   1 
ATOM   449 C CB  . THR A 1 56  ? -17.152 -1.827  -0.900  1.00 40.27 ? 47  THR A CB  1 
ATOM   450 O OG1 . THR A 1 56  ? -17.122 -1.369  0.456   1.00 39.41 ? 47  THR A OG1 1 
ATOM   451 C CG2 . THR A 1 56  ? -18.576 -1.812  -1.417  1.00 42.64 ? 47  THR A CG2 1 
ATOM   452 N N   . LYS A 1 57  ? -16.658 -3.091  -3.391  1.00 50.19 ? 48  LYS A N   1 
ATOM   453 C CA  . LYS A 1 57  ? -16.956 -3.470  -4.770  1.00 53.40 ? 48  LYS A CA  1 
ATOM   454 C C   . LYS A 1 57  ? -16.903 -4.965  -5.090  1.00 56.32 ? 48  LYS A C   1 
ATOM   455 O O   . LYS A 1 57  ? -17.859 -5.520  -5.649  1.00 58.33 ? 48  LYS A O   1 
ATOM   456 C CB  . LYS A 1 57  ? -16.043 -2.680  -5.712  1.00 52.99 ? 48  LYS A CB  1 
ATOM   457 C CG  . LYS A 1 57  ? -16.311 -1.179  -5.621  1.00 54.45 ? 48  LYS A CG  1 
ATOM   458 C CD  . LYS A 1 57  ? -15.367 -0.333  -6.463  1.00 55.27 ? 48  LYS A CD  1 
ATOM   459 C CE  . LYS A 1 57  ? -15.664 1.155   -6.244  1.00 56.35 ? 48  LYS A CE  1 
ATOM   460 N NZ  . LYS A 1 57  ? -14.727 2.084   -6.954  1.00 56.79 ? 48  LYS A NZ  1 
ATOM   461 N N   . ASP A 1 58  ? -15.803 -5.620  -4.746  1.00 58.67 ? 49  ASP A N   1 
ATOM   462 C CA  . ASP A 1 58  ? -15.668 -7.056  -5.001  1.00 60.82 ? 49  ASP A CA  1 
ATOM   463 C C   . ASP A 1 58  ? -16.221 -7.511  -6.354  1.00 60.66 ? 49  ASP A C   1 
ATOM   464 O O   . ASP A 1 58  ? -16.080 -8.678  -6.729  1.00 60.78 ? 49  ASP A O   1 
ATOM   465 C CB  . ASP A 1 58  ? -16.366 -7.825  -3.888  1.00 62.26 ? 49  ASP A CB  1 
ATOM   466 C CG  . ASP A 1 58  ? -15.795 -7.505  -2.531  1.00 63.78 ? 49  ASP A CG  1 
ATOM   467 O OD1 . ASP A 1 58  ? -16.458 -7.845  -1.527  1.00 65.64 ? 49  ASP A OD1 1 
ATOM   468 O OD2 . ASP A 1 58  ? -14.682 -6.923  -2.473  1.00 63.31 ? 49  ASP A OD2 1 
ATOM   469 N N   . LEU A 1 62  ? -9.603  -11.016 -7.896  1.00 42.41 ? 53  LEU A N   1 
ATOM   470 C CA  . LEU A 1 62  ? -8.887  -11.030 -6.619  1.00 44.07 ? 53  LEU A CA  1 
ATOM   471 C C   . LEU A 1 62  ? -7.905  -12.195 -6.471  1.00 44.72 ? 53  LEU A C   1 
ATOM   472 O O   . LEU A 1 62  ? -8.255  -13.343 -6.751  1.00 45.85 ? 53  LEU A O   1 
ATOM   473 C CB  . LEU A 1 62  ? -9.874  -11.076 -5.440  1.00 42.89 ? 53  LEU A CB  1 
ATOM   474 C CG  . LEU A 1 62  ? -10.669 -9.815  -5.097  1.00 41.84 ? 53  LEU A CG  1 
ATOM   475 C CD1 . LEU A 1 62  ? -11.274 -9.968  -3.716  1.00 40.58 ? 53  LEU A CD1 1 
ATOM   476 C CD2 . LEU A 1 62  ? -9.754  -8.601  -5.111  1.00 41.70 ? 53  LEU A CD2 1 
ATOM   477 N N   . THR A 1 63  ? -6.688  -11.893 -6.009  1.00 44.24 ? 54  THR A N   1 
ATOM   478 C CA  . THR A 1 63  ? -5.645  -12.902 -5.805  1.00 42.12 ? 54  THR A CA  1 
ATOM   479 C C   . THR A 1 63  ? -5.767  -13.527 -4.412  1.00 41.25 ? 54  THR A C   1 
ATOM   480 O O   . THR A 1 63  ? -6.508  -13.023 -3.569  1.00 41.34 ? 54  THR A O   1 
ATOM   481 C CB  . THR A 1 63  ? -4.249  -12.270 -5.943  1.00 41.28 ? 54  THR A CB  1 
ATOM   482 O OG1 . THR A 1 63  ? -4.055  -11.307 -4.901  1.00 42.12 ? 54  THR A OG1 1 
ATOM   483 C CG2 . THR A 1 63  ? -4.120  -11.572 -7.283  1.00 40.50 ? 54  THR A CG2 1 
ATOM   484 N N   . ASP A 1 64  ? -5.056  -14.621 -4.165  1.00 40.87 ? 55  ASP A N   1 
ATOM   485 C CA  . ASP A 1 64  ? -5.128  -15.246 -2.849  1.00 41.36 ? 55  ASP A CA  1 
ATOM   486 C C   . ASP A 1 64  ? -4.606  -14.257 -1.827  1.00 39.45 ? 55  ASP A C   1 
ATOM   487 O O   . ASP A 1 64  ? -4.943  -14.328 -0.643  1.00 38.63 ? 55  ASP A O   1 
ATOM   488 C CB  . ASP A 1 64  ? -4.282  -16.517 -2.772  1.00 45.14 ? 55  ASP A CB  1 
ATOM   489 C CG  . ASP A 1 64  ? -4.296  -17.138 -1.366  1.00 48.50 ? 55  ASP A CG  1 
ATOM   490 O OD1 . ASP A 1 64  ? -5.360  -17.665 -0.957  1.00 50.06 ? 55  ASP A OD1 1 
ATOM   491 O OD2 . ASP A 1 64  ? -3.253  -17.083 -0.669  1.00 48.66 ? 55  ASP A OD2 1 
ATOM   492 N N   . HIS A 1 65  ? -3.765  -13.344 -2.295  1.00 37.50 ? 56  HIS A N   1 
ATOM   493 C CA  . HIS A 1 65  ? -3.199  -12.322 -1.432  1.00 37.13 ? 56  HIS A CA  1 
ATOM   494 C C   . HIS A 1 65  ? -4.156  -11.162 -1.235  1.00 35.24 ? 56  HIS A C   1 
ATOM   495 O O   . HIS A 1 65  ? -4.322  -10.685 -0.111  1.00 35.57 ? 56  HIS A O   1 
ATOM   496 C CB  . HIS A 1 65  ? -1.878  -11.842 -2.003  1.00 38.66 ? 56  HIS A CB  1 
ATOM   497 C CG  . HIS A 1 65  ? -0.730  -12.712 -1.620  1.00 41.06 ? 56  HIS A CG  1 
ATOM   498 N ND1 . HIS A 1 65  ? 0.293   -13.024 -2.486  1.00 42.01 ? 56  HIS A ND1 1 
ATOM   499 C CD2 . HIS A 1 65  ? -0.449  -13.346 -0.456  1.00 42.61 ? 56  HIS A CD2 1 
ATOM   500 C CE1 . HIS A 1 65  ? 1.157   -13.815 -1.874  1.00 42.86 ? 56  HIS A CE1 1 
ATOM   501 N NE2 . HIS A 1 65  ? 0.730   -14.027 -0.641  1.00 43.12 ? 56  HIS A NE2 1 
ATOM   502 N N   . ASP A 1 66  ? -4.780  -10.706 -2.319  1.00 33.37 ? 57  ASP A N   1 
ATOM   503 C CA  . ASP A 1 66  ? -5.747  -9.621  -2.214  1.00 33.08 ? 57  ASP A CA  1 
ATOM   504 C C   . ASP A 1 66  ? -6.731  -10.079 -1.166  1.00 33.32 ? 57  ASP A C   1 
ATOM   505 O O   . ASP A 1 66  ? -6.928  -9.440  -0.131  1.00 33.71 ? 57  ASP A O   1 
ATOM   506 C CB  . ASP A 1 66  ? -6.507  -9.420  -3.520  1.00 30.74 ? 57  ASP A CB  1 
ATOM   507 C CG  . ASP A 1 66  ? -5.638  -8.887  -4.616  1.00 30.86 ? 57  ASP A CG  1 
ATOM   508 O OD1 . ASP A 1 66  ? -4.698  -8.135  -4.296  1.00 30.93 ? 57  ASP A OD1 1 
ATOM   509 O OD2 . ASP A 1 66  ? -5.894  -9.202  -5.796  1.00 30.18 ? 57  ASP A OD2 1 
ATOM   510 N N   . LEU A 1 67  ? -7.336  -11.221 -1.452  1.00 34.10 ? 58  LEU A N   1 
ATOM   511 C CA  . LEU A 1 67  ? -8.316  -11.806 -0.561  1.00 34.80 ? 58  LEU A CA  1 
ATOM   512 C C   . LEU A 1 67  ? -7.743  -11.993 0.838   1.00 33.34 ? 58  LEU A C   1 
ATOM   513 O O   . LEU A 1 67  ? -8.434  -11.792 1.832   1.00 32.33 ? 58  LEU A O   1 
ATOM   514 C CB  . LEU A 1 67  ? -8.801  -13.139 -1.148  1.00 36.08 ? 58  LEU A CB  1 
ATOM   515 C CG  . LEU A 1 67  ? -9.996  -13.756 -0.428  1.00 37.12 ? 58  LEU A CG  1 
ATOM   516 C CD1 . LEU A 1 67  ? -9.512  -14.493 0.805   1.00 39.54 ? 58  LEU A CD1 1 
ATOM   517 C CD2 . LEU A 1 67  ? -11.003 -12.660 -0.051  1.00 36.85 ? 58  LEU A CD2 1 
ATOM   518 N N   . GLN A 1 68  ? -6.471  -12.362 0.906   1.00 33.57 ? 59  GLN A N   1 
ATOM   519 C CA  . GLN A 1 68  ? -5.795  -12.569 2.177   1.00 33.70 ? 59  GLN A CA  1 
ATOM   520 C C   . GLN A 1 68  ? -5.725  -11.309 3.034   1.00 32.62 ? 59  GLN A C   1 
ATOM   521 O O   . GLN A 1 68  ? -5.945  -11.370 4.244   1.00 32.41 ? 59  GLN A O   1 
ATOM   522 C CB  . GLN A 1 68  ? -4.389  -13.103 1.937   1.00 36.76 ? 59  GLN A CB  1 
ATOM   523 C CG  . GLN A 1 68  ? -3.472  -12.989 3.142   1.00 41.83 ? 59  GLN A CG  1 
ATOM   524 C CD  . GLN A 1 68  ? -2.255  -13.877 3.010   1.00 45.10 ? 59  GLN A CD  1 
ATOM   525 O OE1 . GLN A 1 68  ? -2.361  -15.106 3.114   1.00 46.15 ? 59  GLN A OE1 1 
ATOM   526 N NE2 . GLN A 1 68  ? -1.092  -13.268 2.762   1.00 44.72 ? 59  GLN A NE2 1 
ATOM   527 N N   . PHE A 1 69  ? -5.405  -10.173 2.419   1.00 29.79 ? 60  PHE A N   1 
ATOM   528 C CA  . PHE A 1 69  ? -5.329  -8.910  3.159   1.00 28.60 ? 60  PHE A CA  1 
ATOM   529 C C   . PHE A 1 69  ? -6.725  -8.354  3.460   1.00 28.75 ? 60  PHE A C   1 
ATOM   530 O O   . PHE A 1 69  ? -6.984  -7.843  4.558   1.00 27.81 ? 60  PHE A O   1 
ATOM   531 C CB  . PHE A 1 69  ? -4.529  -7.877  2.365   1.00 27.06 ? 60  PHE A CB  1 
ATOM   532 C CG  . PHE A 1 69  ? -3.054  -8.120  2.379   1.00 25.60 ? 60  PHE A CG  1 
ATOM   533 C CD1 . PHE A 1 69  ? -2.335  -8.013  3.567   1.00 24.16 ? 60  PHE A CD1 1 
ATOM   534 C CD2 . PHE A 1 69  ? -2.378  -8.439  1.209   1.00 24.56 ? 60  PHE A CD2 1 
ATOM   535 C CE1 . PHE A 1 69  ? -0.967  -8.217  3.588   1.00 23.53 ? 60  PHE A CE1 1 
ATOM   536 C CE2 . PHE A 1 69  ? -1.007  -8.646  1.218   1.00 24.35 ? 60  PHE A CE2 1 
ATOM   537 C CZ  . PHE A 1 69  ? -0.299  -8.533  2.412   1.00 24.07 ? 60  PHE A CZ  1 
ATOM   538 N N   . ILE A 1 70  ? -7.615  -8.458  2.472   1.00 28.22 ? 61  ILE A N   1 
ATOM   539 C CA  . ILE A 1 70  ? -8.986  -7.984  2.614   1.00 29.01 ? 61  ILE A CA  1 
ATOM   540 C C   . ILE A 1 70  ? -9.654  -8.683  3.795   1.00 30.98 ? 61  ILE A C   1 
ATOM   541 O O   . ILE A 1 70  ? -10.482 -8.097  4.488   1.00 30.67 ? 61  ILE A O   1 
ATOM   542 C CB  . ILE A 1 70  ? -9.796  -8.259  1.341   1.00 27.26 ? 61  ILE A CB  1 
ATOM   543 C CG1 . ILE A 1 70  ? -9.193  -7.475  0.172   1.00 24.33 ? 61  ILE A CG1 1 
ATOM   544 C CG2 . ILE A 1 70  ? -11.255 -7.874  1.567   1.00 27.44 ? 61  ILE A CG2 1 
ATOM   545 C CD1 . ILE A 1 70  ? -9.885  -7.697  -1.153  1.00 22.55 ? 61  ILE A CD1 1 
ATOM   546 N N   . GLU A 1 71  ? -9.276  -9.938  4.019   1.00 33.09 ? 62  GLU A N   1 
ATOM   547 C CA  . GLU A 1 71  ? -9.821  -10.724 5.118   1.00 35.13 ? 62  GLU A CA  1 
ATOM   548 C C   . GLU A 1 71  ? -9.403  -10.129 6.469   1.00 34.18 ? 62  GLU A C   1 
ATOM   549 O O   . GLU A 1 71  ? -10.224 -9.979  7.379   1.00 33.09 ? 62  GLU A O   1 
ATOM   550 C CB  . GLU A 1 71  ? -9.328  -12.176 5.018   1.00 39.13 ? 62  GLU A CB  1 
ATOM   551 C CG  . GLU A 1 71  ? -9.807  -12.949 3.779   1.00 45.35 ? 62  GLU A CG  1 
ATOM   552 C CD  . GLU A 1 71  ? -11.073 -13.789 4.014   1.00 50.85 ? 62  GLU A CD  1 
ATOM   553 O OE1 . GLU A 1 71  ? -11.574 -14.405 3.039   1.00 52.21 ? 62  GLU A OE1 1 
ATOM   554 O OE2 . GLU A 1 71  ? -11.565 -13.844 5.167   1.00 52.91 ? 62  GLU A OE2 1 
ATOM   555 N N   . ARG A 1 72  ? -8.125  -9.781  6.591   1.00 33.42 ? 63  ARG A N   1 
ATOM   556 C CA  . ARG A 1 72  ? -7.596  -9.217  7.834   1.00 32.40 ? 63  ARG A CA  1 
ATOM   557 C C   . ARG A 1 72  ? -8.217  -7.863  8.137   1.00 30.81 ? 63  ARG A C   1 
ATOM   558 O O   . ARG A 1 72  ? -8.373  -7.481  9.293   1.00 29.19 ? 63  ARG A O   1 
ATOM   559 C CB  . ARG A 1 72  ? -6.084  -9.074  7.726   1.00 33.15 ? 63  ARG A CB  1 
ATOM   560 C CG  . ARG A 1 72  ? -5.496  -10.125 6.832   1.00 35.79 ? 63  ARG A CG  1 
ATOM   561 C CD  . ARG A 1 72  ? -3.994  -10.063 6.801   1.00 38.10 ? 63  ARG A CD  1 
ATOM   562 N NE  . ARG A 1 72  ? -3.426  -10.363 8.105   1.00 38.50 ? 63  ARG A NE  1 
ATOM   563 C CZ  . ARG A 1 72  ? -2.142  -10.622 8.298   1.00 38.77 ? 63  ARG A CZ  1 
ATOM   564 N NH1 . ARG A 1 72  ? -1.317  -10.612 7.262   1.00 39.10 ? 63  ARG A NH1 1 
ATOM   565 N NH2 . ARG A 1 72  ? -1.689  -10.895 9.515   1.00 39.34 ? 63  ARG A NH2 1 
ATOM   566 N N   . ILE A 1 73  ? -8.547  -7.128  7.083   1.00 31.02 ? 64  ILE A N   1 
ATOM   567 C CA  . ILE A 1 73  ? -9.161  -5.827  7.252   1.00 30.13 ? 64  ILE A CA  1 
ATOM   568 C C   . ILE A 1 73  ? -10.594 -6.051  7.716   1.00 30.63 ? 64  ILE A C   1 
ATOM   569 O O   . ILE A 1 73  ? -11.053 -5.426  8.674   1.00 31.40 ? 64  ILE A O   1 
ATOM   570 C CB  . ILE A 1 73  ? -9.188  -5.037  5.929   1.00 28.51 ? 64  ILE A CB  1 
ATOM   571 C CG1 . ILE A 1 73  ? -7.761  -4.774  5.440   1.00 27.14 ? 64  ILE A CG1 1 
ATOM   572 C CG2 . ILE A 1 73  ? -9.952  -3.729  6.131   1.00 29.04 ? 64  ILE A CG2 1 
ATOM   573 C CD1 . ILE A 1 73  ? -7.683  -3.975  4.137   1.00 23.03 ? 64  ILE A CD1 1 
ATOM   574 N N   . GLU A 1 74  ? -11.290 -6.965  7.044   1.00 30.33 ? 65  GLU A N   1 
ATOM   575 C CA  . GLU A 1 74  ? -12.679 -7.257  7.371   1.00 32.17 ? 65  GLU A CA  1 
ATOM   576 C C   . GLU A 1 74  ? -12.858 -7.801  8.780   1.00 32.80 ? 65  GLU A C   1 
ATOM   577 O O   . GLU A 1 74  ? -13.932 -7.682  9.365   1.00 32.89 ? 65  GLU A O   1 
ATOM   578 C CB  . GLU A 1 74  ? -13.265 -8.223  6.342   1.00 32.59 ? 65  GLU A CB  1 
ATOM   579 C CG  . GLU A 1 74  ? -13.280 -7.665  4.906   1.00 36.23 ? 65  GLU A CG  1 
ATOM   580 C CD  . GLU A 1 74  ? -14.420 -6.677  4.630   1.00 34.97 ? 65  GLU A CD  1 
ATOM   581 O OE1 . GLU A 1 74  ? -14.797 -5.919  5.545   1.00 38.07 ? 65  GLU A OE1 1 
ATOM   582 O OE2 . GLU A 1 74  ? -14.925 -6.646  3.487   1.00 33.94 ? 65  GLU A OE2 1 
ATOM   583 N N   . GLN A 1 75  ? -11.807 -8.391  9.335   1.00 33.72 ? 66  GLN A N   1 
ATOM   584 C CA  . GLN A 1 75  ? -11.886 -8.920  10.692  1.00 34.62 ? 66  GLN A CA  1 
ATOM   585 C C   . GLN A 1 75  ? -11.260 -7.928  11.683  1.00 35.52 ? 66  GLN A C   1 
ATOM   586 O O   . GLN A 1 75  ? -10.928 -8.284  12.816  1.00 34.95 ? 66  GLN A O   1 
ATOM   587 C CB  . GLN A 1 75  ? -11.184 -10.281 10.771  1.00 33.80 ? 66  GLN A CB  1 
ATOM   588 N N   . ASP A 1 76  ? -11.086 -6.686  11.240  1.00 38.04 ? 67  ASP A N   1 
ATOM   589 C CA  . ASP A 1 76  ? -10.524 -5.621  12.078  1.00 41.01 ? 67  ASP A CA  1 
ATOM   590 C C   . ASP A 1 76  ? -9.075  -5.802  12.504  1.00 41.07 ? 67  ASP A C   1 
ATOM   591 O O   . ASP A 1 76  ? -8.567  -5.011  13.318  1.00 40.46 ? 67  ASP A O   1 
ATOM   592 C CB  . ASP A 1 76  ? -11.363 -5.447  13.347  1.00 46.02 ? 67  ASP A CB  1 
ATOM   593 C CG  . ASP A 1 76  ? -10.578 -5.801  14.623  1.00 51.43 ? 67  ASP A CG  1 
ATOM   594 O OD1 . ASP A 1 76  ? -10.030 -6.944  14.695  1.00 53.95 ? 67  ASP A OD1 1 
ATOM   595 O OD2 . ASP A 1 76  ? -10.503 -4.938  15.550  1.00 53.07 ? 67  ASP A OD2 1 
ATOM   596 N N   . GLU A 1 77  ? -8.399  -6.828  11.996  1.00 41.49 ? 68  GLU A N   1 
ATOM   597 C CA  . GLU A 1 77  ? -7.010  -7.023  12.395  1.00 41.54 ? 68  GLU A CA  1 
ATOM   598 C C   . GLU A 1 77  ? -6.186  -5.867  11.845  1.00 38.66 ? 68  GLU A C   1 
ATOM   599 O O   . GLU A 1 77  ? -5.471  -5.191  12.588  1.00 39.96 ? 68  GLU A O   1 
ATOM   600 C CB  . GLU A 1 77  ? -6.464  -8.348  11.871  1.00 44.56 ? 68  GLU A CB  1 
ATOM   601 C CG  . GLU A 1 77  ? -5.291  -8.854  12.678  1.00 48.76 ? 68  GLU A CG  1 
ATOM   602 C CD  . GLU A 1 77  ? -4.372  -9.747  11.877  1.00 51.60 ? 68  GLU A CD  1 
ATOM   603 O OE1 . GLU A 1 77  ? -4.867  -10.718 11.261  1.00 53.13 ? 68  GLU A OE1 1 
ATOM   604 O OE2 . GLU A 1 77  ? -3.150  -9.474  11.869  1.00 54.06 ? 68  GLU A OE2 1 
ATOM   605 N N   . LEU A 1 78  ? -6.293  -5.641  10.538  1.00 34.89 ? 69  LEU A N   1 
ATOM   606 C CA  . LEU A 1 78  ? -5.581  -4.545  9.904   1.00 31.07 ? 69  LEU A CA  1 
ATOM   607 C C   . LEU A 1 78  ? -6.587  -3.452  9.573   1.00 28.96 ? 69  LEU A C   1 
ATOM   608 O O   . LEU A 1 78  ? -7.783  -3.717  9.460   1.00 29.07 ? 69  LEU A O   1 
ATOM   609 C CB  . LEU A 1 78  ? -4.895  -5.005  8.613   1.00 30.23 ? 69  LEU A CB  1 
ATOM   610 C CG  . LEU A 1 78  ? -3.810  -6.077  8.689   1.00 28.66 ? 69  LEU A CG  1 
ATOM   611 C CD1 . LEU A 1 78  ? -3.151  -6.179  7.326   1.00 28.14 ? 69  LEU A CD1 1 
ATOM   612 C CD2 . LEU A 1 78  ? -2.774  -5.724  9.746   1.00 28.62 ? 69  LEU A CD2 1 
ATOM   613 N N   . PHE A 1 79  ? -6.095  -2.226  9.427   1.00 27.22 ? 70  PHE A N   1 
ATOM   614 C CA  . PHE A 1 79  ? -6.935  -1.085  9.087   1.00 25.64 ? 70  PHE A CA  1 
ATOM   615 C C   . PHE A 1 79  ? -6.693  -0.756  7.626   1.00 23.93 ? 70  PHE A C   1 
ATOM   616 O O   . PHE A 1 79  ? -5.866  -1.381  6.959   1.00 23.17 ? 70  PHE A O   1 
ATOM   617 C CB  . PHE A 1 79  ? -6.555  0.151   9.915   1.00 26.53 ? 70  PHE A CB  1 
ATOM   618 C CG  . PHE A 1 79  ? -6.591  -0.067  11.405  1.00 29.66 ? 70  PHE A CG  1 
ATOM   619 C CD1 . PHE A 1 79  ? -5.978  0.846   12.261  1.00 31.38 ? 70  PHE A CD1 1 
ATOM   620 C CD2 . PHE A 1 79  ? -7.224  -1.176  11.957  1.00 31.11 ? 70  PHE A CD2 1 
ATOM   621 C CE1 . PHE A 1 79  ? -5.994  0.655   13.644  1.00 29.69 ? 70  PHE A CE1 1 
ATOM   622 C CE2 . PHE A 1 79  ? -7.243  -1.376  13.338  1.00 32.06 ? 70  PHE A CE2 1 
ATOM   623 C CZ  . PHE A 1 79  ? -6.628  -0.459  14.179  1.00 30.26 ? 70  PHE A CZ  1 
ATOM   624 N N   . TYR A 1 80  ? -7.422  0.230   7.123   1.00 23.20 ? 71  TYR A N   1 
ATOM   625 C CA  . TYR A 1 80  ? -7.229  0.670   5.752   1.00 21.38 ? 71  TYR A CA  1 
ATOM   626 C C   . TYR A 1 80  ? -7.309  2.199   5.779   1.00 20.87 ? 71  TYR A C   1 
ATOM   627 O O   . TYR A 1 80  ? -7.948  2.782   6.658   1.00 19.35 ? 71  TYR A O   1 
ATOM   628 C CB  . TYR A 1 80  ? -8.281  0.052   4.823   1.00 19.98 ? 71  TYR A CB  1 
ATOM   629 C CG  . TYR A 1 80  ? -9.681  0.542   5.071   1.00 21.31 ? 71  TYR A CG  1 
ATOM   630 C CD1 . TYR A 1 80  ? -10.122 1.759   4.542   1.00 20.74 ? 71  TYR A CD1 1 
ATOM   631 C CD2 . TYR A 1 80  ? -10.564 -0.198  5.853   1.00 22.21 ? 71  TYR A CD2 1 
ATOM   632 C CE1 . TYR A 1 80  ? -11.402 2.223   4.786   1.00 21.41 ? 71  TYR A CE1 1 
ATOM   633 C CE2 . TYR A 1 80  ? -11.848 0.261   6.105   1.00 24.46 ? 71  TYR A CE2 1 
ATOM   634 C CZ  . TYR A 1 80  ? -12.258 1.472   5.567   1.00 23.36 ? 71  TYR A CZ  1 
ATOM   635 O OH  . TYR A 1 80  ? -13.528 1.917   5.821   1.00 27.63 ? 71  TYR A OH  1 
ATOM   636 N N   . PRO A 1 81  ? -6.654  2.871   4.821   1.00 21.06 ? 72  PRO A N   1 
ATOM   637 C CA  . PRO A 1 81  ? -5.861  2.274   3.737   1.00 20.45 ? 72  PRO A CA  1 
ATOM   638 C C   . PRO A 1 81  ? -4.785  1.283   4.164   1.00 19.44 ? 72  PRO A C   1 
ATOM   639 O O   . PRO A 1 81  ? -4.143  1.455   5.191   1.00 18.00 ? 72  PRO A O   1 
ATOM   640 C CB  . PRO A 1 81  ? -5.254  3.492   3.042   1.00 21.54 ? 72  PRO A CB  1 
ATOM   641 C CG  . PRO A 1 81  ? -5.118  4.486   4.169   1.00 22.29 ? 72  PRO A CG  1 
ATOM   642 C CD  . PRO A 1 81  ? -6.456  4.332   4.861   1.00 21.31 ? 72  PRO A CD  1 
ATOM   643 N N   . LEU A 1 82  ? -4.619  0.232   3.366   1.00 19.52 ? 73  LEU A N   1 
ATOM   644 C CA  . LEU A 1 82  ? -3.582  -0.762  3.607   1.00 19.73 ? 73  LEU A CA  1 
ATOM   645 C C   . LEU A 1 82  ? -2.700  -0.718  2.366   1.00 17.92 ? 73  LEU A C   1 
ATOM   646 O O   . LEU A 1 82  ? -3.199  -0.773  1.240   1.00 16.68 ? 73  LEU A O   1 
ATOM   647 C CB  . LEU A 1 82  ? -4.173  -2.165  3.776   1.00 21.70 ? 73  LEU A CB  1 
ATOM   648 C CG  . LEU A 1 82  ? -3.164  -3.328  3.824   1.00 24.03 ? 73  LEU A CG  1 
ATOM   649 C CD1 . LEU A 1 82  ? -2.365  -3.304  5.112   1.00 25.58 ? 73  LEU A CD1 1 
ATOM   650 C CD2 . LEU A 1 82  ? -3.917  -4.644  3.717   1.00 26.70 ? 73  LEU A CD2 1 
ATOM   651 N N   . ILE A 1 83  ? -1.396  -0.587  2.573   1.00 15.62 ? 74  ILE A N   1 
ATOM   652 C CA  . ILE A 1 83  ? -0.461  -0.541  1.466   1.00 14.99 ? 74  ILE A CA  1 
ATOM   653 C C   . ILE A 1 83  ? 0.371   -1.811  1.426   1.00 15.29 ? 74  ILE A C   1 
ATOM   654 O O   . ILE A 1 83  ? 0.858   -2.268  2.460   1.00 14.49 ? 74  ILE A O   1 
ATOM   655 C CB  . ILE A 1 83  ? 0.526   0.652   1.595   1.00 15.73 ? 74  ILE A CB  1 
ATOM   656 C CG1 . ILE A 1 83  ? -0.243  1.972   1.655   1.00 15.47 ? 74  ILE A CG1 1 
ATOM   657 C CG2 . ILE A 1 83  ? 1.489   0.655   0.415   1.00 13.93 ? 74  ILE A CG2 1 
ATOM   658 C CD1 . ILE A 1 83  ? 0.613   3.213   1.491   1.00 12.63 ? 74  ILE A CD1 1 
ATOM   659 N N   . THR A 1 84  ? 0.505   -2.400  0.241   1.00 14.85 ? 75  THR A N   1 
ATOM   660 C CA  . THR A 1 84  ? 1.347   -3.584  0.087   1.00 16.17 ? 75  THR A CA  1 
ATOM   661 C C   . THR A 1 84  ? 2.163   -3.397  -1.179  1.00 16.84 ? 75  THR A C   1 
ATOM   662 O O   . THR A 1 84  ? 1.704   -2.768  -2.131  1.00 17.92 ? 75  THR A O   1 
ATOM   663 C CB  . THR A 1 84  ? 0.553   -4.919  -0.047  1.00 15.17 ? 75  THR A CB  1 
ATOM   664 O OG1 . THR A 1 84  ? -0.241  -4.888  -1.231  1.00 17.21 ? 75  THR A OG1 1 
ATOM   665 C CG2 . THR A 1 84  ? -0.327  -5.160  1.168   1.00 15.61 ? 75  THR A CG2 1 
ATOM   666 N N   . MET A 1 85  ? 3.389   -3.906  -1.174  1.00 18.64 ? 76  MET A N   1 
ATOM   667 C CA  . MET A 1 85  ? 4.259   -3.816  -2.347  1.00 19.87 ? 76  MET A CA  1 
ATOM   668 C C   . MET A 1 85  ? 4.766   -5.215  -2.642  1.00 20.47 ? 76  MET A C   1 
ATOM   669 O O   . MET A 1 85  ? 5.480   -5.811  -1.835  1.00 18.60 ? 76  MET A O   1 
ATOM   670 C CB  . MET A 1 85  ? 5.442   -2.881  -2.109  1.00 20.39 ? 76  MET A CB  1 
ATOM   671 C CG  . MET A 1 85  ? 6.377   -2.804  -3.318  1.00 24.43 ? 76  MET A CG  1 
ATOM   672 S SD  . MET A 1 85  ? 7.709   -1.597  -3.154  1.00 26.18 ? 76  MET A SD  1 
ATOM   673 C CE  . MET A 1 85  ? 8.787   -2.438  -2.025  1.00 27.24 ? 76  MET A CE  1 
ATOM   674 N N   . ASN A 1 86  ? 4.370   -5.734  -3.799  1.00 21.30 ? 77  ASN A N   1 
ATOM   675 C CA  . ASN A 1 86  ? 4.745   -7.076  -4.203  1.00 23.04 ? 77  ASN A CA  1 
ATOM   676 C C   . ASN A 1 86  ? 4.143   -8.073  -3.215  1.00 23.31 ? 77  ASN A C   1 
ATOM   677 O O   . ASN A 1 86  ? 4.766   -9.073  -2.856  1.00 21.35 ? 77  ASN A O   1 
ATOM   678 C CB  . ASN A 1 86  ? 6.271   -7.195  -4.268  1.00 24.97 ? 77  ASN A CB  1 
ATOM   679 C CG  . ASN A 1 86  ? 6.863   -6.412  -5.436  1.00 27.06 ? 77  ASN A CG  1 
ATOM   680 O OD1 . ASN A 1 86  ? 8.006   -5.957  -5.377  1.00 27.67 ? 77  ASN A OD1 1 
ATOM   681 N ND2 . ASN A 1 86  ? 6.084   -6.263  -6.507  1.00 23.77 ? 77  ASN A ND2 1 
ATOM   682 N N   . ASP A 1 87  ? 2.917   -7.771  -2.782  1.00 24.22 ? 78  ASP A N   1 
ATOM   683 C CA  . ASP A 1 87  ? 2.166   -8.605  -1.843  1.00 26.51 ? 78  ASP A CA  1 
ATOM   684 C C   . ASP A 1 87  ? 2.695   -8.652  -0.422  1.00 25.98 ? 78  ASP A C   1 
ATOM   685 O O   . ASP A 1 87  ? 2.254   -9.479  0.373   1.00 26.17 ? 78  ASP A O   1 
ATOM   686 C CB  . ASP A 1 87  ? 2.051   -10.035 -2.364  1.00 28.18 ? 78  ASP A CB  1 
ATOM   687 C CG  . ASP A 1 87  ? 1.040   -10.165 -3.475  1.00 31.72 ? 78  ASP A CG  1 
ATOM   688 O OD1 . ASP A 1 87  ? -0.142  -9.823  -3.245  1.00 35.82 ? 78  ASP A OD1 1 
ATOM   689 O OD2 . ASP A 1 87  ? 1.424   -10.607 -4.578  1.00 33.35 ? 78  ASP A OD2 1 
ATOM   690 N N   . GLU A 1 88  ? 3.638   -7.777  -0.097  1.00 25.45 ? 79  GLU A N   1 
ATOM   691 C CA  . GLU A 1 88  ? 4.194   -7.743  1.247   1.00 26.35 ? 79  GLU A CA  1 
ATOM   692 C C   . GLU A 1 88  ? 3.568   -6.581  2.019   1.00 25.89 ? 79  GLU A C   1 
ATOM   693 O O   . GLU A 1 88  ? 3.368   -5.501  1.458   1.00 25.10 ? 79  GLU A O   1 
ATOM   694 C CB  . GLU A 1 88  ? 5.710   -7.561  1.188   1.00 28.62 ? 79  GLU A CB  1 
ATOM   695 C CG  . GLU A 1 88  ? 6.429   -8.589  0.335   1.00 32.83 ? 79  GLU A CG  1 
ATOM   696 C CD  . GLU A 1 88  ? 7.920   -8.319  0.241   1.00 35.87 ? 79  GLU A CD  1 
ATOM   697 O OE1 . GLU A 1 88  ? 8.311   -7.215  -0.208  1.00 37.62 ? 79  GLU A OE1 1 
ATOM   698 O OE2 . GLU A 1 88  ? 8.703   -9.216  0.617   1.00 39.06 ? 79  GLU A OE2 1 
ATOM   699 N N   . TYR A 1 89  ? 3.260   -6.804  3.296   1.00 24.27 ? 80  TYR A N   1 
ATOM   700 C CA  . TYR A 1 89  ? 2.670   -5.765  4.130   1.00 24.16 ? 80  TYR A CA  1 
ATOM   701 C C   . TYR A 1 89  ? 3.645   -4.616  4.339   1.00 24.53 ? 80  TYR A C   1 
ATOM   702 O O   . TYR A 1 89  ? 4.795   -4.829  4.722   1.00 23.38 ? 80  TYR A O   1 
ATOM   703 C CB  . TYR A 1 89  ? 2.283   -6.323  5.497   1.00 24.56 ? 80  TYR A CB  1 
ATOM   704 C CG  . TYR A 1 89  ? 1.962   -5.248  6.519   1.00 26.32 ? 80  TYR A CG  1 
ATOM   705 C CD1 . TYR A 1 89  ? 0.794   -4.486  6.425   1.00 25.66 ? 80  TYR A CD1 1 
ATOM   706 C CD2 . TYR A 1 89  ? 2.848   -4.967  7.560   1.00 26.67 ? 80  TYR A CD2 1 
ATOM   707 C CE1 . TYR A 1 89  ? 0.522   -3.473  7.341   1.00 26.25 ? 80  TYR A CE1 1 
ATOM   708 C CE2 . TYR A 1 89  ? 2.587   -3.960  8.479   1.00 26.15 ? 80  TYR A CE2 1 
ATOM   709 C CZ  . TYR A 1 89  ? 1.427   -3.218  8.365   1.00 27.09 ? 80  TYR A CZ  1 
ATOM   710 O OH  . TYR A 1 89  ? 1.183   -2.223  9.271   1.00 25.07 ? 80  TYR A OH  1 
ATOM   711 N N   . VAL A 1 90  ? 3.175   -3.398  4.092   1.00 24.13 ? 81  VAL A N   1 
ATOM   712 C CA  . VAL A 1 90  ? 4.001   -2.213  4.279   1.00 23.01 ? 81  VAL A CA  1 
ATOM   713 C C   . VAL A 1 90  ? 3.428   -1.301  5.363   1.00 22.45 ? 81  VAL A C   1 
ATOM   714 O O   . VAL A 1 90  ? 4.105   -1.008  6.340   1.00 23.47 ? 81  VAL A O   1 
ATOM   715 C CB  . VAL A 1 90  ? 4.147   -1.426  2.960   1.00 22.46 ? 81  VAL A CB  1 
ATOM   716 C CG1 . VAL A 1 90  ? 4.863   -0.115  3.211   1.00 22.24 ? 81  VAL A CG1 1 
ATOM   717 C CG2 . VAL A 1 90  ? 4.920   -2.258  1.948   1.00 20.39 ? 81  VAL A CG2 1 
ATOM   718 N N   . ALA A 1 91  ? 2.177   -0.870  5.201   1.00 22.83 ? 82  ALA A N   1 
ATOM   719 C CA  . ALA A 1 91  ? 1.534   0.023   6.171   1.00 21.91 ? 82  ALA A CA  1 
ATOM   720 C C   . ALA A 1 91  ? 0.000   -0.024  6.101   1.00 21.35 ? 82  ALA A C   1 
ATOM   721 O O   . ALA A 1 91  ? -0.573  -0.234  5.033   1.00 21.58 ? 82  ALA A O   1 
ATOM   722 C CB  . ALA A 1 91  ? 2.023   1.466   5.941   1.00 19.62 ? 82  ALA A CB  1 
ATOM   723 N N   . ASP A 1 92  ? -0.656  0.176   7.240   1.00 21.12 ? 83  ASP A N   1 
ATOM   724 C CA  . ASP A 1 92  ? -2.117  0.166   7.294   1.00 22.61 ? 83  ASP A CA  1 
ATOM   725 C C   . ASP A 1 92  ? -2.693  1.227   8.235   1.00 22.48 ? 83  ASP A C   1 
ATOM   726 O O   . ASP A 1 92  ? -2.158  1.457   9.314   1.00 22.68 ? 83  ASP A O   1 
ATOM   727 C CB  . ASP A 1 92  ? -2.640  -1.228  7.711   1.00 22.49 ? 83  ASP A CB  1 
ATOM   728 C CG  . ASP A 1 92  ? -2.331  -1.580  9.168   1.00 23.44 ? 83  ASP A CG  1 
ATOM   729 O OD1 . ASP A 1 92  ? -1.146  -1.570  9.543   1.00 26.15 ? 83  ASP A OD1 1 
ATOM   730 O OD2 . ASP A 1 92  ? -3.269  -1.885  9.940   1.00 22.89 ? 83  ASP A OD2 1 
ATOM   731 N N   . GLY A 1 93  ? -3.779  1.872   7.817   1.00 22.46 ? 84  GLY A N   1 
ATOM   732 C CA  . GLY A 1 93  ? -4.426  2.874   8.650   1.00 23.02 ? 84  GLY A CA  1 
ATOM   733 C C   . GLY A 1 93  ? -3.695  4.197   8.697   1.00 24.28 ? 84  GLY A C   1 
ATOM   734 O O   . GLY A 1 93  ? -3.681  4.936   7.716   1.00 26.00 ? 84  GLY A O   1 
ATOM   735 N N   . TYR A 1 94  ? -3.119  4.516   9.849   1.00 23.41 ? 85  TYR A N   1 
ATOM   736 C CA  . TYR A 1 94  ? -2.351  5.738   9.983   1.00 25.56 ? 85  TYR A CA  1 
ATOM   737 C C   . TYR A 1 94  ? -1.034  5.391   9.278   1.00 25.93 ? 85  TYR A C   1 
ATOM   738 O O   . TYR A 1 94  ? -0.372  4.412   9.631   1.00 27.37 ? 85  TYR A O   1 
ATOM   739 C CB  . TYR A 1 94  ? -2.133  6.059   11.466  1.00 28.75 ? 85  TYR A CB  1 
ATOM   740 C CG  . TYR A 1 94  ? -3.367  6.596   12.163  1.00 30.55 ? 85  TYR A CG  1 
ATOM   741 C CD1 . TYR A 1 94  ? -3.931  7.804   11.767  1.00 32.46 ? 85  TYR A CD1 1 
ATOM   742 C CD2 . TYR A 1 94  ? -3.981  5.892   13.204  1.00 32.31 ? 85  TYR A CD2 1 
ATOM   743 C CE1 . TYR A 1 94  ? -5.076  8.305   12.380  1.00 34.83 ? 85  TYR A CE1 1 
ATOM   744 C CE2 . TYR A 1 94  ? -5.133  6.387   13.832  1.00 33.98 ? 85  TYR A CE2 1 
ATOM   745 C CZ  . TYR A 1 94  ? -5.673  7.598   13.407  1.00 36.14 ? 85  TYR A CZ  1 
ATOM   746 O OH  . TYR A 1 94  ? -6.814  8.119   13.993  1.00 40.45 ? 85  TYR A OH  1 
ATOM   747 N N   . ILE A 1 95  ? -0.654  6.176   8.276   1.00 23.61 ? 86  ILE A N   1 
ATOM   748 C CA  . ILE A 1 95  ? 0.550   5.870   7.522   1.00 22.23 ? 86  ILE A CA  1 
ATOM   749 C C   . ILE A 1 95  ? 1.560   7.007   7.459   1.00 21.86 ? 86  ILE A C   1 
ATOM   750 O O   . ILE A 1 95  ? 1.217   8.132   7.113   1.00 20.52 ? 86  ILE A O   1 
ATOM   751 C CB  . ILE A 1 95  ? 0.170   5.447   6.080   1.00 21.78 ? 86  ILE A CB  1 
ATOM   752 C CG1 . ILE A 1 95  ? -0.679  4.176   6.133   1.00 21.51 ? 86  ILE A CG1 1 
ATOM   753 C CG2 . ILE A 1 95  ? 1.417   5.229   5.231   1.00 21.43 ? 86  ILE A CG2 1 
ATOM   754 C CD1 . ILE A 1 95  ? -1.424  3.902   4.867   1.00 20.81 ? 86  ILE A CD1 1 
ATOM   755 N N   . GLN A 1 96  ? 2.807   6.696   7.804   1.00 22.05 ? 87  GLN A N   1 
ATOM   756 C CA  . GLN A 1 96  ? 3.882   7.677   7.765   1.00 22.63 ? 87  GLN A CA  1 
ATOM   757 C C   . GLN A 1 96  ? 4.729   7.474   6.525   1.00 21.82 ? 87  GLN A C   1 
ATOM   758 O O   . GLN A 1 96  ? 4.936   6.348   6.075   1.00 20.50 ? 87  GLN A O   1 
ATOM   759 C CB  . GLN A 1 96  ? 4.783   7.566   8.992   1.00 24.90 ? 87  GLN A CB  1 
ATOM   760 C CG  . GLN A 1 96  ? 4.231   8.206   10.249  1.00 29.49 ? 87  GLN A CG  1 
ATOM   761 C CD  . GLN A 1 96  ? 5.240   8.186   11.383  1.00 31.51 ? 87  GLN A CD  1 
ATOM   762 O OE1 . GLN A 1 96  ? 6.395   8.561   11.199  1.00 34.84 ? 87  GLN A OE1 1 
ATOM   763 N NE2 . GLN A 1 96  ? 4.808   7.753   12.560  1.00 33.31 ? 87  GLN A NE2 1 
ATOM   764 N N   . THR A 1 97  ? 5.220   8.582   5.991   1.00 22.10 ? 88  THR A N   1 
ATOM   765 C CA  . THR A 1 97  ? 6.056   8.594   4.806   1.00 23.92 ? 88  THR A CA  1 
ATOM   766 C C   . THR A 1 97  ? 7.309   7.742   4.999   1.00 24.39 ? 88  THR A C   1 
ATOM   767 O O   . THR A 1 97  ? 7.739   7.055   4.079   1.00 24.45 ? 88  THR A O   1 
ATOM   768 C CB  . THR A 1 97  ? 6.485   10.022  4.492   1.00 23.34 ? 88  THR A CB  1 
ATOM   769 O OG1 . THR A 1 97  ? 5.365   10.894  4.669   1.00 23.68 ? 88  THR A OG1 1 
ATOM   770 C CG2 . THR A 1 97  ? 6.972   10.126  3.065   1.00 24.14 ? 88  THR A CG2 1 
ATOM   771 N N   . LYS A 1 98  ? 7.891   7.803   6.195   1.00 24.94 ? 89  LYS A N   1 
ATOM   772 C CA  . LYS A 1 98  ? 9.091   7.038   6.514   1.00 26.47 ? 89  LYS A CA  1 
ATOM   773 C C   . LYS A 1 98  ? 8.856   5.539   6.414   1.00 26.93 ? 89  LYS A C   1 
ATOM   774 O O   . LYS A 1 98  ? 9.764   4.798   6.044   1.00 29.05 ? 89  LYS A O   1 
ATOM   775 C CB  . LYS A 1 98  ? 9.588   7.381   7.915   1.00 27.54 ? 89  LYS A CB  1 
ATOM   776 C CG  . LYS A 1 98  ? 10.206  8.764   8.019   1.00 33.04 ? 89  LYS A CG  1 
ATOM   777 C CD  . LYS A 1 98  ? 11.434  8.903   7.118   1.00 36.65 ? 89  LYS A CD  1 
ATOM   778 C CE  . LYS A 1 98  ? 11.946  10.341  7.090   1.00 38.48 ? 89  LYS A CE  1 
ATOM   779 N NZ  . LYS A 1 98  ? 12.279  10.838  8.449   1.00 41.27 ? 89  LYS A NZ  1 
ATOM   780 N N   . GLN A 1 99  ? 7.650   5.089   6.753   1.00 25.99 ? 90  GLN A N   1 
ATOM   781 C CA  . GLN A 1 99  ? 7.316   3.668   6.665   1.00 27.10 ? 90  GLN A CA  1 
ATOM   782 C C   . GLN A 1 99  ? 7.448   3.205   5.216   1.00 26.58 ? 90  GLN A C   1 
ATOM   783 O O   . GLN A 1 99  ? 7.960   2.117   4.940   1.00 27.74 ? 90  GLN A O   1 
ATOM   784 C CB  . GLN A 1 99  ? 5.881   3.406   7.105   1.00 26.64 ? 90  GLN A CB  1 
ATOM   785 C CG  . GLN A 1 99  ? 5.560   3.817   8.504   1.00 31.62 ? 90  GLN A CG  1 
ATOM   786 C CD  . GLN A 1 99  ? 4.221   3.271   8.935   1.00 34.06 ? 90  GLN A CD  1 
ATOM   787 O OE1 . GLN A 1 99  ? 4.059   2.053   9.074   1.00 37.66 ? 90  GLN A OE1 1 
ATOM   788 N NE2 . GLN A 1 99  ? 3.244   4.158   9.131   1.00 32.76 ? 90  GLN A NE2 1 
ATOM   789 N N   . ILE A 1 100 ? 6.963   4.035   4.298   1.00 24.10 ? 91  ILE A N   1 
ATOM   790 C CA  . ILE A 1 100 ? 7.037   3.725   2.888   1.00 23.42 ? 91  ILE A CA  1 
ATOM   791 C C   . ILE A 1 100 ? 8.488   3.771   2.411   1.00 23.47 ? 91  ILE A C   1 
ATOM   792 O O   . ILE A 1 100 ? 8.958   2.844   1.752   1.00 24.57 ? 91  ILE A O   1 
ATOM   793 C CB  . ILE A 1 100 ? 6.234   4.728   2.032   1.00 22.41 ? 91  ILE A CB  1 
ATOM   794 C CG1 . ILE A 1 100 ? 4.814   4.887   2.581   1.00 21.07 ? 91  ILE A CG1 1 
ATOM   795 C CG2 . ILE A 1 100 ? 6.212   4.251   0.583   1.00 20.38 ? 91  ILE A CG2 1 
ATOM   796 C CD1 . ILE A 1 100 ? 4.076   3.610   2.716   1.00 19.67 ? 91  ILE A CD1 1 
ATOM   797 N N   . THR A 1 101 ? 9.204   4.840   2.745   1.00 21.89 ? 92  THR A N   1 
ATOM   798 C CA  . THR A 1 101 ? 10.585  4.965   2.291   1.00 20.96 ? 92  THR A CA  1 
ATOM   799 C C   . THR A 1 101 ? 11.547  3.968   2.926   1.00 20.19 ? 92  THR A C   1 
ATOM   800 O O   . THR A 1 101 ? 12.377  3.368   2.236   1.00 19.88 ? 92  THR A O   1 
ATOM   801 C CB  . THR A 1 101 ? 11.126  6.409   2.498   1.00 20.75 ? 92  THR A CB  1 
ATOM   802 O OG1 . THR A 1 101 ? 11.029  6.778   3.880   1.00 20.76 ? 92  THR A OG1 1 
ATOM   803 C CG2 . THR A 1 101 ? 10.337  7.387   1.639   1.00 20.22 ? 92  THR A CG2 1 
ATOM   804 N N   . ARG A 1 102 ? 11.439  3.777   4.232   1.00 18.30 ? 93  ARG A N   1 
ATOM   805 C CA  . ARG A 1 102 ? 12.331  2.840   4.887   1.00 18.94 ? 93  ARG A CA  1 
ATOM   806 C C   . ARG A 1 102 ? 12.122  1.413   4.401   1.00 18.35 ? 93  ARG A C   1 
ATOM   807 O O   . ARG A 1 102 ? 13.051  0.615   4.401   1.00 18.81 ? 93  ARG A O   1 
ATOM   808 C CB  . ARG A 1 102 ? 12.169  2.928   6.405   1.00 19.81 ? 93  ARG A CB  1 
ATOM   809 C CG  . ARG A 1 102 ? 12.729  4.219   6.977   1.00 20.12 ? 93  ARG A CG  1 
ATOM   810 C CD  . ARG A 1 102 ? 12.573  4.304   8.479   1.00 22.90 ? 93  ARG A CD  1 
ATOM   811 N NE  . ARG A 1 102 ? 13.105  5.567   8.985   1.00 27.16 ? 93  ARG A NE  1 
ATOM   812 C CZ  . ARG A 1 102 ? 13.137  5.914   10.270  1.00 29.88 ? 93  ARG A CZ  1 
ATOM   813 N NH1 . ARG A 1 102 ? 12.663  5.094   11.199  1.00 32.15 ? 93  ARG A NH1 1 
ATOM   814 N NH2 . ARG A 1 102 ? 13.652  7.084   10.629  1.00 30.53 ? 93  ARG A NH2 1 
ATOM   815 N N   . PHE A 1 103 ? 10.904  1.090   3.986   1.00 19.38 ? 94  PHE A N   1 
ATOM   816 C CA  . PHE A 1 103 ? 10.611  -0.250  3.486   1.00 18.44 ? 94  PHE A CA  1 
ATOM   817 C C   . PHE A 1 103 ? 11.351  -0.464  2.159   1.00 17.62 ? 94  PHE A C   1 
ATOM   818 O O   . PHE A 1 103 ? 11.952  -1.508  1.934   1.00 16.87 ? 94  PHE A O   1 
ATOM   819 C CB  . PHE A 1 103 ? 9.106   -0.428  3.268   1.00 19.55 ? 94  PHE A CB  1 
ATOM   820 C CG  . PHE A 1 103 ? 8.717   -1.806  2.797   1.00 20.48 ? 94  PHE A CG  1 
ATOM   821 C CD1 . PHE A 1 103 ? 8.513   -2.835  3.710   1.00 20.65 ? 94  PHE A CD1 1 
ATOM   822 C CD2 . PHE A 1 103 ? 8.572   -2.080  1.433   1.00 20.74 ? 94  PHE A CD2 1 
ATOM   823 C CE1 . PHE A 1 103 ? 8.165   -4.126  3.275   1.00 20.56 ? 94  PHE A CE1 1 
ATOM   824 C CE2 . PHE A 1 103 ? 8.226   -3.367  0.985   1.00 20.86 ? 94  PHE A CE2 1 
ATOM   825 C CZ  . PHE A 1 103 ? 8.022   -4.392  1.912   1.00 20.47 ? 94  PHE A CZ  1 
ATOM   826 N N   . ILE A 1 104 ? 11.305  0.532   1.283   1.00 18.35 ? 95  ILE A N   1 
ATOM   827 C CA  . ILE A 1 104 ? 11.982  0.442   -0.005  1.00 18.52 ? 95  ILE A CA  1 
ATOM   828 C C   . ILE A 1 104 ? 13.494  0.577   0.170   1.00 20.85 ? 95  ILE A C   1 
ATOM   829 O O   . ILE A 1 104 ? 14.261  -0.241  -0.354  1.00 21.87 ? 95  ILE A O   1 
ATOM   830 C CB  . ILE A 1 104 ? 11.478  1.534   -0.972  1.00 17.60 ? 95  ILE A CB  1 
ATOM   831 C CG1 . ILE A 1 104 ? 10.020  1.263   -1.331  1.00 15.68 ? 95  ILE A CG1 1 
ATOM   832 C CG2 . ILE A 1 104 ? 12.333  1.563   -2.241  1.00 15.75 ? 95  ILE A CG2 1 
ATOM   833 C CD1 . ILE A 1 104 ? 9.412   2.345   -2.178  1.00 19.31 ? 95  ILE A CD1 1 
ATOM   834 N N   . ASP A 1 105 ? 13.920  1.602   0.908   1.00 21.56 ? 96  ASP A N   1 
ATOM   835 C CA  . ASP A 1 105 ? 15.347  1.827   1.158   1.00 22.89 ? 96  ASP A CA  1 
ATOM   836 C C   . ASP A 1 105 ? 16.020  0.577   1.695   1.00 23.36 ? 96  ASP A C   1 
ATOM   837 O O   . ASP A 1 105 ? 17.121  0.221   1.274   1.00 23.38 ? 96  ASP A O   1 
ATOM   838 C CB  . ASP A 1 105 ? 15.544  2.959   2.159   1.00 22.78 ? 96  ASP A CB  1 
ATOM   839 C CG  . ASP A 1 105 ? 15.190  4.303   1.582   1.00 25.37 ? 96  ASP A CG  1 
ATOM   840 O OD1 . ASP A 1 105 ? 14.931  4.380   0.356   1.00 26.38 ? 96  ASP A OD1 1 
ATOM   841 O OD2 . ASP A 1 105 ? 15.181  5.289   2.350   1.00 27.40 ? 96  ASP A OD2 1 
ATOM   842 N N   . GLN A 1 106 ? 15.351  -0.080  2.633   1.00 22.98 ? 97  GLN A N   1 
ATOM   843 C CA  . GLN A 1 106 ? 15.873  -1.294  3.228   1.00 24.55 ? 97  GLN A CA  1 
ATOM   844 C C   . GLN A 1 106 ? 16.167  -2.315  2.138   1.00 24.91 ? 97  GLN A C   1 
ATOM   845 O O   . GLN A 1 106 ? 17.184  -3.005  2.197   1.00 25.59 ? 97  GLN A O   1 
ATOM   846 C CB  . GLN A 1 106 ? 14.866  -1.861  4.231   1.00 27.76 ? 97  GLN A CB  1 
ATOM   847 C CG  . GLN A 1 106 ? 15.346  -3.086  4.980   1.00 31.65 ? 97  GLN A CG  1 
ATOM   848 C CD  . GLN A 1 106 ? 15.501  -4.296  4.081   1.00 35.12 ? 97  GLN A CD  1 
ATOM   849 O OE1 . GLN A 1 106 ? 14.641  -4.574  3.239   1.00 38.36 ? 97  GLN A OE1 1 
ATOM   850 N NE2 . GLN A 1 106 ? 16.595  -5.030  4.257   1.00 35.77 ? 97  GLN A NE2 1 
ATOM   851 N N   . LYS A 1 107 ? 15.281  -2.411  1.146   1.00 23.98 ? 98  LYS A N   1 
ATOM   852 C CA  . LYS A 1 107 ? 15.464  -3.351  0.038   1.00 24.07 ? 98  LYS A CA  1 
ATOM   853 C C   . LYS A 1 107 ? 16.655  -2.961  -0.837  1.00 23.95 ? 98  LYS A C   1 
ATOM   854 O O   . LYS A 1 107 ? 17.495  -3.799  -1.162  1.00 21.80 ? 98  LYS A O   1 
ATOM   855 C CB  . LYS A 1 107 ? 14.195  -3.415  -0.816  1.00 23.57 ? 98  LYS A CB  1 
ATOM   856 C CG  . LYS A 1 107 ? 13.172  -4.429  -0.331  1.00 24.57 ? 98  LYS A CG  1 
ATOM   857 C CD  . LYS A 1 107 ? 11.819  -4.181  -0.969  1.00 25.28 ? 98  LYS A CD  1 
ATOM   858 C CE  . LYS A 1 107 ? 10.992  -5.453  -1.065  1.00 25.67 ? 98  LYS A CE  1 
ATOM   859 N NZ  . LYS A 1 107 ? 11.013  -6.249  0.177   1.00 22.10 ? 98  LYS A NZ  1 
ATOM   860 N N   . LEU A 1 108 ? 16.722  -1.685  -1.202  1.00 24.33 ? 99  LEU A N   1 
ATOM   861 C CA  . LEU A 1 108 ? 17.804  -1.164  -2.032  1.00 25.72 ? 99  LEU A CA  1 
ATOM   862 C C   . LEU A 1 108 ? 19.163  -1.460  -1.411  1.00 28.35 ? 99  LEU A C   1 
ATOM   863 O O   . LEU A 1 108 ? 20.097  -1.896  -2.089  1.00 28.52 ? 99  LEU A O   1 
ATOM   864 C CB  . LEU A 1 108 ? 17.661  0.353   -2.196  1.00 23.38 ? 99  LEU A CB  1 
ATOM   865 C CG  . LEU A 1 108 ? 16.370  0.835   -2.840  1.00 22.76 ? 99  LEU A CG  1 
ATOM   866 C CD1 . LEU A 1 108 ? 16.393  2.350   -2.943  1.00 20.16 ? 99  LEU A CD1 1 
ATOM   867 C CD2 . LEU A 1 108 ? 16.219  0.195   -4.214  1.00 23.59 ? 99  LEU A CD2 1 
ATOM   868 N N   . VAL A 1 109 ? 19.255  -1.206  -0.110  1.00 30.51 ? 100 VAL A N   1 
ATOM   869 C CA  . VAL A 1 109 ? 20.475  -1.405  0.657   1.00 31.60 ? 100 VAL A CA  1 
ATOM   870 C C   . VAL A 1 109 ? 20.856  -2.866  0.857   1.00 33.69 ? 100 VAL A C   1 
ATOM   871 O O   . VAL A 1 109 ? 22.028  -3.206  0.831   1.00 34.89 ? 100 VAL A O   1 
ATOM   872 C CB  . VAL A 1 109 ? 20.349  -0.709  2.048   1.00 31.78 ? 100 VAL A CB  1 
ATOM   873 C CG1 . VAL A 1 109 ? 21.274  -1.349  3.067   1.00 31.67 ? 100 VAL A CG1 1 
ATOM   874 C CG2 . VAL A 1 109 ? 20.662  0.771   1.906   1.00 30.18 ? 100 VAL A CG2 1 
ATOM   875 N N   . ASN A 1 110 ? 19.879  -3.739  1.045   1.00 35.86 ? 101 ASN A N   1 
ATOM   876 C CA  . ASN A 1 110 ? 20.224  -5.127  1.280   1.00 39.22 ? 101 ASN A CA  1 
ATOM   877 C C   . ASN A 1 110 ? 20.039  -6.078  0.115   1.00 41.36 ? 101 ASN A C   1 
ATOM   878 O O   . ASN A 1 110 ? 20.877  -6.946  -0.106  1.00 41.30 ? 101 ASN A O   1 
ATOM   879 C CB  . ASN A 1 110 ? 19.479  -5.635  2.507   1.00 39.80 ? 101 ASN A CB  1 
ATOM   880 C CG  . ASN A 1 110 ? 19.785  -4.814  3.738   1.00 42.06 ? 101 ASN A CG  1 
ATOM   881 O OD1 . ASN A 1 110 ? 18.980  -3.987  4.175   1.00 43.88 ? 101 ASN A OD1 1 
ATOM   882 N ND2 . ASN A 1 110 ? 20.969  -5.022  4.296   1.00 44.01 ? 101 ASN A ND2 1 
ATOM   883 N N   . GLU A 1 111 ? 18.956  -5.935  -0.636  1.00 44.84 ? 102 GLU A N   1 
ATOM   884 C CA  . GLU A 1 111 ? 18.752  -6.828  -1.772  1.00 47.99 ? 102 GLU A CA  1 
ATOM   885 C C   . GLU A 1 111 ? 19.201  -6.168  -3.061  1.00 48.66 ? 102 GLU A C   1 
ATOM   886 O O   . GLU A 1 111 ? 18.334  -5.593  -3.755  1.00 49.79 ? 102 GLU A O   1 
ATOM   887 C CB  . GLU A 1 111 ? 17.284  -7.283  -1.889  1.00 50.23 ? 102 GLU A CB  1 
ATOM   888 C CG  . GLU A 1 111 ? 16.247  -6.191  -2.109  1.00 53.31 ? 102 GLU A CG  1 
ATOM   889 C CD  . GLU A 1 111 ? 14.886  -6.755  -2.509  1.00 54.52 ? 102 GLU A CD  1 
ATOM   890 O OE1 . GLU A 1 111 ? 14.387  -7.673  -1.817  1.00 53.73 ? 102 GLU A OE1 1 
ATOM   891 O OE2 . GLU A 1 111 ? 14.315  -6.274  -3.515  1.00 56.22 ? 102 GLU A OE2 1 
ATOM   892 O OXT . GLU A 1 111 ? 20.423  -6.222  -3.342  1.00 48.69 ? 102 GLU A OXT 1 
HETATM 893 O O   . HOH B 2 .   ? 1.578   -5.677  -3.735  1.00 15.70 ? 201 HOH A O   1 
HETATM 894 O O   . HOH B 2 .   ? 13.638  6.308   4.443   1.00 23.82 ? 202 HOH A O   1 
HETATM 895 O O   . HOH B 2 .   ? 16.394  -3.861  -4.634  1.00 16.83 ? 203 HOH A O   1 
HETATM 896 O O   . HOH B 2 .   ? -4.046  -15.586 5.153   1.00 24.26 ? 204 HOH A O   1 
HETATM 897 O O   . HOH B 2 .   ? -1.961  8.552   7.430   1.00 16.25 ? 205 HOH A O   1 
HETATM 898 O O   . HOH B 2 .   ? 10.904  -7.612  -15.812 1.00 31.24 ? 206 HOH A O   1 
HETATM 899 O O   . HOH B 2 .   ? 8.200   -0.203  -16.841 1.00 37.77 ? 207 HOH A O   1 
HETATM 900 O O   . HOH B 2 .   ? 16.036  5.279   -7.811  1.00 29.63 ? 208 HOH A O   1 
HETATM 901 O O   . HOH B 2 .   ? 13.478  -9.307  -8.520  1.00 34.17 ? 209 HOH A O   1 
HETATM 902 O O   . HOH B 2 .   ? -10.209 5.385   3.461   1.00 26.78 ? 210 HOH A O   1 
HETATM 903 O O   . HOH B 2 .   ? -11.421 7.163   -0.053  1.00 28.88 ? 211 HOH A O   1 
HETATM 904 O O   . HOH B 2 .   ? 9.180   5.499   -9.315  1.00 28.45 ? 212 HOH A O   1 
HETATM 905 O O   . HOH B 2 .   ? 9.682   -7.175  -3.564  1.00 35.04 ? 213 HOH A O   1 
HETATM 906 O O   . HOH B 2 .   ? -4.038  7.286   6.201   1.00 24.05 ? 214 HOH A O   1 
HETATM 907 O O   . HOH B 2 .   ? -1.044  -7.423  -2.178  1.00 18.61 ? 215 HOH A O   1 
HETATM 908 O O   . HOH B 2 .   ? -6.856  0.478   -10.079 1.00 28.52 ? 216 HOH A O   1 
HETATM 909 O O   . HOH B 2 .   ? -7.407  -11.375 11.689  1.00 38.63 ? 217 HOH A O   1 
HETATM 910 O O   . HOH B 2 .   ? -15.351 9.960   2.465   1.00 37.46 ? 218 HOH A O   1 
HETATM 911 O O   . HOH B 2 .   ? -9.757  5.009   6.097   1.00 27.52 ? 219 HOH A O   1 
HETATM 912 O O   . HOH B 2 .   ? 0.202   -0.200  12.168  1.00 38.43 ? 220 HOH A O   1 
HETATM 913 O O   . HOH B 2 .   ? 3.544   12.928  -3.130  1.00 45.82 ? 221 HOH A O   1 
HETATM 914 O O   . HOH B 2 .   ? -6.133  13.444  7.708   1.00 32.83 ? 222 HOH A O   1 
HETATM 915 O O   . HOH B 2 .   ? 12.073  -1.643  -11.189 1.00 17.85 ? 223 HOH A O   1 
HETATM 916 O O   . HOH B 2 .   ? -15.911 2.177   -0.897  1.00 32.63 ? 224 HOH A O   1 
HETATM 917 O O   . HOH B 2 .   ? 7.093   3.322   -12.582 1.00 43.87 ? 225 HOH A O   1 
HETATM 918 O O   . HOH B 2 .   ? -13.700 -10.265 -7.760  1.00 29.21 ? 226 HOH A O   1 
HETATM 919 O O   . HOH B 2 .   ? 0.377   2.092   -12.604 1.00 41.71 ? 227 HOH A O   1 
HETATM 920 O O   . HOH B 2 .   ? -10.302 -2.866  9.467   1.00 32.37 ? 228 HOH A O   1 
HETATM 921 O O   . HOH B 2 .   ? -3.292  -7.310  -6.935  1.00 39.81 ? 229 HOH A O   1 
HETATM 922 O O   . HOH B 2 .   ? -13.968 3.470   -3.868  1.00 33.34 ? 230 HOH A O   1 
HETATM 923 O O   . HOH B 2 .   ? -12.149 -2.895  -6.360  1.00 32.96 ? 231 HOH A O   1 
HETATM 924 O O   . HOH B 2 .   ? -2.132  10.566  -8.491  1.00 46.49 ? 232 HOH A O   1 
HETATM 925 O O   . HOH B 2 .   ? -5.112  -13.067 10.663  1.00 32.29 ? 233 HOH A O   1 
HETATM 926 O O   . HOH B 2 .   ? 2.122   -2.711  12.591  1.00 41.44 ? 234 HOH A O   1 
HETATM 927 O O   . HOH B 2 .   ? 22.185  -4.602  -1.689  1.00 52.78 ? 235 HOH A O   1 
HETATM 928 O O   . HOH B 2 .   ? -5.469  2.815   -11.287 1.00 43.85 ? 236 HOH A O   1 
HETATM 929 O O   . HOH B 2 .   ? -10.501 6.866   14.764  1.00 42.66 ? 237 HOH A O   1 
HETATM 930 O O   . HOH B 2 .   ? 0.041   -7.567  -5.339  1.00 49.08 ? 238 HOH A O   1 
HETATM 931 O O   . HOH B 2 .   ? -8.577  7.181   7.453   1.00 51.15 ? 239 HOH A O   1 
HETATM 932 O O   . HOH B 2 .   ? 14.969  -1.032  -13.646 1.00 42.21 ? 240 HOH A O   1 
HETATM 933 O O   . HOH B 2 .   ? -11.799 -11.064 -9.884  1.00 60.43 ? 241 HOH A O   1 
# 
